data_7JRZ
# 
_entry.id   7JRZ 
# 
_audit_conform.dict_name       mmcif_pdbx.dic 
_audit_conform.dict_version    5.380 
_audit_conform.dict_location   http://mmcif.pdb.org/dictionaries/ascii/mmcif_pdbx.dic 
# 
loop_
_database_2.database_id 
_database_2.database_code 
_database_2.pdbx_database_accession 
_database_2.pdbx_DOI 
PDB   7JRZ         pdb_00007jrz 10.2210/pdb7jrz/pdb 
WWPDB D_1000250918 ?            ?                   
# 
_pdbx_database_status.status_code                     REL 
_pdbx_database_status.status_code_sf                  REL 
_pdbx_database_status.status_code_mr                  ? 
_pdbx_database_status.entry_id                        7JRZ 
_pdbx_database_status.recvd_initial_deposition_date   2020-08-13 
_pdbx_database_status.SG_entry                        N 
_pdbx_database_status.deposit_site                    RCSB 
_pdbx_database_status.process_site                    RCSB 
_pdbx_database_status.status_code_cs                  ? 
_pdbx_database_status.status_code_nmr_data            ? 
_pdbx_database_status.methods_development_category    ? 
_pdbx_database_status.pdb_format_compatible           Y 
# 
loop_
_audit_author.name 
_audit_author.pdbx_ordinal 
_audit_author.identifier_ORCID 
'Simmons, C.R.'      1 0000-0002-2290-6132 
'MacCulloch, T.'     2 0000-0001-5875-3361 
'Stephanopoulos, N.' 3 0000-0001-7859-410X 
'Yan, H.'            4 0000-0001-7397-9852 
# 
_citation.abstract                  ? 
_citation.abstract_id_CAS           ? 
_citation.book_id_ISBN              ? 
_citation.book_publisher            ? 
_citation.book_publisher_city       ? 
_citation.book_title                ? 
_citation.coordinate_linkage        ? 
_citation.country                   UK 
_citation.database_id_Medline       ? 
_citation.details                   ? 
_citation.id                        primary 
_citation.journal_abbrev            'Nat Commun' 
_citation.journal_id_ASTM           ? 
_citation.journal_id_CSD            ? 
_citation.journal_id_ISSN           2041-1723 
_citation.journal_full              ? 
_citation.journal_issue             ? 
_citation.journal_volume            13 
_citation.language                  ? 
_citation.page_first                3112 
_citation.page_last                 3112 
_citation.title                     'The influence of Holliday junction sequence and dynamics on DNA crystal self-assembly.' 
_citation.year                      2022 
_citation.database_id_CSD           ? 
_citation.pdbx_database_id_DOI      10.1038/s41467-022-30779-6 
_citation.pdbx_database_id_PubMed   35662248 
_citation.unpublished_flag          ? 
# 
loop_
_citation_author.citation_id 
_citation_author.name 
_citation_author.ordinal 
_citation_author.identifier_ORCID 
primary 'Simmons, C.R.'      1  ?                   
primary 'MacCulloch, T.'     2  ?                   
primary 'Krepl, M.'          3  0000-0002-9833-4281 
primary 'Matthies, M.'       4  ?                   
primary 'Buchberger, A.'     5  ?                   
primary 'Crawford, I.'       6  ?                   
primary 'Sponer, J.'         7  0000-0001-6558-6186 
primary 'Sulc, P.'           8  0000-0003-1565-6769 
primary 'Stephanopoulos, N.' 9  0000-0001-7859-410X 
primary 'Yan, H.'            10 0000-0001-7397-9852 
# 
_cell.angle_alpha                  90.000 
_cell.angle_alpha_esd              ? 
_cell.angle_beta                   90.000 
_cell.angle_beta_esd               ? 
_cell.angle_gamma                  120.000 
_cell.angle_gamma_esd              ? 
_cell.entry_id                     7JRZ 
_cell.details                      ? 
_cell.formula_units_Z              ? 
_cell.length_a                     114.779 
_cell.length_a_esd                 ? 
_cell.length_b                     114.779 
_cell.length_b_esd                 ? 
_cell.length_c                     49.623 
_cell.length_c_esd                 ? 
_cell.volume                       ? 
_cell.volume_esd                   ? 
_cell.Z_PDB                        9 
_cell.reciprocal_angle_alpha       ? 
_cell.reciprocal_angle_beta        ? 
_cell.reciprocal_angle_gamma       ? 
_cell.reciprocal_angle_alpha_esd   ? 
_cell.reciprocal_angle_beta_esd    ? 
_cell.reciprocal_angle_gamma_esd   ? 
_cell.reciprocal_length_a          ? 
_cell.reciprocal_length_b          ? 
_cell.reciprocal_length_c          ? 
_cell.reciprocal_length_a_esd      ? 
_cell.reciprocal_length_b_esd      ? 
_cell.reciprocal_length_c_esd      ? 
_cell.pdbx_unique_axis             ? 
# 
_symmetry.entry_id                         7JRZ 
_symmetry.cell_setting                     ? 
_symmetry.Int_Tables_number                146 
_symmetry.space_group_name_Hall            ? 
_symmetry.space_group_name_H-M             'H 3' 
_symmetry.pdbx_full_space_group_name_H-M   ? 
# 
loop_
_entity.id 
_entity.type 
_entity.src_method 
_entity.pdbx_description 
_entity.formula_weight 
_entity.pdbx_number_of_molecules 
_entity.pdbx_ec 
_entity.pdbx_mutation 
_entity.pdbx_fragment 
_entity.details 
1 polymer     syn 
;DNA (5'-D(*GP*AP*GP*CP*AP*GP*AP*CP*CP*CP*GP*AP*CP*GP*GP*GP*AP*CP*TP*CP*A)-3')
;
6467.189 1 ? ? ? ? 
2 polymer     syn 
;DNA (5'-D(*TP*CP*TP*GP*AP*GP*TP*C)-3')
;
2417.603 1 ? ? ? ? 
3 polymer     syn 
;DNA (5'-D(P*GP*GP*TP*CP*TP*GP*C)-3')
;
2129.409 1 ? ? ? ? 
4 polymer     syn 
;DNA (5'-D(P*CP*CP*GP*TP*CP*G)-3')
;
1785.192 1 ? ? ? ? 
5 non-polymer syn 'CACODYLATE ION'                                                                136.989  3 ? ? ? ? 
6 non-polymer syn 'MAGNESIUM ION'                                                                 24.305   1 ? ? ? ? 
# 
loop_
_entity_poly.entity_id 
_entity_poly.type 
_entity_poly.nstd_linkage 
_entity_poly.nstd_monomer 
_entity_poly.pdbx_seq_one_letter_code 
_entity_poly.pdbx_seq_one_letter_code_can 
_entity_poly.pdbx_strand_id 
_entity_poly.pdbx_target_identifier 
1 polydeoxyribonucleotide no no 
;(DG)(DA)(DG)(DC)(DA)(DG)(DA)(DC)(DC)(DC)(DG)(DA)(DC)(DG)(DG)(DG)(DA)(DC)(DT)(DC)
(DA)
;
GAGCAGACCCGACGGGACTCA B ? 
2 polydeoxyribonucleotide no no '(DT)(DC)(DT)(DG)(DA)(DG)(DT)(DC)'                                                      TCTGAGTC C 
? 
3 polydeoxyribonucleotide no no '(DG)(DG)(DT)(DC)(DT)(DG)(DC)'                                                          GGTCTGC D 
? 
4 polydeoxyribonucleotide no no '(DC)(DC)(DG)(DT)(DC)(DG)'                                                              CCGTCG A ? 
# 
loop_
_entity_poly_seq.entity_id 
_entity_poly_seq.num 
_entity_poly_seq.mon_id 
_entity_poly_seq.hetero 
1 1  DG n 
1 2  DA n 
1 3  DG n 
1 4  DC n 
1 5  DA n 
1 6  DG n 
1 7  DA n 
1 8  DC n 
1 9  DC n 
1 10 DC n 
1 11 DG n 
1 12 DA n 
1 13 DC n 
1 14 DG n 
1 15 DG n 
1 16 DG n 
1 17 DA n 
1 18 DC n 
1 19 DT n 
1 20 DC n 
1 21 DA n 
2 1  DT n 
2 2  DC n 
2 3  DT n 
2 4  DG n 
2 5  DA n 
2 6  DG n 
2 7  DT n 
2 8  DC n 
3 1  DG n 
3 2  DG n 
3 3  DT n 
3 4  DC n 
3 5  DT n 
3 6  DG n 
3 7  DC n 
4 1  DC n 
4 2  DC n 
4 3  DG n 
4 4  DT n 
4 5  DC n 
4 6  DG n 
# 
loop_
_pdbx_entity_src_syn.entity_id 
_pdbx_entity_src_syn.pdbx_src_id 
_pdbx_entity_src_syn.pdbx_alt_source_flag 
_pdbx_entity_src_syn.pdbx_beg_seq_num 
_pdbx_entity_src_syn.pdbx_end_seq_num 
_pdbx_entity_src_syn.organism_scientific 
_pdbx_entity_src_syn.organism_common_name 
_pdbx_entity_src_syn.ncbi_taxonomy_id 
_pdbx_entity_src_syn.details 
1 1 sample 1 21 'synthetic construct' ? 32630 ? 
2 1 sample 1 8  'synthetic construct' ? 32630 ? 
3 1 sample 1 7  'synthetic construct' ? 32630 ? 
4 1 sample 1 6  'synthetic construct' ? 32630 ? 
# 
loop_
_struct_ref.id 
_struct_ref.db_name 
_struct_ref.db_code 
_struct_ref.pdbx_db_accession 
_struct_ref.pdbx_db_isoform 
_struct_ref.entity_id 
_struct_ref.pdbx_seq_one_letter_code 
_struct_ref.pdbx_align_begin 
1 PDB 7JRZ 7JRZ ? 1 ? 1 
2 PDB 7JRZ 7JRZ ? 2 ? 1 
3 PDB 7JRZ 7JRZ ? 3 ? 1 
4 PDB 7JRZ 7JRZ ? 4 ? 1 
# 
loop_
_struct_ref_seq.align_id 
_struct_ref_seq.ref_id 
_struct_ref_seq.pdbx_PDB_id_code 
_struct_ref_seq.pdbx_strand_id 
_struct_ref_seq.seq_align_beg 
_struct_ref_seq.pdbx_seq_align_beg_ins_code 
_struct_ref_seq.seq_align_end 
_struct_ref_seq.pdbx_seq_align_end_ins_code 
_struct_ref_seq.pdbx_db_accession 
_struct_ref_seq.db_align_beg 
_struct_ref_seq.pdbx_db_align_beg_ins_code 
_struct_ref_seq.db_align_end 
_struct_ref_seq.pdbx_db_align_end_ins_code 
_struct_ref_seq.pdbx_auth_seq_align_beg 
_struct_ref_seq.pdbx_auth_seq_align_end 
1 1 7JRZ B 1 ? 21 ? 7JRZ 7  ? 27 ? 7  27 
2 2 7JRZ C 1 ? 8  ? 7JRZ 28 ? 35 ? 28 35 
3 3 7JRZ D 1 ? 7  ? 7JRZ 36 ? 42 ? 36 42 
4 4 7JRZ A 1 ? 6  ? 7JRZ 1  ? 6  ? 1  6  
# 
loop_
_chem_comp.id 
_chem_comp.type 
_chem_comp.mon_nstd_flag 
_chem_comp.name 
_chem_comp.pdbx_synonyms 
_chem_comp.formula 
_chem_comp.formula_weight 
CAC non-polymer   . 'CACODYLATE ION'                     dimethylarsinate 'C2 H6 As O2 -1'  136.989 
DA  'DNA linking' y "2'-DEOXYADENOSINE-5'-MONOPHOSPHATE" ?                'C10 H14 N5 O6 P' 331.222 
DC  'DNA linking' y "2'-DEOXYCYTIDINE-5'-MONOPHOSPHATE"  ?                'C9 H14 N3 O7 P'  307.197 
DG  'DNA linking' y "2'-DEOXYGUANOSINE-5'-MONOPHOSPHATE" ?                'C10 H14 N5 O7 P' 347.221 
DT  'DNA linking' y "THYMIDINE-5'-MONOPHOSPHATE"         ?                'C10 H15 N2 O8 P' 322.208 
MG  non-polymer   . 'MAGNESIUM ION'                      ?                'Mg 2'            24.305  
# 
_exptl.absorpt_coefficient_mu     ? 
_exptl.absorpt_correction_T_max   ? 
_exptl.absorpt_correction_T_min   ? 
_exptl.absorpt_correction_type    ? 
_exptl.absorpt_process_details    ? 
_exptl.entry_id                   7JRZ 
_exptl.crystals_number            1 
_exptl.details                    ? 
_exptl.method                     'X-RAY DIFFRACTION' 
_exptl.method_details             ? 
# 
_exptl_crystal.colour                      ? 
_exptl_crystal.density_diffrn              ? 
_exptl_crystal.density_Matthews            4.91 
_exptl_crystal.density_method              ? 
_exptl_crystal.density_percent_sol         74.97 
_exptl_crystal.description                 ? 
_exptl_crystal.F_000                       ? 
_exptl_crystal.id                          1 
_exptl_crystal.preparation                 ? 
_exptl_crystal.size_max                    ? 
_exptl_crystal.size_mid                    ? 
_exptl_crystal.size_min                    ? 
_exptl_crystal.size_rad                    ? 
_exptl_crystal.colour_lustre               ? 
_exptl_crystal.colour_modifier             ? 
_exptl_crystal.colour_primary              ? 
_exptl_crystal.density_meas                ? 
_exptl_crystal.density_meas_esd            ? 
_exptl_crystal.density_meas_gt             ? 
_exptl_crystal.density_meas_lt             ? 
_exptl_crystal.density_meas_temp           ? 
_exptl_crystal.density_meas_temp_esd       ? 
_exptl_crystal.density_meas_temp_gt        ? 
_exptl_crystal.density_meas_temp_lt        ? 
_exptl_crystal.pdbx_crystal_image_url      ? 
_exptl_crystal.pdbx_crystal_image_format   ? 
_exptl_crystal.pdbx_mosaicity              ? 
_exptl_crystal.pdbx_mosaicity_esd          ? 
# 
_exptl_crystal_grow.apparatus       ? 
_exptl_crystal_grow.atmosphere      ? 
_exptl_crystal_grow.crystal_id      1 
_exptl_crystal_grow.details         ? 
_exptl_crystal_grow.method          'VAPOR DIFFUSION, SITTING DROP' 
_exptl_crystal_grow.method_ref      ? 
_exptl_crystal_grow.pH              ? 
_exptl_crystal_grow.pressure        ? 
_exptl_crystal_grow.pressure_esd    ? 
_exptl_crystal_grow.seeding         ? 
_exptl_crystal_grow.seeding_ref     ? 
_exptl_crystal_grow.temp            298 
_exptl_crystal_grow.temp_details    'temperature gradient generated from 60 to 25 C at 0.3 degrees per hour' 
_exptl_crystal_grow.temp_esd        ? 
_exptl_crystal_grow.time            ? 
_exptl_crystal_grow.pdbx_details    
;0.5 mL of 0.05 M Cacodylate pH 6.5 with 10 mM MgCl2, 2.5 mM spermine, 1 mM CuSO4, and 10% isopropanol was added to the reservoir with 2 uL added to the drop containing 4 uL of DNA stock
;
_exptl_crystal_grow.pdbx_pH_range   ? 
# 
_diffrn.ambient_environment              ? 
_diffrn.ambient_temp                     100 
_diffrn.ambient_temp_details             ? 
_diffrn.ambient_temp_esd                 ? 
_diffrn.crystal_id                       1 
_diffrn.crystal_support                  ? 
_diffrn.crystal_treatment                ? 
_diffrn.details                          ? 
_diffrn.id                               1 
_diffrn.ambient_pressure                 ? 
_diffrn.ambient_pressure_esd             ? 
_diffrn.ambient_pressure_gt              ? 
_diffrn.ambient_pressure_lt              ? 
_diffrn.ambient_temp_gt                  ? 
_diffrn.ambient_temp_lt                  ? 
_diffrn.pdbx_serial_crystal_experiment   N 
# 
_diffrn_detector.details                      ? 
_diffrn_detector.detector                     PIXEL 
_diffrn_detector.diffrn_id                    1 
_diffrn_detector.type                         'DECTRIS PILATUS3 6M' 
_diffrn_detector.area_resol_mean              ? 
_diffrn_detector.dtime                        ? 
_diffrn_detector.pdbx_frames_total            ? 
_diffrn_detector.pdbx_collection_time_total   ? 
_diffrn_detector.pdbx_collection_date         2017-07-15 
_diffrn_detector.pdbx_frequency               ? 
# 
_diffrn_radiation.collimation                      ? 
_diffrn_radiation.diffrn_id                        1 
_diffrn_radiation.filter_edge                      ? 
_diffrn_radiation.inhomogeneity                    ? 
_diffrn_radiation.monochromator                    ? 
_diffrn_radiation.polarisn_norm                    ? 
_diffrn_radiation.polarisn_ratio                   ? 
_diffrn_radiation.probe                            ? 
_diffrn_radiation.type                             ? 
_diffrn_radiation.xray_symbol                      ? 
_diffrn_radiation.wavelength_id                    1 
_diffrn_radiation.pdbx_monochromatic_or_laue_m_l   M 
_diffrn_radiation.pdbx_wavelength_list             ? 
_diffrn_radiation.pdbx_wavelength                  ? 
_diffrn_radiation.pdbx_diffrn_protocol             'SINGLE WAVELENGTH' 
_diffrn_radiation.pdbx_analyzer                    ? 
_diffrn_radiation.pdbx_scattering_type             x-ray 
# 
_diffrn_radiation_wavelength.id           1 
_diffrn_radiation_wavelength.wavelength   0.92 
_diffrn_radiation_wavelength.wt           1.0 
# 
_diffrn_source.current                     ? 
_diffrn_source.details                     ? 
_diffrn_source.diffrn_id                   1 
_diffrn_source.power                       ? 
_diffrn_source.size                        ? 
_diffrn_source.source                      SYNCHROTRON 
_diffrn_source.target                      ? 
_diffrn_source.type                        'APS BEAMLINE 19-ID' 
_diffrn_source.voltage                     ? 
_diffrn_source.take-off_angle              ? 
_diffrn_source.pdbx_wavelength_list        0.92 
_diffrn_source.pdbx_wavelength             ? 
_diffrn_source.pdbx_synchrotron_beamline   19-ID 
_diffrn_source.pdbx_synchrotron_site       APS 
# 
_reflns.B_iso_Wilson_estimate            102.520 
_reflns.entry_id                         7JRZ 
_reflns.data_reduction_details           ? 
_reflns.data_reduction_method            ? 
_reflns.d_resolution_high                3.096 
_reflns.d_resolution_low                 50.000 
_reflns.details                          ? 
_reflns.limit_h_max                      ? 
_reflns.limit_h_min                      ? 
_reflns.limit_k_max                      ? 
_reflns.limit_k_min                      ? 
_reflns.limit_l_max                      ? 
_reflns.limit_l_min                      ? 
_reflns.number_all                       ? 
_reflns.number_obs                       4170 
_reflns.observed_criterion               ? 
_reflns.observed_criterion_F_max         ? 
_reflns.observed_criterion_F_min         ? 
_reflns.observed_criterion_I_max         ? 
_reflns.observed_criterion_I_min         ? 
_reflns.observed_criterion_sigma_F       ? 
_reflns.observed_criterion_sigma_I       ? 
_reflns.percent_possible_obs             94.000 
_reflns.R_free_details                   ? 
_reflns.Rmerge_F_all                     ? 
_reflns.Rmerge_F_obs                     ? 
_reflns.Friedel_coverage                 ? 
_reflns.number_gt                        ? 
_reflns.threshold_expression             ? 
_reflns.pdbx_redundancy                  9.300 
_reflns.pdbx_Rmerge_I_obs                0.119 
_reflns.pdbx_Rmerge_I_all                ? 
_reflns.pdbx_Rsym_value                  ? 
_reflns.pdbx_netI_over_av_sigmaI         ? 
_reflns.pdbx_netI_over_sigmaI            5.400 
_reflns.pdbx_res_netI_over_av_sigmaI_2   ? 
_reflns.pdbx_res_netI_over_sigmaI_2      ? 
_reflns.pdbx_chi_squared                 0.661 
_reflns.pdbx_scaling_rejects             ? 
_reflns.pdbx_d_res_high_opt              ? 
_reflns.pdbx_d_res_low_opt               ? 
_reflns.pdbx_d_res_opt_method            ? 
_reflns.phase_calculation_details        ? 
_reflns.pdbx_Rrim_I_all                  0.125 
_reflns.pdbx_Rpim_I_all                  0.038 
_reflns.pdbx_d_opt                       ? 
_reflns.pdbx_number_measured_all         ? 
_reflns.pdbx_diffrn_id                   1 
_reflns.pdbx_ordinal                     1 
_reflns.pdbx_CC_half                     0.972 
_reflns.pdbx_CC_star                     ? 
_reflns.pdbx_R_split                     ? 
# 
loop_
_reflns_shell.d_res_high 
_reflns_shell.d_res_low 
_reflns_shell.meanI_over_sigI_all 
_reflns_shell.meanI_over_sigI_obs 
_reflns_shell.number_measured_all 
_reflns_shell.number_measured_obs 
_reflns_shell.number_possible 
_reflns_shell.number_unique_all 
_reflns_shell.number_unique_obs 
_reflns_shell.percent_possible_all 
_reflns_shell.percent_possible_obs 
_reflns_shell.Rmerge_F_all 
_reflns_shell.Rmerge_F_obs 
_reflns_shell.Rmerge_I_all 
_reflns_shell.Rmerge_I_obs 
_reflns_shell.meanI_over_sigI_gt 
_reflns_shell.meanI_over_uI_all 
_reflns_shell.meanI_over_uI_gt 
_reflns_shell.number_measured_gt 
_reflns_shell.number_unique_gt 
_reflns_shell.percent_possible_gt 
_reflns_shell.Rmerge_F_gt 
_reflns_shell.Rmerge_I_gt 
_reflns_shell.pdbx_redundancy 
_reflns_shell.pdbx_Rsym_value 
_reflns_shell.pdbx_chi_squared 
_reflns_shell.pdbx_netI_over_sigmaI_all 
_reflns_shell.pdbx_netI_over_sigmaI_obs 
_reflns_shell.pdbx_Rrim_I_all 
_reflns_shell.pdbx_Rpim_I_all 
_reflns_shell.pdbx_rejects 
_reflns_shell.pdbx_ordinal 
_reflns_shell.pdbx_diffrn_id 
_reflns_shell.pdbx_CC_half 
_reflns_shell.pdbx_CC_star 
_reflns_shell.pdbx_R_split 
3.100 3.150  ? ? ? ? ? ? 121 65.800  ? ? ? ? 0.594 ? ? ? ? ? ? ? ? 6.000  ? 0.437 ? ? 0.634 0.216 ? 1  1 0.955 ? ? 
3.150 3.210  ? ? ? ? ? ? 167 69.300  ? ? ? ? 0.248 ? ? ? ? ? ? ? ? 6.200  ? 0.518 ? ? 0.266 0.093 ? 2  1 0.988 ? ? 
3.210 3.270  ? ? ? ? ? ? 169 76.500  ? ? ? ? 0.137 ? ? ? ? ? ? ? ? 6.200  ? 0.572 ? ? 0.146 0.048 ? 3  1 0.995 ? ? 
3.270 3.340  ? ? ? ? ? ? 169 78.200  ? ? ? ? 0.194 ? ? ? ? ? ? ? ? 6.900  ? 0.517 ? ? 0.206 0.068 ? 4  1 0.995 ? ? 
3.340 3.410  ? ? ? ? ? ? 210 92.500  ? ? ? ? 0.127 ? ? ? ? ? ? ? ? 7.500  ? 0.550 ? ? 0.135 0.044 ? 5  1 0.999 ? ? 
3.410 3.490  ? ? ? ? ? ? 229 97.400  ? ? ? ? 0.198 ? ? ? ? ? ? ? ? 8.300  ? 0.492 ? ? 0.210 0.068 ? 6  1 0.995 ? ? 
3.490 3.580  ? ? ? ? ? ? 218 99.500  ? ? ? ? 0.272 ? ? ? ? ? ? ? ? 9.100  ? 0.467 ? ? 0.288 0.093 ? 7  1 0.987 ? ? 
3.580 3.680  ? ? ? ? ? ? 213 100.000 ? ? ? ? 0.291 ? ? ? ? ? ? ? ? 9.400  ? 0.491 ? ? 0.308 0.099 ? 8  1 0.990 ? ? 
3.680 3.780  ? ? ? ? ? ? 227 100.000 ? ? ? ? 0.336 ? ? ? ? ? ? ? ? 9.600  ? 0.464 ? ? 0.355 0.114 ? 9  1 0.978 ? ? 
3.780 3.910  ? ? ? ? ? ? 237 99.200  ? ? ? ? 0.295 ? ? ? ? ? ? ? ? 9.900  ? 0.473 ? ? 0.311 0.098 ? 10 1 0.973 ? ? 
3.910 4.040  ? ? ? ? ? ? 204 100.000 ? ? ? ? 0.213 ? ? ? ? ? ? ? ? 9.100  ? 0.588 ? ? 0.225 0.074 ? 11 1 0.988 ? ? 
4.040 4.210  ? ? ? ? ? ? 236 100.000 ? ? ? ? 0.149 ? ? ? ? ? ? ? ? 10.000 ? 0.886 ? ? 0.157 0.049 ? 12 1 0.994 ? ? 
4.210 4.400  ? ? ? ? ? ? 206 100.000 ? ? ? ? 0.142 ? ? ? ? ? ? ? ? 10.700 ? 0.526 ? ? 0.149 0.045 ? 13 1 0.996 ? ? 
4.400 4.630  ? ? ? ? ? ? 239 100.000 ? ? ? ? 0.140 ? ? ? ? ? ? ? ? 10.600 ? 0.523 ? ? 0.147 0.045 ? 14 1 0.992 ? ? 
4.630 4.920  ? ? ? ? ? ? 213 100.000 ? ? ? ? 0.105 ? ? ? ? ? ? ? ? 10.500 ? 0.889 ? ? 0.111 0.034 ? 15 1 0.996 ? ? 
4.920 5.300  ? ? ? ? ? ? 227 100.000 ? ? ? ? 0.075 ? ? ? ? ? ? ? ? 9.700  ? 1.368 ? ? 0.080 0.025 ? 16 1 0.995 ? ? 
5.300 5.830  ? ? ? ? ? ? 215 100.000 ? ? ? ? 0.055 ? ? ? ? ? ? ? ? 10.600 ? 1.312 ? ? 0.057 0.018 ? 17 1 0.997 ? ? 
5.830 6.670  ? ? ? ? ? ? 229 100.000 ? ? ? ? 0.051 ? ? ? ? ? ? ? ? 10.900 ? 0.743 ? ? 0.054 0.016 ? 18 1 0.998 ? ? 
6.670 8.400  ? ? ? ? ? ? 220 99.100  ? ? ? ? 0.048 ? ? ? ? ? ? ? ? 9.900  ? 0.278 ? ? 0.051 0.017 ? 19 1 0.996 ? ? 
8.400 50.000 ? ? ? ? ? ? 221 100.000 ? ? ? ? 0.132 ? ? ? ? ? ? ? ? 10.700 ? 0.633 ? ? 0.138 0.041 ? 20 1 0.932 ? ? 
# 
_refine.aniso_B[1][1]                            ? 
_refine.aniso_B[1][2]                            ? 
_refine.aniso_B[1][3]                            ? 
_refine.aniso_B[2][2]                            ? 
_refine.aniso_B[2][3]                            ? 
_refine.aniso_B[3][3]                            ? 
_refine.B_iso_max                                185.990 
_refine.B_iso_mean                               98.1888 
_refine.B_iso_min                                50.260 
_refine.correlation_coeff_Fo_to_Fc               ? 
_refine.correlation_coeff_Fo_to_Fc_free          ? 
_refine.details                                  ? 
_refine.diff_density_max                         ? 
_refine.diff_density_max_esd                     ? 
_refine.diff_density_min                         ? 
_refine.diff_density_min_esd                     ? 
_refine.diff_density_rms                         ? 
_refine.diff_density_rms_esd                     ? 
_refine.entry_id                                 7JRZ 
_refine.pdbx_refine_id                           'X-RAY DIFFRACTION' 
_refine.ls_abs_structure_details                 ? 
_refine.ls_abs_structure_Flack                   ? 
_refine.ls_abs_structure_Flack_esd               ? 
_refine.ls_abs_structure_Rogers                  ? 
_refine.ls_abs_structure_Rogers_esd              ? 
_refine.ls_d_res_high                            3.0960 
_refine.ls_d_res_low                             35.1160 
_refine.ls_extinction_coef                       ? 
_refine.ls_extinction_coef_esd                   ? 
_refine.ls_extinction_expression                 ? 
_refine.ls_extinction_method                     ? 
_refine.ls_goodness_of_fit_all                   ? 
_refine.ls_goodness_of_fit_all_esd               ? 
_refine.ls_goodness_of_fit_obs                   ? 
_refine.ls_goodness_of_fit_obs_esd               ? 
_refine.ls_hydrogen_treatment                    ? 
_refine.ls_matrix_type                           ? 
_refine.ls_number_constraints                    ? 
_refine.ls_number_parameters                     ? 
_refine.ls_number_reflns_all                     ? 
_refine.ls_number_reflns_obs                     4098 
_refine.ls_number_reflns_R_free                  209 
_refine.ls_number_reflns_R_work                  3889 
_refine.ls_number_restraints                     ? 
_refine.ls_percent_reflns_obs                    92.5900 
_refine.ls_percent_reflns_R_free                 5.1000 
_refine.ls_R_factor_all                          ? 
_refine.ls_R_factor_obs                          0.2612 
_refine.ls_R_factor_R_free                       0.2921 
_refine.ls_R_factor_R_free_error                 ? 
_refine.ls_R_factor_R_free_error_details         ? 
_refine.ls_R_factor_R_work                       0.2597 
_refine.ls_R_Fsqd_factor_obs                     ? 
_refine.ls_R_I_factor_obs                        ? 
_refine.ls_redundancy_reflns_all                 ? 
_refine.ls_redundancy_reflns_obs                 ? 
_refine.ls_restrained_S_all                      ? 
_refine.ls_restrained_S_obs                      ? 
_refine.ls_shift_over_esd_max                    ? 
_refine.ls_shift_over_esd_mean                   ? 
_refine.ls_structure_factor_coef                 ? 
_refine.ls_weighting_details                     ? 
_refine.ls_weighting_scheme                      ? 
_refine.ls_wR_factor_all                         ? 
_refine.ls_wR_factor_obs                         ? 
_refine.ls_wR_factor_R_free                      ? 
_refine.ls_wR_factor_R_work                      ? 
_refine.occupancy_max                            ? 
_refine.occupancy_min                            ? 
_refine.solvent_model_details                    'FLAT BULK SOLVENT MODEL' 
_refine.solvent_model_param_bsol                 ? 
_refine.solvent_model_param_ksol                 ? 
_refine.pdbx_R_complete                          ? 
_refine.ls_R_factor_gt                           ? 
_refine.ls_goodness_of_fit_gt                    ? 
_refine.ls_goodness_of_fit_ref                   ? 
_refine.ls_shift_over_su_max                     ? 
_refine.ls_shift_over_su_max_lt                  ? 
_refine.ls_shift_over_su_mean                    ? 
_refine.ls_shift_over_su_mean_lt                 ? 
_refine.pdbx_ls_sigma_I                          ? 
_refine.pdbx_ls_sigma_F                          1.990 
_refine.pdbx_ls_sigma_Fsqd                       ? 
_refine.pdbx_data_cutoff_high_absF               ? 
_refine.pdbx_data_cutoff_high_rms_absF           ? 
_refine.pdbx_data_cutoff_low_absF                ? 
_refine.pdbx_isotropic_thermal_model             ? 
_refine.pdbx_ls_cross_valid_method               THROUGHOUT 
_refine.pdbx_method_to_determine_struct          'MOLECULAR REPLACEMENT' 
_refine.pdbx_starting_model                      5VY6 
_refine.pdbx_stereochemistry_target_values       ML 
_refine.pdbx_R_Free_selection_details            ? 
_refine.pdbx_stereochem_target_val_spec_case     ? 
_refine.pdbx_overall_ESU_R                       ? 
_refine.pdbx_overall_ESU_R_Free                  ? 
_refine.pdbx_solvent_vdw_probe_radii             1.1100 
_refine.pdbx_solvent_ion_probe_radii             ? 
_refine.pdbx_solvent_shrinkage_radii             0.9000 
_refine.pdbx_real_space_R                        ? 
_refine.pdbx_density_correlation                 ? 
_refine.pdbx_pd_number_of_powder_patterns        ? 
_refine.pdbx_pd_number_of_points                 ? 
_refine.pdbx_pd_meas_number_of_points            ? 
_refine.pdbx_pd_proc_ls_prof_R_factor            ? 
_refine.pdbx_pd_proc_ls_prof_wR_factor           ? 
_refine.pdbx_pd_Marquardt_correlation_coeff      ? 
_refine.pdbx_pd_Fsqrd_R_factor                   ? 
_refine.pdbx_pd_ls_matrix_band_width             ? 
_refine.pdbx_overall_phase_error                 31.5200 
_refine.pdbx_overall_SU_R_free_Cruickshank_DPI   ? 
_refine.pdbx_overall_SU_R_free_Blow_DPI          ? 
_refine.pdbx_overall_SU_R_Blow_DPI               ? 
_refine.pdbx_TLS_residual_ADP_flag               ? 
_refine.pdbx_diffrn_id                           1 
_refine.overall_SU_B                             ? 
_refine.overall_SU_ML                            0.0000 
_refine.overall_SU_R_Cruickshank_DPI             ? 
_refine.overall_SU_R_free                        ? 
_refine.overall_FOM_free_R_set                   ? 
_refine.overall_FOM_work_R_set                   ? 
_refine.pdbx_average_fsc_overall                 ? 
_refine.pdbx_average_fsc_work                    ? 
_refine.pdbx_average_fsc_free                    ? 
# 
_refine_hist.pdbx_refine_id                   'X-RAY DIFFRACTION' 
_refine_hist.cycle_id                         final 
_refine_hist.details                          ? 
_refine_hist.d_res_high                       3.0960 
_refine_hist.d_res_low                        35.1160 
_refine_hist.number_atoms_solvent             0 
_refine_hist.number_atoms_total               859 
_refine_hist.number_reflns_all                ? 
_refine_hist.number_reflns_obs                ? 
_refine_hist.number_reflns_R_free             ? 
_refine_hist.number_reflns_R_work             ? 
_refine_hist.R_factor_all                     ? 
_refine_hist.R_factor_obs                     ? 
_refine_hist.R_factor_R_free                  ? 
_refine_hist.R_factor_R_work                  ? 
_refine_hist.pdbx_number_residues_total       42 
_refine_hist.pdbx_B_iso_mean_ligand           153.58 
_refine_hist.pdbx_B_iso_mean_solvent          ? 
_refine_hist.pdbx_number_atoms_protein        0 
_refine_hist.pdbx_number_atoms_nucleic_acid   855 
_refine_hist.pdbx_number_atoms_ligand         4 
_refine_hist.pdbx_number_atoms_lipid          ? 
_refine_hist.pdbx_number_atoms_carb           ? 
_refine_hist.pdbx_pseudo_atom_details         ? 
# 
loop_
_refine_ls_restr.pdbx_refine_id 
_refine_ls_restr.criterion 
_refine_ls_restr.dev_ideal 
_refine_ls_restr.dev_ideal_target 
_refine_ls_restr.number 
_refine_ls_restr.rejects 
_refine_ls_restr.type 
_refine_ls_restr.weight 
_refine_ls_restr.pdbx_restraint_function 
'X-RAY DIFFRACTION' ? 0.006  ? 956  ? f_bond_d           ? ? 
'X-RAY DIFFRACTION' ? 0.674  ? 1467 ? f_angle_d          ? ? 
'X-RAY DIFFRACTION' ? 0.033  ? 166  ? f_chiral_restr     ? ? 
'X-RAY DIFFRACTION' ? 0.004  ? 42   ? f_plane_restr      ? ? 
'X-RAY DIFFRACTION' ? 35.012 ? 406  ? f_dihedral_angle_d ? ? 
# 
_refine_ls_shell.pdbx_refine_id                   'X-RAY DIFFRACTION' 
_refine_ls_shell.d_res_high                       3.0960 
_refine_ls_shell.d_res_low                        ? 
_refine_ls_shell.number_reflns_all                ? 
_refine_ls_shell.number_reflns_obs                ? 
_refine_ls_shell.number_reflns_R_free             209 
_refine_ls_shell.number_reflns_R_work             3889 
_refine_ls_shell.percent_reflns_obs               93.0000 
_refine_ls_shell.percent_reflns_R_free            ? 
_refine_ls_shell.R_factor_all                     ? 
_refine_ls_shell.R_factor_obs                     ? 
_refine_ls_shell.R_factor_R_free                  0.2921 
_refine_ls_shell.R_factor_R_free_error            0.0000 
_refine_ls_shell.R_factor_R_work                  0.2597 
_refine_ls_shell.redundancy_reflns_all            ? 
_refine_ls_shell.redundancy_reflns_obs            ? 
_refine_ls_shell.wR_factor_all                    ? 
_refine_ls_shell.wR_factor_obs                    ? 
_refine_ls_shell.wR_factor_R_free                 ? 
_refine_ls_shell.wR_factor_R_work                 ? 
_refine_ls_shell.pdbx_R_complete                  ? 
_refine_ls_shell.pdbx_total_number_of_bins_used   ? 
_refine_ls_shell.pdbx_phase_error                 ? 
_refine_ls_shell.pdbx_fsc_work                    ? 
_refine_ls_shell.pdbx_fsc_free                    ? 
# 
_struct.entry_id                     7JRZ 
_struct.title                        
'Self-assembly of a 3D DNA crystal lattice (4x6 duplex version) containing the J5 immobile Holliday junction with R3 symmetry' 
_struct.pdbx_model_details           ? 
_struct.pdbx_formula_weight          ? 
_struct.pdbx_formula_weight_method   ? 
_struct.pdbx_model_type_details      ? 
_struct.pdbx_CASP_flag               N 
# 
_struct_keywords.entry_id        7JRZ 
_struct_keywords.text            
'Structural DNA nanotechnology, immobile Holliday junctions, 3D DNA self-assembly, designer DNA crystals, DNA' 
_struct_keywords.pdbx_keywords   DNA 
# 
loop_
_struct_asym.id 
_struct_asym.pdbx_blank_PDB_chainid_flag 
_struct_asym.pdbx_modified 
_struct_asym.entity_id 
_struct_asym.details 
A N N 1 ? 
B N N 2 ? 
C N N 3 ? 
D N N 4 ? 
E N N 5 ? 
F N N 6 ? 
G N N 5 ? 
H N N 5 ? 
# 
loop_
_struct_conn.id 
_struct_conn.conn_type_id 
_struct_conn.pdbx_leaving_atom_flag 
_struct_conn.pdbx_PDB_id 
_struct_conn.ptnr1_label_asym_id 
_struct_conn.ptnr1_label_comp_id 
_struct_conn.ptnr1_label_seq_id 
_struct_conn.ptnr1_label_atom_id 
_struct_conn.pdbx_ptnr1_label_alt_id 
_struct_conn.pdbx_ptnr1_PDB_ins_code 
_struct_conn.pdbx_ptnr1_standard_comp_id 
_struct_conn.ptnr1_symmetry 
_struct_conn.ptnr2_label_asym_id 
_struct_conn.ptnr2_label_comp_id 
_struct_conn.ptnr2_label_seq_id 
_struct_conn.ptnr2_label_atom_id 
_struct_conn.pdbx_ptnr2_label_alt_id 
_struct_conn.pdbx_ptnr2_PDB_ins_code 
_struct_conn.ptnr1_auth_asym_id 
_struct_conn.ptnr1_auth_comp_id 
_struct_conn.ptnr1_auth_seq_id 
_struct_conn.ptnr2_auth_asym_id 
_struct_conn.ptnr2_auth_comp_id 
_struct_conn.ptnr2_auth_seq_id 
_struct_conn.ptnr2_symmetry 
_struct_conn.pdbx_ptnr3_label_atom_id 
_struct_conn.pdbx_ptnr3_label_seq_id 
_struct_conn.pdbx_ptnr3_label_comp_id 
_struct_conn.pdbx_ptnr3_label_asym_id 
_struct_conn.pdbx_ptnr3_label_alt_id 
_struct_conn.pdbx_ptnr3_PDB_ins_code 
_struct_conn.details 
_struct_conn.pdbx_dist_value 
_struct_conn.pdbx_value_order 
_struct_conn.pdbx_role 
hydrog1  hydrog ? ? A DG 3  N1 ? ? ? 1_555 C DC 7 N3 ? ? B DG 9  D DC 42 1_555 ? ? ? ? ? ? WATSON-CRICK ? ? ? 
hydrog2  hydrog ? ? A DG 3  N2 ? ? ? 1_555 C DC 7 O2 ? ? B DG 9  D DC 42 1_555 ? ? ? ? ? ? WATSON-CRICK ? ? ? 
hydrog3  hydrog ? ? A DG 3  O6 ? ? ? 1_555 C DC 7 N4 ? ? B DG 9  D DC 42 1_555 ? ? ? ? ? ? WATSON-CRICK ? ? ? 
hydrog4  hydrog ? ? A DC 4  N3 ? ? ? 1_555 C DG 6 N1 ? ? B DC 10 D DG 41 1_555 ? ? ? ? ? ? WATSON-CRICK ? ? ? 
hydrog5  hydrog ? ? A DC 4  N4 ? ? ? 1_555 C DG 6 O6 ? ? B DC 10 D DG 41 1_555 ? ? ? ? ? ? WATSON-CRICK ? ? ? 
hydrog6  hydrog ? ? A DC 4  O2 ? ? ? 1_555 C DG 6 N2 ? ? B DC 10 D DG 41 1_555 ? ? ? ? ? ? WATSON-CRICK ? ? ? 
hydrog7  hydrog ? ? A DA 5  N1 ? ? ? 1_555 C DT 5 N3 ? ? B DA 11 D DT 40 1_555 ? ? ? ? ? ? 'DA-DT PAIR' ? ? ? 
hydrog8  hydrog ? ? A DG 6  N2 ? ? ? 1_555 C DC 4 N3 ? ? B DG 12 D DC 39 1_555 ? ? ? ? ? ? 'DG-DC PAIR' ? ? ? 
hydrog9  hydrog ? ? A DA 7  N1 ? ? ? 1_555 C DT 3 N3 ? ? B DA 13 D DT 38 1_555 ? ? ? ? ? ? WATSON-CRICK ? ? ? 
hydrog10 hydrog ? ? A DA 7  N6 ? ? ? 1_555 C DT 3 O4 ? ? B DA 13 D DT 38 1_555 ? ? ? ? ? ? WATSON-CRICK ? ? ? 
hydrog11 hydrog ? ? A DC 8  N3 ? ? ? 1_555 C DG 2 N1 ? ? B DC 14 D DG 37 1_555 ? ? ? ? ? ? WATSON-CRICK ? ? ? 
hydrog12 hydrog ? ? A DC 8  N4 ? ? ? 1_555 C DG 2 O6 ? ? B DC 14 D DG 37 1_555 ? ? ? ? ? ? WATSON-CRICK ? ? ? 
hydrog13 hydrog ? ? A DC 8  O2 ? ? ? 1_555 C DG 2 N2 ? ? B DC 14 D DG 37 1_555 ? ? ? ? ? ? WATSON-CRICK ? ? ? 
hydrog14 hydrog ? ? A DC 9  N3 ? ? ? 1_555 C DG 1 N1 ? ? B DC 15 D DG 36 1_555 ? ? ? ? ? ? WATSON-CRICK ? ? ? 
hydrog15 hydrog ? ? A DC 9  N4 ? ? ? 1_555 C DG 1 O6 ? ? B DC 15 D DG 36 1_555 ? ? ? ? ? ? WATSON-CRICK ? ? ? 
hydrog16 hydrog ? ? A DC 9  O2 ? ? ? 1_555 C DG 1 N2 ? ? B DC 15 D DG 36 1_555 ? ? ? ? ? ? WATSON-CRICK ? ? ? 
hydrog17 hydrog ? ? A DC 10 O2 ? ? ? 1_555 D DG 6 N2 ? ? B DC 16 A DG 6  1_555 ? ? ? ? ? ? 'DC-DG PAIR' ? ? ? 
hydrog18 hydrog ? ? A DG 11 N1 ? ? ? 1_555 D DC 5 N3 ? ? B DG 17 A DC 5  1_555 ? ? ? ? ? ? WATSON-CRICK ? ? ? 
hydrog19 hydrog ? ? A DG 11 N2 ? ? ? 1_555 D DC 5 O2 ? ? B DG 17 A DC 5  1_555 ? ? ? ? ? ? WATSON-CRICK ? ? ? 
hydrog20 hydrog ? ? A DG 11 O6 ? ? ? 1_555 D DC 5 N4 ? ? B DG 17 A DC 5  1_555 ? ? ? ? ? ? WATSON-CRICK ? ? ? 
hydrog21 hydrog ? ? A DA 12 N1 ? ? ? 1_555 D DG 3 N1 ? ? B DA 18 A DG 3  1_555 ? ? ? ? ? ? TYPE_8_PAIR  ? ? ? 
hydrog22 hydrog ? ? A DA 12 N6 ? ? ? 1_555 D DG 3 O6 ? ? B DA 18 A DG 3  1_555 ? ? ? ? ? ? TYPE_8_PAIR  ? ? ? 
hydrog23 hydrog ? ? A DA 12 N1 ? ? ? 1_555 D DT 4 N3 ? ? B DA 18 A DT 4  1_555 ? ? ? ? ? ? WATSON-CRICK ? ? ? 
hydrog24 hydrog ? ? A DA 12 N6 ? ? ? 1_555 D DT 4 O4 ? ? B DA 18 A DT 4  1_555 ? ? ? ? ? ? WATSON-CRICK ? ? ? 
hydrog25 hydrog ? ? A DC 13 N3 ? ? ? 1_555 D DG 3 N1 ? ? B DC 19 A DG 3  1_555 ? ? ? ? ? ? WATSON-CRICK ? ? ? 
hydrog26 hydrog ? ? A DC 13 N4 ? ? ? 1_555 D DG 3 O6 ? ? B DC 19 A DG 3  1_555 ? ? ? ? ? ? WATSON-CRICK ? ? ? 
hydrog27 hydrog ? ? A DC 13 O2 ? ? ? 1_555 D DG 3 N2 ? ? B DC 19 A DG 3  1_555 ? ? ? ? ? ? WATSON-CRICK ? ? ? 
hydrog28 hydrog ? ? A DG 14 N1 ? ? ? 1_555 D DC 2 N3 ? ? B DG 20 A DC 2  1_555 ? ? ? ? ? ? WATSON-CRICK ? ? ? 
hydrog29 hydrog ? ? A DG 14 N2 ? ? ? 1_555 D DC 2 O2 ? ? B DG 20 A DC 2  1_555 ? ? ? ? ? ? WATSON-CRICK ? ? ? 
hydrog30 hydrog ? ? A DG 14 O6 ? ? ? 1_555 D DC 2 N4 ? ? B DG 20 A DC 2  1_555 ? ? ? ? ? ? WATSON-CRICK ? ? ? 
hydrog31 hydrog ? ? A DG 15 N1 ? ? ? 1_555 D DC 1 N3 ? ? B DG 21 A DC 1  1_555 ? ? ? ? ? ? WATSON-CRICK ? ? ? 
hydrog32 hydrog ? ? A DG 15 N2 ? ? ? 1_555 D DC 1 O2 ? ? B DG 21 A DC 1  1_555 ? ? ? ? ? ? WATSON-CRICK ? ? ? 
hydrog33 hydrog ? ? A DG 15 O6 ? ? ? 1_555 D DC 1 N4 ? ? B DG 21 A DC 1  1_555 ? ? ? ? ? ? WATSON-CRICK ? ? ? 
hydrog34 hydrog ? ? A DG 16 N1 ? ? ? 1_555 B DC 8 N3 ? ? B DG 22 C DC 35 1_555 ? ? ? ? ? ? WATSON-CRICK ? ? ? 
hydrog35 hydrog ? ? A DG 16 N2 ? ? ? 1_555 B DC 8 O2 ? ? B DG 22 C DC 35 1_555 ? ? ? ? ? ? WATSON-CRICK ? ? ? 
hydrog36 hydrog ? ? A DG 16 O6 ? ? ? 1_555 B DC 8 N4 ? ? B DG 22 C DC 35 1_555 ? ? ? ? ? ? WATSON-CRICK ? ? ? 
hydrog37 hydrog ? ? A DA 17 N1 ? ? ? 1_555 B DT 7 N3 ? ? B DA 23 C DT 34 1_555 ? ? ? ? ? ? WATSON-CRICK ? ? ? 
hydrog38 hydrog ? ? A DA 17 N6 ? ? ? 1_555 B DT 7 O4 ? ? B DA 23 C DT 34 1_555 ? ? ? ? ? ? WATSON-CRICK ? ? ? 
hydrog39 hydrog ? ? A DC 18 N3 ? ? ? 1_555 B DG 6 N1 ? ? B DC 24 C DG 33 1_555 ? ? ? ? ? ? WATSON-CRICK ? ? ? 
hydrog40 hydrog ? ? A DC 18 N4 ? ? ? 1_555 B DG 6 O6 ? ? B DC 24 C DG 33 1_555 ? ? ? ? ? ? WATSON-CRICK ? ? ? 
hydrog41 hydrog ? ? A DC 18 O2 ? ? ? 1_555 B DG 6 N2 ? ? B DC 24 C DG 33 1_555 ? ? ? ? ? ? WATSON-CRICK ? ? ? 
hydrog42 hydrog ? ? A DT 19 N3 ? ? ? 1_555 B DA 5 N1 ? ? B DT 25 C DA 32 1_555 ? ? ? ? ? ? WATSON-CRICK ? ? ? 
hydrog43 hydrog ? ? A DT 19 O4 ? ? ? 1_555 B DA 5 N6 ? ? B DT 25 C DA 32 1_555 ? ? ? ? ? ? WATSON-CRICK ? ? ? 
hydrog44 hydrog ? ? A DC 20 N3 ? ? ? 1_555 B DG 4 N1 ? ? B DC 26 C DG 31 1_555 ? ? ? ? ? ? WATSON-CRICK ? ? ? 
hydrog45 hydrog ? ? A DC 20 N4 ? ? ? 1_555 B DG 4 O6 ? ? B DC 26 C DG 31 1_555 ? ? ? ? ? ? WATSON-CRICK ? ? ? 
hydrog46 hydrog ? ? A DC 20 O2 ? ? ? 1_555 B DG 4 N2 ? ? B DC 26 C DG 31 1_555 ? ? ? ? ? ? WATSON-CRICK ? ? ? 
# 
_struct_conn_type.id          hydrog 
_struct_conn_type.criteria    ? 
_struct_conn_type.reference   ? 
# 
_atom_sites.entry_id                    7JRZ 
_atom_sites.Cartn_transf_matrix[1][1]   ? 
_atom_sites.Cartn_transf_matrix[1][2]   ? 
_atom_sites.Cartn_transf_matrix[1][3]   ? 
_atom_sites.Cartn_transf_matrix[2][1]   ? 
_atom_sites.Cartn_transf_matrix[2][2]   ? 
_atom_sites.Cartn_transf_matrix[2][3]   ? 
_atom_sites.Cartn_transf_matrix[3][1]   ? 
_atom_sites.Cartn_transf_matrix[3][2]   ? 
_atom_sites.Cartn_transf_matrix[3][3]   ? 
_atom_sites.Cartn_transf_vector[1]      ? 
_atom_sites.Cartn_transf_vector[2]      ? 
_atom_sites.Cartn_transf_vector[3]      ? 
_atom_sites.fract_transf_matrix[1][1]   0.00897016 
_atom_sites.fract_transf_matrix[1][2]   0.00410372 
_atom_sites.fract_transf_matrix[1][3]   -0.00197370 
_atom_sites.fract_transf_matrix[2][1]   0.00672869 
_atom_sites.fract_transf_matrix[2][2]   0.00117488 
_atom_sites.fract_transf_matrix[2][3]   0.00738566 
_atom_sites.fract_transf_matrix[3][1]   0.00750217 
_atom_sites.fract_transf_matrix[3][2]   -0.01828683 
_atom_sites.fract_transf_matrix[3][3]   -0.00392584 
_atom_sites.fract_transf_vector[1]      -0.249373 
_atom_sites.fract_transf_vector[2]      -0.262416 
_atom_sites.fract_transf_vector[3]      0.437877 
_atom_sites.solution_primary            ? 
_atom_sites.solution_secondary          ? 
_atom_sites.solution_hydrogens          ? 
_atom_sites.special_details             ? 
# 
loop_
_atom_type.symbol 
AS 
C  
MG 
N  
O  
P  
# 
loop_
_atom_site.group_PDB 
_atom_site.id 
_atom_site.type_symbol 
_atom_site.label_atom_id 
_atom_site.label_alt_id 
_atom_site.label_comp_id 
_atom_site.label_asym_id 
_atom_site.label_entity_id 
_atom_site.label_seq_id 
_atom_site.pdbx_PDB_ins_code 
_atom_site.Cartn_x 
_atom_site.Cartn_y 
_atom_site.Cartn_z 
_atom_site.occupancy 
_atom_site.B_iso_or_equiv 
_atom_site.pdbx_formal_charge 
_atom_site.auth_seq_id 
_atom_site.auth_comp_id 
_atom_site.auth_asym_id 
_atom_site.auth_atom_id 
_atom_site.pdbx_PDB_model_num 
ATOM   1   O  "O5'" . DG  A 1 1  ? -3.522  22.213  -28.445 1.00 129.22 ? 7   DG  B "O5'" 1 
ATOM   2   C  "C5'" . DG  A 1 1  ? -4.314  21.998  -29.612 1.00 143.77 ? 7   DG  B "C5'" 1 
ATOM   3   C  "C4'" . DG  A 1 1  ? -3.903  20.722  -30.327 1.00 128.62 ? 7   DG  B "C4'" 1 
ATOM   4   O  "O4'" . DG  A 1 1  ? -2.501  20.802  -30.689 1.00 125.10 ? 7   DG  B "O4'" 1 
ATOM   5   C  "C3'" . DG  A 1 1  ? -4.066  19.447  -29.508 1.00 128.32 ? 7   DG  B "C3'" 1 
ATOM   6   O  "O3'" . DG  A 1 1  ? -4.530  18.384  -30.325 1.00 136.63 ? 7   DG  B "O3'" 1 
ATOM   7   C  "C2'" . DG  A 1 1  ? -2.662  19.175  -28.975 1.00 122.70 ? 7   DG  B "C2'" 1 
ATOM   8   C  "C1'" . DG  A 1 1  ? -1.760  19.789  -30.043 1.00 106.56 ? 7   DG  B "C1'" 1 
ATOM   9   N  N9    . DG  A 1 1  ? -0.561  20.395  -29.476 1.00 89.97  ? 7   DG  B N9    1 
ATOM   10  C  C8    . DG  A 1 1  ? -0.510  21.462  -28.614 1.00 93.50  ? 7   DG  B C8    1 
ATOM   11  N  N7    . DG  A 1 1  ? 0.703   21.784  -28.255 1.00 91.99  ? 7   DG  B N7    1 
ATOM   12  C  C5    . DG  A 1 1  ? 1.504   20.867  -28.919 1.00 80.09  ? 7   DG  B C5    1 
ATOM   13  C  C6    . DG  A 1 1  ? 2.908   20.720  -28.913 1.00 79.42  ? 7   DG  B C6    1 
ATOM   14  O  O6    . DG  A 1 1  ? 3.745   21.395  -28.301 1.00 78.61  ? 7   DG  B O6    1 
ATOM   15  N  N1    . DG  A 1 1  ? 3.318   19.664  -29.722 1.00 78.62  ? 7   DG  B N1    1 
ATOM   16  C  C2    . DG  A 1 1  ? 2.474   18.849  -30.443 1.00 82.07  ? 7   DG  B C2    1 
ATOM   17  N  N2    . DG  A 1 1  ? 3.058   17.879  -31.165 1.00 79.40  ? 7   DG  B N2    1 
ATOM   18  N  N3    . DG  A 1 1  ? 1.152   18.975  -30.453 1.00 80.23  ? 7   DG  B N3    1 
ATOM   19  C  C4    . DG  A 1 1  ? 0.740   20.002  -29.672 1.00 81.49  ? 7   DG  B C4    1 
ATOM   20  P  P     . DA  A 1 2  ? -4.766  16.930  -29.680 1.00 142.23 ? 8   DA  B P     1 
ATOM   21  O  OP1   . DA  A 1 2  ? -5.824  16.264  -30.470 1.00 141.52 ? 8   DA  B OP1   1 
ATOM   22  O  OP2   . DA  A 1 2  ? -4.953  17.114  -28.222 1.00 125.50 ? 8   DA  B OP2   1 
ATOM   23  O  "O5'" . DA  A 1 2  ? -3.375  16.176  -29.925 1.00 121.92 ? 8   DA  B "O5'" 1 
ATOM   24  C  "C5'" . DA  A 1 2  ? -3.212  14.828  -29.512 1.00 134.62 ? 8   DA  B "C5'" 1 
ATOM   25  C  "C4'" . DA  A 1 2  ? -2.131  14.140  -30.329 1.00 129.83 ? 8   DA  B "C4'" 1 
ATOM   26  O  "O4'" . DA  A 1 2  ? -0.994  15.020  -30.467 1.00 115.44 ? 8   DA  B "O4'" 1 
ATOM   27  C  "C3'" . DA  A 1 2  ? -1.571  12.868  -29.712 1.00 127.71 ? 8   DA  B "C3'" 1 
ATOM   28  O  "O3'" . DA  A 1 2  ? -1.051  12.026  -30.732 1.00 138.62 ? 8   DA  B "O3'" 1 
ATOM   29  C  "C2'" . DA  A 1 2  ? -0.471  13.403  -28.803 1.00 116.70 ? 8   DA  B "C2'" 1 
ATOM   30  C  "C1'" . DA  A 1 2  ? 0.028   14.631  -29.566 1.00 107.12 ? 8   DA  B "C1'" 1 
ATOM   31  N  N9    . DA  A 1 2  ? 0.323   15.765  -28.705 1.00 93.30  ? 8   DA  B N9    1 
ATOM   32  C  C8    . DA  A 1 2  ? -0.571  16.647  -28.166 1.00 94.00  ? 8   DA  B C8    1 
ATOM   33  N  N7    . DA  A 1 2  ? -0.016  17.577  -27.429 1.00 83.48  ? 8   DA  B N7    1 
ATOM   34  C  C5    . DA  A 1 2  ? 1.336   17.284  -27.491 1.00 77.30  ? 8   DA  B C5    1 
ATOM   35  C  C6    . DA  A 1 2  ? 2.466   17.896  -26.920 1.00 81.24  ? 8   DA  B C6    1 
ATOM   36  N  N6    . DA  A 1 2  ? 2.402   18.979  -26.142 1.00 81.30  ? 8   DA  B N6    1 
ATOM   37  N  N1    . DA  A 1 2  ? 3.672   17.349  -27.185 1.00 78.06  ? 8   DA  B N1    1 
ATOM   38  C  C2    . DA  A 1 2  ? 3.732   16.265  -27.966 1.00 86.71  ? 8   DA  B C2    1 
ATOM   39  N  N3    . DA  A 1 2  ? 2.739   15.602  -28.556 1.00 83.80  ? 8   DA  B N3    1 
ATOM   40  C  C4    . DA  A 1 2  ? 1.558   16.170  -28.276 1.00 82.64  ? 8   DA  B C4    1 
ATOM   41  P  P     . DG  A 1 3  ? -0.233  10.693  -30.361 1.00 138.62 ? 9   DG  B P     1 
ATOM   42  O  OP1   . DG  A 1 3  ? -0.467  9.718   -31.451 1.00 138.61 ? 9   DG  B OP1   1 
ATOM   43  O  OP2   . DG  A 1 3  ? -0.559  10.309  -28.969 1.00 141.40 ? 9   DG  B OP2   1 
ATOM   44  O  "O5'" . DG  A 1 3  ? 1.295   11.163  -30.412 1.00 123.41 ? 9   DG  B "O5'" 1 
ATOM   45  C  "C5'" . DG  A 1 3  ? 2.332   10.200  -30.591 1.00 131.09 ? 9   DG  B "C5'" 1 
ATOM   46  C  "C4'" . DG  A 1 3  ? 3.103   9.999   -29.303 1.00 126.59 ? 9   DG  B "C4'" 1 
ATOM   47  O  "O4'" . DG  A 1 3  ? 3.265   11.273  -28.656 1.00 111.98 ? 9   DG  B "O4'" 1 
ATOM   48  C  "C3'" . DG  A 1 3  ? 2.401   9.111   -28.274 1.00 129.93 ? 9   DG  B "C3'" 1 
ATOM   49  O  "O3'" . DG  A 1 3  ? 2.949   7.754   -28.250 1.00 132.64 ? 9   DG  B "O3'" 1 
ATOM   50  C  "C2'" . DG  A 1 3  ? 2.569   9.844   -26.931 1.00 119.68 ? 9   DG  B "C2'" 1 
ATOM   51  C  "C1'" . DG  A 1 3  ? 3.429   11.058  -27.284 1.00 113.08 ? 9   DG  B "C1'" 1 
ATOM   52  N  N9    . DG  A 1 3  ? 3.037   12.272  -26.579 1.00 100.99 ? 9   DG  B N9    1 
ATOM   53  C  C8    . DG  A 1 3  ? 1.766   12.765  -26.421 1.00 100.49 ? 9   DG  B C8    1 
ATOM   54  N  N7    . DG  A 1 3  ? 1.721   13.876  -25.739 1.00 93.64  ? 9   DG  B N7    1 
ATOM   55  C  C5    . DG  A 1 3  ? 3.047   14.132  -25.426 1.00 85.56  ? 9   DG  B C5    1 
ATOM   56  C  C6    . DG  A 1 3  ? 3.616   15.199  -24.699 1.00 86.08  ? 9   DG  B C6    1 
ATOM   57  O  O6    . DG  A 1 3  ? 3.040   16.161  -24.171 1.00 85.41  ? 9   DG  B O6    1 
ATOM   58  N  N1    . DG  A 1 3  ? 5.002   15.078  -24.611 1.00 83.64  ? 9   DG  B N1    1 
ATOM   59  C  C2    . DG  A 1 3  ? 5.737   14.050  -25.161 1.00 91.73  ? 9   DG  B C2    1 
ATOM   60  N  N2    . DG  A 1 3  ? 7.062   14.099  -24.974 1.00 95.07  ? 9   DG  B N2    1 
ATOM   61  N  N3    . DG  A 1 3  ? 5.211   13.045  -25.844 1.00 88.30  ? 9   DG  B N3    1 
ATOM   62  C  C4    . DG  A 1 3  ? 3.868   13.152  -25.937 1.00 88.37  ? 9   DG  B C4    1 
ATOM   63  P  P     . DC  A 1 4  ? 4.530   7.431   -28.368 1.00 137.23 ? 10  DC  B P     1 
ATOM   64  O  OP1   . DC  A 1 4  ? 4.970   7.634   -29.767 1.00 140.29 ? 10  DC  B OP1   1 
ATOM   65  O  OP2   . DC  A 1 4  ? 4.720   6.095   -27.765 1.00 141.42 ? 10  DC  B OP2   1 
ATOM   66  O  "O5'" . DC  A 1 4  ? 5.258   8.500   -27.420 1.00 121.94 ? 10  DC  B "O5'" 1 
ATOM   67  C  "C5'" . DC  A 1 4  ? 6.657   8.370   -27.120 1.00 126.62 ? 10  DC  B "C5'" 1 
ATOM   68  C  "C4'" . DC  A 1 4  ? 6.886   8.137   -25.628 1.00 129.24 ? 10  DC  B "C4'" 1 
ATOM   69  O  "O4'" . DC  A 1 4  ? 6.499   9.328   -24.878 1.00 119.58 ? 10  DC  B "O4'" 1 
ATOM   70  C  "C3'" . DC  A 1 4  ? 6.077   6.979   -25.018 1.00 127.98 ? 10  DC  B "C3'" 1 
ATOM   71  O  "O3'" . DC  A 1 4  ? 6.820   6.298   -23.988 1.00 125.68 ? 10  DC  B "O3'" 1 
ATOM   72  C  "C2'" . DC  A 1 4  ? 4.906   7.722   -24.395 1.00 123.11 ? 10  DC  B "C2'" 1 
ATOM   73  C  "C1'" . DC  A 1 4  ? 5.644   8.925   -23.836 1.00 115.52 ? 10  DC  B "C1'" 1 
ATOM   74  N  N1    . DC  A 1 4  ? 4.756   10.050  -23.432 1.00 102.37 ? 10  DC  B N1    1 
ATOM   75  C  C2    . DC  A 1 4  ? 5.295   11.169  -22.787 1.00 99.88  ? 10  DC  B C2    1 
ATOM   76  O  O2    . DC  A 1 4  ? 6.517   11.225  -22.592 1.00 97.59  ? 10  DC  B O2    1 
ATOM   77  N  N3    . DC  A 1 4  ? 4.460   12.171  -22.404 1.00 98.40  ? 10  DC  B N3    1 
ATOM   78  C  C4    . DC  A 1 4  ? 3.147   12.071  -22.634 1.00 101.51 ? 10  DC  B C4    1 
ATOM   79  N  N4    . DC  A 1 4  ? 2.360   13.079  -22.243 1.00 101.19 ? 10  DC  B N4    1 
ATOM   80  C  C5    . DC  A 1 4  ? 2.582   10.932  -23.276 1.00 105.14 ? 10  DC  B C5    1 
ATOM   81  C  C6    . DC  A 1 4  ? 3.413   9.954   -23.644 1.00 109.23 ? 10  DC  B C6    1 
ATOM   82  P  P     . DA  A 1 5  ? 8.304   5.717   -24.216 1.00 130.66 ? 11  DA  B P     1 
ATOM   83  O  OP1   . DA  A 1 5  ? 8.636   5.666   -25.656 1.00 143.67 ? 11  DA  B OP1   1 
ATOM   84  O  OP2   . DA  A 1 5  ? 8.382   4.471   -23.421 1.00 144.87 ? 11  DA  B OP2   1 
ATOM   85  O  "O5'" . DA  A 1 5  ? 9.244   6.791   -23.491 1.00 118.98 ? 11  DA  B "O5'" 1 
ATOM   86  C  "C5'" . DA  A 1 5  ? 10.528  6.397   -23.008 1.00 125.32 ? 11  DA  B "C5'" 1 
ATOM   87  C  "C4'" . DA  A 1 5  ? 10.958  7.257   -21.829 1.00 123.28 ? 11  DA  B "C4'" 1 
ATOM   88  O  "O4'" . DA  A 1 5  ? 9.863   8.113   -21.424 1.00 117.35 ? 11  DA  B "O4'" 1 
ATOM   89  C  "C3'" . DA  A 1 5  ? 11.331  6.486   -20.576 1.00 122.61 ? 11  DA  B "C3'" 1 
ATOM   90  O  "O3'" . DA  A 1 5  ? 12.201  7.268   -19.764 1.00 124.77 ? 11  DA  B "O3'" 1 
ATOM   91  C  "C2'" . DA  A 1 5  ? 9.971   6.294   -19.911 1.00 118.21 ? 11  DA  B "C2'" 1 
ATOM   92  C  "C1'" . DA  A 1 5  ? 9.285   7.623   -20.225 1.00 112.93 ? 11  DA  B "C1'" 1 
ATOM   93  N  N9    . DA  A 1 5  ? 7.846   7.509   -20.438 1.00 115.24 ? 11  DA  B N9    1 
ATOM   94  C  C8    . DA  A 1 5  ? 7.180   6.500   -21.074 1.00 118.51 ? 11  DA  B C8    1 
ATOM   95  N  N7    . DA  A 1 5  ? 5.879   6.679   -21.134 1.00 114.07 ? 11  DA  B N7    1 
ATOM   96  C  C5    . DA  A 1 5  ? 5.682   7.894   -20.496 1.00 105.92 ? 11  DA  B C5    1 
ATOM   97  C  C6    . DA  A 1 5  ? 4.524   8.652   -20.225 1.00 99.45  ? 11  DA  B C6    1 
ATOM   98  N  N6    . DA  A 1 5  ? 3.293   8.273   -20.580 1.00 106.75 ? 11  DA  B N6    1 
ATOM   99  N  N1    . DA  A 1 5  ? 4.683   9.821   -19.571 1.00 93.75  ? 11  DA  B N1    1 
ATOM   100 C  C2    . DA  A 1 5  ? 5.918   10.199  -19.215 1.00 95.88  ? 11  DA  B C2    1 
ATOM   101 N  N3    . DA  A 1 5  ? 7.075   9.575   -19.415 1.00 94.12  ? 11  DA  B N3    1 
ATOM   102 C  C4    . DA  A 1 5  ? 6.887   8.419   -20.066 1.00 107.29 ? 11  DA  B C4    1 
ATOM   103 P  P     . DG  A 1 6  ? 12.908  6.618   -18.476 1.00 138.28 ? 12  DG  B P     1 
ATOM   104 O  OP1   . DG  A 1 6  ? 14.343  6.977   -18.505 1.00 133.63 ? 12  DG  B OP1   1 
ATOM   105 O  OP2   . DG  A 1 6  ? 12.510  5.192   -18.418 1.00 126.85 ? 12  DG  B OP2   1 
ATOM   106 O  "O5'" . DG  A 1 6  ? 12.228  7.370   -17.239 1.00 119.14 ? 12  DG  B "O5'" 1 
ATOM   107 C  "C5'" . DG  A 1 6  ? 12.614  8.706   -16.918 1.00 123.30 ? 12  DG  B "C5'" 1 
ATOM   108 C  "C4'" . DG  A 1 6  ? 11.843  9.223   -15.711 1.00 132.30 ? 12  DG  B "C4'" 1 
ATOM   109 O  "O4'" . DG  A 1 6  ? 10.420  9.160   -15.989 1.00 127.40 ? 12  DG  B "O4'" 1 
ATOM   110 C  "C3'" . DG  A 1 6  ? 12.056  8.441   -14.413 1.00 133.95 ? 12  DG  B "C3'" 1 
ATOM   111 O  "O3'" . DG  A 1 6  ? 12.037  9.325   -13.283 1.00 136.10 ? 12  DG  B "O3'" 1 
ATOM   112 C  "C2'" . DG  A 1 6  ? 10.867  7.489   -14.393 1.00 120.49 ? 12  DG  B "C2'" 1 
ATOM   113 C  "C1'" . DG  A 1 6  ? 9.778   8.338   -15.041 1.00 115.05 ? 12  DG  B "C1'" 1 
ATOM   114 N  N9    . DG  A 1 6  ? 8.772   7.542   -15.735 1.00 107.16 ? 12  DG  B N9    1 
ATOM   115 C  C8    . DG  A 1 6  ? 8.965   6.332   -16.356 1.00 111.46 ? 12  DG  B C8    1 
ATOM   116 N  N7    . DG  A 1 6  ? 7.882   5.840   -16.890 1.00 104.43 ? 12  DG  B N7    1 
ATOM   117 C  C5    . DG  A 1 6  ? 6.906   6.787   -16.605 1.00 104.58 ? 12  DG  B C5    1 
ATOM   118 C  C6    . DG  A 1 6  ? 5.530   6.801   -16.932 1.00 102.28 ? 12  DG  B C6    1 
ATOM   119 O  O6    . DG  A 1 6  ? 4.881   5.949   -17.560 1.00 109.49 ? 12  DG  B O6    1 
ATOM   120 N  N1    . DG  A 1 6  ? 4.899   7.947   -16.453 1.00 93.52  ? 12  DG  B N1    1 
ATOM   121 C  C2    . DG  A 1 6  ? 5.521   8.952   -15.745 1.00 92.58  ? 12  DG  B C2    1 
ATOM   122 N  N2    . DG  A 1 6  ? 4.747   9.979   -15.366 1.00 92.55  ? 12  DG  B N2    1 
ATOM   123 N  N3    . DG  A 1 6  ? 6.812   8.949   -15.430 1.00 96.21  ? 12  DG  B N3    1 
ATOM   124 C  C4    . DG  A 1 6  ? 7.439   7.841   -15.892 1.00 103.69 ? 12  DG  B C4    1 
ATOM   125 P  P     . DA  A 1 7  ? 12.890  8.973   -11.964 1.00 147.50 ? 13  DA  B P     1 
ATOM   126 O  OP1   . DA  A 1 7  ? 13.741  10.140  -11.645 1.00 137.34 ? 13  DA  B OP1   1 
ATOM   127 O  OP2   . DA  A 1 7  ? 13.498  7.636   -12.165 1.00 141.30 ? 13  DA  B OP2   1 
ATOM   128 O  "O5'" . DA  A 1 7  ? 11.793  8.842   -10.810 1.00 139.25 ? 13  DA  B "O5'" 1 
ATOM   129 C  "C5'" . DA  A 1 7  ? 10.430  8.680   -11.150 1.00 128.33 ? 13  DA  B "C5'" 1 
ATOM   130 C  "C4'" . DA  A 1 7  ? 9.665   9.976   -10.957 1.00 129.31 ? 13  DA  B "C4'" 1 
ATOM   131 O  "O4'" . DA  A 1 7  ? 8.581   10.029  -11.915 1.00 124.86 ? 13  DA  B "O4'" 1 
ATOM   132 C  "C3'" . DA  A 1 7  ? 8.992   10.115  -9.603  1.00 125.75 ? 13  DA  B "C3'" 1 
ATOM   133 O  "O3'" . DA  A 1 7  ? 8.736   11.490  -9.309  1.00 134.11 ? 13  DA  B "O3'" 1 
ATOM   134 C  "C2'" . DA  A 1 7  ? 7.700   9.342   -9.825  1.00 115.98 ? 13  DA  B "C2'" 1 
ATOM   135 C  "C1'" . DA  A 1 7  ? 7.362   9.682   -11.276 1.00 109.18 ? 13  DA  B "C1'" 1 
ATOM   136 N  N9    . DA  A 1 7  ? 6.762   8.568   -12.008 1.00 98.55  ? 13  DA  B N9    1 
ATOM   137 C  C8    . DA  A 1 7  ? 7.395   7.444   -12.460 1.00 101.81 ? 13  DA  B C8    1 
ATOM   138 N  N7    . DA  A 1 7  ? 6.606   6.604   -13.089 1.00 94.82  ? 13  DA  B N7    1 
ATOM   139 C  C5    . DA  A 1 7  ? 5.367   7.218   -13.047 1.00 92.38  ? 13  DA  B C5    1 
ATOM   140 C  C6    . DA  A 1 7  ? 4.104   6.838   -13.541 1.00 85.60  ? 13  DA  B C6    1 
ATOM   141 N  N6    . DA  A 1 7  ? 3.885   5.697   -14.201 1.00 81.89  ? 13  DA  B N6    1 
ATOM   142 N  N1    . DA  A 1 7  ? 3.071   7.683   -13.329 1.00 85.65  ? 13  DA  B N1    1 
ATOM   143 C  C2    . DA  A 1 7  ? 3.299   8.826   -12.666 1.00 90.02  ? 13  DA  B C2    1 
ATOM   144 N  N3    . DA  A 1 7  ? 4.440   9.289   -12.154 1.00 92.32  ? 13  DA  B N3    1 
ATOM   145 C  C4    . DA  A 1 7  ? 5.444   8.431   -12.382 1.00 96.04  ? 13  DA  B C4    1 
ATOM   146 P  P     . DC  A 1 8  ? 8.770   12.019  -7.788  1.00 143.93 ? 14  DC  B P     1 
ATOM   147 O  OP1   . DC  A 1 8  ? 9.293   13.404  -7.805  1.00 129.78 ? 14  DC  B OP1   1 
ATOM   148 O  OP2   . DC  A 1 8  ? 9.451   10.998  -6.960  1.00 132.83 ? 14  DC  B OP2   1 
ATOM   149 O  "O5'" . DC  A 1 8  ? 7.228   12.074  -7.354  1.00 129.64 ? 14  DC  B "O5'" 1 
ATOM   150 C  "C5'" . DC  A 1 8  ? 6.541   10.881  -6.987  1.00 118.46 ? 14  DC  B "C5'" 1 
ATOM   151 C  "C4'" . DC  A 1 8  ? 5.101   10.920  -7.468  1.00 116.80 ? 14  DC  B "C4'" 1 
ATOM   152 O  "O4'" . DC  A 1 8  ? 4.921   10.000  -8.579  1.00 108.02 ? 14  DC  B "O4'" 1 
ATOM   153 C  "C3'" . DC  A 1 8  ? 4.059   10.534  -6.416  1.00 116.28 ? 14  DC  B "C3'" 1 
ATOM   154 O  "O3'" . DC  A 1 8  ? 3.028   11.510  -6.383  1.00 125.46 ? 14  DC  B "O3'" 1 
ATOM   155 C  "C2'" . DC  A 1 8  ? 3.541   9.174   -6.897  1.00 107.45 ? 14  DC  B "C2'" 1 
ATOM   156 C  "C1'" . DC  A 1 8  ? 3.718   9.289   -8.401  1.00 101.25 ? 14  DC  B "C1'" 1 
ATOM   157 N  N1    . DC  A 1 8  ? 3.832   7.968   -9.100  1.00 91.27  ? 14  DC  B N1    1 
ATOM   158 C  C2    . DC  A 1 8  ? 2.698   7.382   -9.677  1.00 90.92  ? 14  DC  B C2    1 
ATOM   159 O  O2    . DC  A 1 8  ? 1.610   7.966   -9.600  1.00 94.94  ? 14  DC  B O2    1 
ATOM   160 N  N3    . DC  A 1 8  ? 2.823   6.186   -10.305 1.00 78.49  ? 14  DC  B N3    1 
ATOM   161 C  C4    . DC  A 1 8  ? 4.012   5.587   -10.365 1.00 82.79  ? 14  DC  B C4    1 
ATOM   162 N  N4    . DC  A 1 8  ? 4.089   4.410   -10.995 1.00 87.57  ? 14  DC  B N4    1 
ATOM   163 C  C5    . DC  A 1 8  ? 5.176   6.167   -9.784  1.00 84.70  ? 14  DC  B C5    1 
ATOM   164 C  C6    . DC  A 1 8  ? 5.040   7.344   -9.168  1.00 87.42  ? 14  DC  B C6    1 
ATOM   165 P  P     . DC  A 1 9  ? 1.787   11.347  -5.376  1.00 141.03 ? 15  DC  B P     1 
ATOM   166 O  OP1   . DC  A 1 9  ? 1.203   12.696  -5.194  1.00 160.13 ? 15  DC  B OP1   1 
ATOM   167 O  OP2   . DC  A 1 9  ? 2.247   10.583  -4.196  1.00 121.86 ? 15  DC  B OP2   1 
ATOM   168 O  "O5'" . DC  A 1 9  ? 0.751   10.438  -6.189  1.00 117.40 ? 15  DC  B "O5'" 1 
ATOM   169 C  "C5'" . DC  A 1 9  ? 0.193   9.282   -5.586  1.00 107.19 ? 15  DC  B "C5'" 1 
ATOM   170 C  "C4'" . DC  A 1 9  ? -1.102  8.898   -6.273  1.00 112.11 ? 15  DC  B "C4'" 1 
ATOM   171 O  "O4'" . DC  A 1 9  ? -0.816  7.995   -7.371  1.00 111.87 ? 15  DC  B "O4'" 1 
ATOM   172 C  "C3'" . DC  A 1 9  ? -2.096  8.160   -5.396  1.00 110.13 ? 15  DC  B "C3'" 1 
ATOM   173 O  "O3'" . DC  A 1 9  ? -3.406  8.389   -5.875  1.00 122.08 ? 15  DC  B "O3'" 1 
ATOM   174 C  "C2'" . DC  A 1 9  ? -1.677  6.709   -5.596  1.00 115.38 ? 15  DC  B "C2'" 1 
ATOM   175 C  "C1'" . DC  A 1 9  ? -1.316  6.702   -7.078  1.00 105.13 ? 15  DC  B "C1'" 1 
ATOM   176 N  N1    . DC  A 1 9  ? -0.262  5.702   -7.436  1.00 87.49  ? 15  DC  B N1    1 
ATOM   177 C  C2    . DC  A 1 9  ? -0.607  4.540   -8.145  1.00 82.64  ? 15  DC  B C2    1 
ATOM   178 O  O2    . DC  A 1 9  ? -1.787  4.351   -8.462  1.00 80.91  ? 15  DC  B O2    1 
ATOM   179 N  N3    . DC  A 1 9  ? 0.366   3.652   -8.462  1.00 73.52  ? 15  DC  B N3    1 
ATOM   180 C  C4    . DC  A 1 9  ? 1.630   3.891   -8.104  1.00 79.30  ? 15  DC  B C4    1 
ATOM   181 N  N4    . DC  A 1 9  ? 2.556   2.990   -8.438  1.00 81.59  ? 15  DC  B N4    1 
ATOM   182 C  C5    . DC  A 1 9  ? 2.000   5.065   -7.385  1.00 81.80  ? 15  DC  B C5    1 
ATOM   183 C  C6    . DC  A 1 9  ? 1.033   5.934   -7.078  1.00 86.25  ? 15  DC  B C6    1 
ATOM   184 P  P     . DC  A 1 10 ? -4.675  7.965   -4.987  1.00 142.97 ? 16  DC  B P     1 
ATOM   185 O  OP1   . DC  A 1 10 ? -5.846  8.709   -5.502  1.00 153.84 ? 16  DC  B OP1   1 
ATOM   186 O  OP2   . DC  A 1 10 ? -4.283  8.085   -3.565  1.00 122.53 ? 16  DC  B OP2   1 
ATOM   187 O  "O5'" . DC  A 1 10 ? -4.878  6.415   -5.318  1.00 126.78 ? 16  DC  B "O5'" 1 
ATOM   188 C  "C5'" . DC  A 1 10 ? -5.168  6.001   -6.652  1.00 130.52 ? 16  DC  B "C5'" 1 
ATOM   189 C  "C4'" . DC  A 1 10 ? -5.748  4.597   -6.669  1.00 135.06 ? 16  DC  B "C4'" 1 
ATOM   190 O  "O4'" . DC  A 1 10 ? -4.708  3.635   -6.990  1.00 137.76 ? 16  DC  B "O4'" 1 
ATOM   191 C  "C3'" . DC  A 1 10 ? -6.344  4.131   -5.348  1.00 133.47 ? 16  DC  B "C3'" 1 
ATOM   192 O  "O3'" . DC  A 1 10 ? -7.452  3.277   -5.600  1.00 140.31 ? 16  DC  B "O3'" 1 
ATOM   193 C  "C2'" . DC  A 1 10 ? -5.182  3.373   -4.705  1.00 120.40 ? 16  DC  B "C2'" 1 
ATOM   194 C  "C1'" . DC  A 1 10 ? -4.557  2.713   -5.926  1.00 114.54 ? 16  DC  B "C1'" 1 
ATOM   195 N  N1    . DC  A 1 10 ? -3.100  2.406   -5.781  1.00 95.19  ? 16  DC  B N1    1 
ATOM   196 C  C2    . DC  A 1 10 ? -2.594  1.208   -6.296  1.00 89.22  ? 16  DC  B C2    1 
ATOM   197 O  O2    . DC  A 1 10 ? -3.367  0.416   -6.851  1.00 83.43  ? 16  DC  B O2    1 
ATOM   198 N  N3    . DC  A 1 10 ? -1.268  0.948   -6.169  1.00 83.74  ? 16  DC  B N3    1 
ATOM   199 C  C4    . DC  A 1 10 ? -0.468  1.830   -5.567  1.00 86.41  ? 16  DC  B C4    1 
ATOM   200 N  N4    . DC  A 1 10 ? 0.829   1.532   -5.464  1.00 84.19  ? 16  DC  B N4    1 
ATOM   201 C  C5    . DC  A 1 10 ? -0.966  3.058   -5.040  1.00 87.24  ? 16  DC  B C5    1 
ATOM   202 C  C6    . DC  A 1 10 ? -2.275  3.301   -5.169  1.00 91.53  ? 16  DC  B C6    1 
ATOM   203 P  P     . DG  A 1 11 ? -8.612  3.120   -4.501  1.00 150.37 ? 17  DG  B P     1 
ATOM   204 O  OP1   . DG  A 1 11 ? -9.850  3.716   -5.056  1.00 148.94 ? 17  DG  B OP1   1 
ATOM   205 O  OP2   . DG  A 1 11 ? -8.063  3.583   -3.205  1.00 128.65 ? 17  DG  B OP2   1 
ATOM   206 O  "O5'" . DG  A 1 11 ? -8.817  1.541   -4.383  1.00 135.10 ? 17  DG  B "O5'" 1 
ATOM   207 C  "C5'" . DG  A 1 11 ? -9.279  0.790   -5.500  1.00 126.97 ? 17  DG  B "C5'" 1 
ATOM   208 C  "C4'" . DG  A 1 11 ? -8.996  -0.687  -5.295  1.00 118.98 ? 17  DG  B "C4'" 1 
ATOM   209 O  "O4'" . DG  A 1 11 ? -7.564  -0.911  -5.354  1.00 122.93 ? 17  DG  B "O4'" 1 
ATOM   210 C  "C3'" . DG  A 1 11 ? -9.456  -1.253  -3.952  1.00 104.86 ? 17  DG  B "C3'" 1 
ATOM   211 O  "O3'" . DG  A 1 11 ? -9.943  -2.578  -4.117  1.00 104.40 ? 17  DG  B "O3'" 1 
ATOM   212 C  "C2'" . DG  A 1 11 ? -8.185  -1.221  -3.111  1.00 91.75  ? 17  DG  B "C2'" 1 
ATOM   213 C  "C1'" . DG  A 1 11 ? -7.115  -1.502  -4.152  1.00 96.66  ? 17  DG  B "C1'" 1 
ATOM   214 N  N9    . DG  A 1 11 ? -5.817  -0.924  -3.814  1.00 96.29  ? 17  DG  B N9    1 
ATOM   215 C  C8    . DG  A 1 11 ? -5.586  0.293   -3.223  1.00 100.75 ? 17  DG  B C8    1 
ATOM   216 N  N7    . DG  A 1 11 ? -4.320  0.551   -3.037  1.00 93.50  ? 17  DG  B N7    1 
ATOM   217 C  C5    . DG  A 1 11 ? -3.671  -0.567  -3.539  1.00 84.55  ? 17  DG  B C5    1 
ATOM   218 C  C6    . DG  A 1 11 ? -2.292  -0.858  -3.614  1.00 89.04  ? 17  DG  B C6    1 
ATOM   219 O  O6    . DG  A 1 11 ? -1.341  -0.162  -3.237  1.00 98.86  ? 17  DG  B O6    1 
ATOM   220 N  N1    . DG  A 1 11 ? -2.059  -2.102  -4.195  1.00 83.41  ? 17  DG  B N1    1 
ATOM   221 C  C2    . DG  A 1 11 ? -3.038  -2.955  -4.650  1.00 84.40  ? 17  DG  B C2    1 
ATOM   222 N  N2    . DG  A 1 11 ? -2.618  -4.114  -5.183  1.00 88.22  ? 17  DG  B N2    1 
ATOM   223 N  N3    . DG  A 1 11 ? -4.337  -2.693  -4.586  1.00 83.58  ? 17  DG  B N3    1 
ATOM   224 C  C4    . DG  A 1 11 ? -4.578  -1.486  -4.021  1.00 86.33  ? 17  DG  B C4    1 
ATOM   225 P  P     . DA  A 1 12 ? -10.750 -3.284  -2.923  1.00 118.22 ? 18  DA  B P     1 
ATOM   226 O  OP1   . DA  A 1 12 ? -11.251 -4.589  -3.417  1.00 101.74 ? 18  DA  B OP1   1 
ATOM   227 O  OP2   . DA  A 1 12 ? -11.688 -2.271  -2.389  1.00 106.68 ? 18  DA  B OP2   1 
ATOM   228 O  "O5'" . DA  A 1 12 ? -9.637  -3.524  -1.797  1.00 98.90  ? 18  DA  B "O5'" 1 
ATOM   229 C  "C5'" . DA  A 1 12 ? -9.495  -4.795  -1.188  1.00 99.49  ? 18  DA  B "C5'" 1 
ATOM   230 C  "C4'" . DA  A 1 12 ? -8.679  -5.746  -2.056  1.00 97.68  ? 18  DA  B "C4'" 1 
ATOM   231 O  "O4'" . DA  A 1 12 ? -7.524  -5.059  -2.603  1.00 86.06  ? 18  DA  B "O4'" 1 
ATOM   232 C  "C3'" . DA  A 1 12 ? -8.139  -6.956  -1.312  1.00 103.97 ? 18  DA  B "C3'" 1 
ATOM   233 O  "O3'" . DA  A 1 12 ? -8.188  -8.108  -2.119  1.00 104.71 ? 18  DA  B "O3'" 1 
ATOM   234 C  "C2'" . DA  A 1 12 ? -6.706  -6.561  -0.969  1.00 98.85  ? 18  DA  B "C2'" 1 
ATOM   235 C  "C1'" . DA  A 1 12 ? -6.326  -5.627  -2.109  1.00 76.48  ? 18  DA  B "C1'" 1 
ATOM   236 N  N9    . DA  A 1 12 ? -5.463  -4.535  -1.680  1.00 73.92  ? 18  DA  B N9    1 
ATOM   237 C  C8    . DA  A 1 12 ? -5.860  -3.310  -1.230  1.00 82.46  ? 18  DA  B C8    1 
ATOM   238 N  N7    . DA  A 1 12 ? -4.867  -2.516  -0.907  1.00 87.56  ? 18  DA  B N7    1 
ATOM   239 C  C5    . DA  A 1 12 ? -3.740  -3.275  -1.160  1.00 79.60  ? 18  DA  B C5    1 
ATOM   240 C  C6    . DA  A 1 12 ? -2.365  -3.003  -1.025  1.00 79.65  ? 18  DA  B C6    1 
ATOM   241 N  N6    . DA  A 1 12 ? -1.887  -1.839  -0.578  1.00 86.52  ? 18  DA  B N6    1 
ATOM   242 N  N1    . DA  A 1 12 ? -1.501  -3.978  -1.362  1.00 75.71  ? 18  DA  B N1    1 
ATOM   243 C  C2    . DA  A 1 12 ? -1.988  -5.143  -1.812  1.00 84.44  ? 18  DA  B C2    1 
ATOM   244 N  N3    . DA  A 1 12 ? -3.258  -5.514  -1.983  1.00 77.50  ? 18  DA  B N3    1 
ATOM   245 C  C4    . DA  A 1 12 ? -4.090  -4.524  -1.639  1.00 77.55  ? 18  DA  B C4    1 
ATOM   246 P  P     . DC  A 1 13 ? -8.314  -9.545  -1.417  1.00 114.71 ? 19  DC  B P     1 
ATOM   247 O  OP1   . DC  A 1 13 ? -8.704  -10.526 -2.452  1.00 114.45 ? 19  DC  B OP1   1 
ATOM   248 O  OP2   . DC  A 1 13 ? -9.174  -9.380  -0.227  1.00 101.67 ? 19  DC  B OP2   1 
ATOM   249 O  "O5'" . DC  A 1 13 ? -6.832  -9.839  -0.893  1.00 89.79  ? 19  DC  B "O5'" 1 
ATOM   250 C  "C5'" . DC  A 1 13 ? -5.731  -9.738  -1.786  1.00 99.47  ? 19  DC  B "C5'" 1 
ATOM   251 C  "C4'" . DC  A 1 13 ? -4.432  -9.977  -1.045  1.00 92.17  ? 19  DC  B "C4'" 1 
ATOM   252 O  "O4'" . DC  A 1 13 ? -3.730  -8.724  -0.849  1.00 80.88  ? 19  DC  B "O4'" 1 
ATOM   253 C  "C3'" . DC  A 1 13 ? -4.603  -10.588 0.344   1.00 99.67  ? 19  DC  B "C3'" 1 
ATOM   254 O  "O3'" . DC  A 1 13 ? -3.803  -11.754 0.460   1.00 104.41 ? 19  DC  B "O3'" 1 
ATOM   255 C  "C2'" . DC  A 1 13 ? -4.133  -9.481  1.292   1.00 100.28 ? 19  DC  B "C2'" 1 
ATOM   256 C  "C1'" . DC  A 1 13 ? -3.147  -8.731  0.425   1.00 70.65  ? 19  DC  B "C1'" 1 
ATOM   257 N  N1    . DC  A 1 13 ? -2.948  -7.330  0.855   1.00 74.96  ? 19  DC  B N1    1 
ATOM   258 C  C2    . DC  A 1 13 ? -1.656  -6.848  1.084   1.00 76.09  ? 19  DC  B C2    1 
ATOM   259 O  O2    . DC  A 1 13 ? -0.694  -7.600  0.914   1.00 80.51  ? 19  DC  B O2    1 
ATOM   260 N  N3    . DC  A 1 13 ? -1.497  -5.561  1.475   1.00 79.44  ? 19  DC  B N3    1 
ATOM   261 C  C4    . DC  A 1 13 ? -2.568  -4.778  1.644   1.00 84.28  ? 19  DC  B C4    1 
ATOM   262 N  N4    . DC  A 1 13 ? -2.367  -3.514  2.034   1.00 88.10  ? 19  DC  B N4    1 
ATOM   263 C  C5    . DC  A 1 13 ? -3.891  -5.257  1.428   1.00 71.94  ? 19  DC  B C5    1 
ATOM   264 C  C6    . DC  A 1 13 ? -4.030  -6.525  1.040   1.00 77.21  ? 19  DC  B C6    1 
ATOM   265 P  P     . DG  A 1 14 ? -3.864  -12.639 1.799   1.00 102.15 ? 20  DG  B P     1 
ATOM   266 O  OP1   . DG  A 1 14 ? -4.009  -14.048 1.368   1.00 105.62 ? 20  DG  B OP1   1 
ATOM   267 O  OP2   . DG  A 1 14 ? -4.874  -12.050 2.711   1.00 90.63  ? 20  DG  B OP2   1 
ATOM   268 O  "O5'" . DG  A 1 14 ? -2.419  -12.431 2.448   1.00 67.69  ? 20  DG  B "O5'" 1 
ATOM   269 C  "C5'" . DG  A 1 14 ? -1.278  -12.948 1.776   1.00 88.33  ? 20  DG  B "C5'" 1 
ATOM   270 C  "C4'" . DG  A 1 14 ? 0.008   -12.423 2.390   1.00 93.80  ? 20  DG  B "C4'" 1 
ATOM   271 O  "O4'" . DG  A 1 14 ? -0.030  -10.974 2.437   1.00 91.88  ? 20  DG  B "O4'" 1 
ATOM   272 C  "C3'" . DG  A 1 14 ? 0.287   -12.874 3.823   1.00 84.20  ? 20  DG  B "C3'" 1 
ATOM   273 O  "O3'" . DG  A 1 14 ? 1.689   -13.048 3.996   1.00 92.58  ? 20  DG  B "O3'" 1 
ATOM   274 C  "C2'" . DG  A 1 14 ? -0.231  -11.698 4.641   1.00 88.47  ? 20  DG  B "C2'" 1 
ATOM   275 C  "C1'" . DG  A 1 14 ? 0.186   -10.537 3.760   1.00 81.13  ? 20  DG  B "C1'" 1 
ATOM   276 N  N9    . DG  A 1 14 ? -0.608  -9.338  3.968   1.00 82.93  ? 20  DG  B N9    1 
ATOM   277 C  C8    . DG  A 1 14 ? -1.966  -9.218  3.821   1.00 79.38  ? 20  DG  B C8    1 
ATOM   278 N  N7    . DG  A 1 14 ? -2.411  -8.016  4.058   1.00 76.33  ? 20  DG  B N7    1 
ATOM   279 C  C5    . DG  A 1 14 ? -1.271  -7.294  4.382   1.00 77.46  ? 20  DG  B C5    1 
ATOM   280 C  C6    . DG  A 1 14 ? -1.127  -5.933  4.732   1.00 79.21  ? 20  DG  B C6    1 
ATOM   281 O  O6    . DG  A 1 14 ? -2.011  -5.067  4.831   1.00 76.85  ? 20  DG  B O6    1 
ATOM   282 N  N1    . DG  A 1 14 ? 0.204   -5.604  4.981   1.00 74.91  ? 20  DG  B N1    1 
ATOM   283 C  C2    . DG  A 1 14 ? 1.260   -6.480  4.900   1.00 74.58  ? 20  DG  B C2    1 
ATOM   284 N  N2    . DG  A 1 14 ? 2.470   -5.973  5.181   1.00 72.65  ? 20  DG  B N2    1 
ATOM   285 N  N3    . DG  A 1 14 ? 1.139   -7.762  4.571   1.00 75.57  ? 20  DG  B N3    1 
ATOM   286 C  C4    . DG  A 1 14 ? -0.151  -8.095  4.325   1.00 75.74  ? 20  DG  B C4    1 
ATOM   287 P  P     . DG  A 1 15 ? 2.281   -13.669 5.354   1.00 115.08 ? 21  DG  B P     1 
ATOM   288 O  OP1   . DG  A 1 15 ? 3.743   -13.793 5.158   1.00 102.48 ? 21  DG  B OP1   1 
ATOM   289 O  OP2   . DG  A 1 15 ? 1.471   -14.853 5.717   1.00 107.92 ? 21  DG  B OP2   1 
ATOM   290 O  "O5'" . DG  A 1 15 ? 2.008   -12.539 6.454   1.00 95.89  ? 21  DG  B "O5'" 1 
ATOM   291 C  "C5'" . DG  A 1 15 ? 2.741   -12.529 7.667   1.00 91.44  ? 21  DG  B "C5'" 1 
ATOM   292 C  "C4'" . DG  A 1 15 ? 3.906   -11.561 7.581   1.00 94.92  ? 21  DG  B "C4'" 1 
ATOM   293 O  "O4'" . DG  A 1 15 ? 3.471   -10.333 6.945   1.00 93.99  ? 21  DG  B "O4'" 1 
ATOM   294 C  "C3'" . DG  A 1 15 ? 4.467   -11.127 8.919   1.00 102.76 ? 21  DG  B "C3'" 1 
ATOM   295 O  "O3'" . DG  A 1 15 ? 5.802   -10.700 8.760   1.00 111.28 ? 21  DG  B "O3'" 1 
ATOM   296 C  "C2'" . DG  A 1 15 ? 3.553   -9.962  9.286   1.00 99.59  ? 21  DG  B "C2'" 1 
ATOM   297 C  "C1'" . DG  A 1 15 ? 3.300   -9.315  7.923   1.00 91.85  ? 21  DG  B "C1'" 1 
ATOM   298 N  N9    . DG  A 1 15 ? 1.951   -8.773  7.777   1.00 83.11  ? 21  DG  B N9    1 
ATOM   299 C  C8    . DG  A 1 15 ? 0.852   -9.435  7.287   1.00 88.20  ? 21  DG  B C8    1 
ATOM   300 N  N7    . DG  A 1 15 ? -0.231  -8.709  7.264   1.00 81.18  ? 21  DG  B N7    1 
ATOM   301 C  C5    . DG  A 1 15 ? 0.174   -7.484  7.769   1.00 74.60  ? 21  DG  B C5    1 
ATOM   302 C  C6    . DG  A 1 15 ? -0.571  -6.304  7.979   1.00 69.33  ? 21  DG  B C6    1 
ATOM   303 O  O6    . DG  A 1 15 ? -1.771  -6.109  7.749   1.00 71.44  ? 21  DG  B O6    1 
ATOM   304 N  N1    . DG  A 1 15 ? 0.216   -5.283  8.510   1.00 65.70  ? 21  DG  B N1    1 
ATOM   305 C  C2    . DG  A 1 15 ? 1.560   -5.394  8.800   1.00 75.10  ? 21  DG  B C2    1 
ATOM   306 N  N2    . DG  A 1 15 ? 2.149   -4.299  9.307   1.00 61.99  ? 21  DG  B N2    1 
ATOM   307 N  N3    . DG  A 1 15 ? 2.276   -6.502  8.606   1.00 78.69  ? 21  DG  B N3    1 
ATOM   308 C  C4    . DG  A 1 15 ? 1.519   -7.503  8.090   1.00 76.97  ? 21  DG  B C4    1 
ATOM   309 P  P     . DG  A 1 16 ? 6.770   -10.603 10.037  1.00 142.82 ? 22  DG  B P     1 
ATOM   310 O  OP1   . DG  A 1 16 ? 8.160   -10.502 9.542   1.00 160.27 ? 22  DG  B OP1   1 
ATOM   311 O  OP2   . DG  A 1 16 ? 6.389   -11.682 10.974  1.00 141.81 ? 22  DG  B OP2   1 
ATOM   312 O  "O5'" . DG  A 1 16 ? 6.360   -9.223  10.726  1.00 109.06 ? 22  DG  B "O5'" 1 
ATOM   313 C  "C5'" . DG  A 1 16 ? 6.405   -8.012  9.992   1.00 107.08 ? 22  DG  B "C5'" 1 
ATOM   314 C  "C4'" . DG  A 1 16 ? 6.186   -6.840  10.923  1.00 113.19 ? 22  DG  B "C4'" 1 
ATOM   315 O  "O4'" . DG  A 1 16 ? 4.824   -6.359  10.799  1.00 102.89 ? 22  DG  B "O4'" 1 
ATOM   316 C  "C3'" . DG  A 1 16 ? 6.382   -7.168  12.403  1.00 110.65 ? 22  DG  B "C3'" 1 
ATOM   317 O  "O3'" . DG  A 1 16 ? 7.066   -6.114  13.042  1.00 113.47 ? 22  DG  B "O3'" 1 
ATOM   318 C  "C2'" . DG  A 1 16 ? 4.953   -7.308  12.925  1.00 99.03  ? 22  DG  B "C2'" 1 
ATOM   319 C  "C1'" . DG  A 1 16 ? 4.238   -6.271  12.083  1.00 90.59  ? 22  DG  B "C1'" 1 
ATOM   320 N  N9    . DG  A 1 16 ? 2.807   -6.501  11.933  1.00 74.96  ? 22  DG  B N9    1 
ATOM   321 C  C8    . DG  A 1 16 ? 2.199   -7.641  11.474  1.00 79.18  ? 22  DG  B C8    1 
ATOM   322 N  N7    . DG  A 1 16 ? 0.900   -7.554  11.418  1.00 70.49  ? 22  DG  B N7    1 
ATOM   323 C  C5    . DG  A 1 16 ? 0.629   -6.271  11.861  1.00 60.76  ? 22  DG  B C5    1 
ATOM   324 C  C6    . DG  A 1 16 ? -0.608  -5.611  12.016  1.00 67.46  ? 22  DG  B C6    1 
ATOM   325 O  O6    . DG  A 1 16 ? -1.742  -6.051  11.785  1.00 72.98  ? 22  DG  B O6    1 
ATOM   326 N  N1    . DG  A 1 16 ? -0.443  -4.308  12.491  1.00 71.20  ? 22  DG  B N1    1 
ATOM   327 C  C2    . DG  A 1 16 ? 0.775   -3.723  12.784  1.00 77.39  ? 22  DG  B C2    1 
ATOM   328 N  N2    . DG  A 1 16 ? 0.737   -2.456  13.235  1.00 62.86  ? 22  DG  B N2    1 
ATOM   329 N  N3    . DG  A 1 16 ? 1.946   -4.341  12.645  1.00 72.32  ? 22  DG  B N3    1 
ATOM   330 C  C4    . DG  A 1 16 ? 1.795   -5.606  12.181  1.00 64.64  ? 22  DG  B C4    1 
ATOM   331 P  P     . DA  A 1 17 ? 7.951   -6.421  14.343  1.00 126.32 ? 23  DA  B P     1 
ATOM   332 O  OP1   . DA  A 1 17 ? 9.241   -5.703  14.209  1.00 124.72 ? 23  DA  B OP1   1 
ATOM   333 O  OP2   . DA  A 1 17 ? 7.935   -7.892  14.517  1.00 126.68 ? 23  DA  B OP2   1 
ATOM   334 O  "O5'" . DA  A 1 17 ? 7.111   -5.768  15.539  1.00 113.67 ? 23  DA  B "O5'" 1 
ATOM   335 C  "C5'" . DA  A 1 17 ? 7.614   -4.610  16.206  1.00 111.79 ? 23  DA  B "C5'" 1 
ATOM   336 C  "C4'" . DA  A 1 17 ? 6.480   -3.739  16.721  1.00 102.01 ? 23  DA  B "C4'" 1 
ATOM   337 O  "O4'" . DA  A 1 17 ? 5.250   -4.093  16.043  1.00 100.75 ? 23  DA  B "O4'" 1 
ATOM   338 C  "C3'" . DA  A 1 17 ? 6.194   -3.857  18.221  1.00 103.47 ? 23  DA  B "C3'" 1 
ATOM   339 O  "O3'" . DA  A 1 17 ? 6.073   -2.563  18.784  1.00 115.30 ? 23  DA  B "O3'" 1 
ATOM   340 C  "C2'" . DA  A 1 17 ? 4.867   -4.619  18.280  1.00 99.15  ? 23  DA  B "C2'" 1 
ATOM   341 C  "C1'" . DA  A 1 17 ? 4.204   -4.189  16.980  1.00 90.96  ? 23  DA  B "C1'" 1 
ATOM   342 N  N9    . DA  A 1 17 ? 3.232   -5.151  16.466  1.00 79.92  ? 23  DA  B N9    1 
ATOM   343 C  C8    . DA  A 1 17 ? 3.484   -6.425  16.046  1.00 79.68  ? 23  DA  B C8    1 
ATOM   344 N  N7    . DA  A 1 17 ? 2.421   -7.063  15.619  1.00 72.63  ? 23  DA  B N7    1 
ATOM   345 C  C5    . DA  A 1 17 ? 1.398   -6.139  15.758  1.00 68.83  ? 23  DA  B C5    1 
ATOM   346 C  C6    . DA  A 1 17 ? 0.013   -6.200  15.480  1.00 68.32  ? 23  DA  B C6    1 
ATOM   347 N  N6    . DA  A 1 17 ? -0.593  -7.283  14.978  1.00 67.62  ? 23  DA  B N6    1 
ATOM   348 N  N1    . DA  A 1 17 ? -0.726  -5.100  15.740  1.00 55.64  ? 23  DA  B N1    1 
ATOM   349 C  C2    . DA  A 1 17 ? -0.113  -4.019  16.241  1.00 67.67  ? 23  DA  B C2    1 
ATOM   350 N  N3    . DA  A 1 17 ? 1.177   -3.847  16.548  1.00 71.20  ? 23  DA  B N3    1 
ATOM   351 C  C4    . DA  A 1 17 ? 1.884   -4.952  16.277  1.00 67.54  ? 23  DA  B C4    1 
ATOM   352 P  P     . DC  A 1 18 ? 6.784   -2.215  20.181  1.00 140.47 ? 24  DC  B P     1 
ATOM   353 O  OP1   . DC  A 1 18 ? 7.472   -0.914  20.017  1.00 135.62 ? 24  DC  B OP1   1 
ATOM   354 O  OP2   . DC  A 1 18 ? 7.552   -3.412  20.603  1.00 130.92 ? 24  DC  B OP2   1 
ATOM   355 O  "O5'" . DC  A 1 18 ? 5.563   -1.999  21.194  1.00 115.29 ? 24  DC  B "O5'" 1 
ATOM   356 C  "C5'" . DC  A 1 18 ? 4.683   -3.073  21.484  1.00 110.10 ? 24  DC  B "C5'" 1 
ATOM   357 C  "C4'" . DC  A 1 18 ? 3.239   -2.637  21.339  1.00 112.78 ? 24  DC  B "C4'" 1 
ATOM   358 O  "O4'" . DC  A 1 18 ? 2.638   -3.346  20.249  1.00 95.96  ? 24  DC  B "O4'" 1 
ATOM   359 C  "C3'" . DC  A 1 18 ? 2.360   -2.952  22.540  1.00 109.92 ? 24  DC  B "C3'" 1 
ATOM   360 O  "O3'" . DC  A 1 18 ? 2.308   -1.830  23.406  1.00 108.25 ? 24  DC  B "O3'" 1 
ATOM   361 C  "C2'" . DC  A 1 18 ? 0.980   -3.260  21.935  1.00 97.52  ? 24  DC  B "C2'" 1 
ATOM   362 C  "C1'" . DC  A 1 18 ? 1.243   -3.351  20.430  1.00 82.09  ? 24  DC  B "C1'" 1 
ATOM   363 N  N1    . DC  A 1 18 ? 0.712   -4.577  19.811  1.00 67.43  ? 24  DC  B N1    1 
ATOM   364 C  C2    . DC  A 1 18 ? -0.658  -4.685  19.533  1.00 74.40  ? 24  DC  B C2    1 
ATOM   365 O  O2    . DC  A 1 18 ? -1.413  -3.745  19.826  1.00 74.56  ? 24  DC  B O2    1 
ATOM   366 N  N3    . DC  A 1 18 ? -1.119  -5.823  18.951  1.00 58.34  ? 24  DC  B N3    1 
ATOM   367 C  C4    . DC  A 1 18 ? -0.273  -6.809  18.654  1.00 58.36  ? 24  DC  B C4    1 
ATOM   368 N  N4    . DC  A 1 18 ? -0.770  -7.906  18.084  1.00 64.51  ? 24  DC  B N4    1 
ATOM   369 C  C5    . DC  A 1 18 ? 1.118   -6.715  18.929  1.00 67.59  ? 24  DC  B C5    1 
ATOM   370 C  C6    . DC  A 1 18 ? 1.564   -5.590  19.497  1.00 71.03  ? 24  DC  B C6    1 
ATOM   371 P  P     . DT  A 1 19 ? 1.906   -2.023  24.947  1.00 132.38 ? 25  DT  B P     1 
ATOM   372 O  OP1   . DT  A 1 19 ? 2.205   -0.751  25.640  1.00 139.16 ? 25  DT  B OP1   1 
ATOM   373 O  OP2   . DT  A 1 19 ? 2.516   -3.287  25.415  1.00 144.35 ? 25  DT  B OP2   1 
ATOM   374 O  "O5'" . DT  A 1 19 ? 0.321   -2.225  24.910  1.00 109.50 ? 25  DT  B "O5'" 1 
ATOM   375 C  "C5'" . DT  A 1 19 ? -0.509  -1.189  24.419  1.00 104.49 ? 25  DT  B "C5'" 1 
ATOM   376 C  "C4'" . DT  A 1 19 ? -1.941  -1.667  24.309  1.00 106.47 ? 25  DT  B "C4'" 1 
ATOM   377 O  "O4'" . DT  A 1 19 ? -2.006  -2.765  23.376  1.00 97.39  ? 25  DT  B "O4'" 1 
ATOM   378 C  "C3'" . DT  A 1 19 ? -2.554  -2.187  25.616  1.00 108.69 ? 25  DT  B "C3'" 1 
ATOM   379 O  "O3'" . DT  A 1 19 ? -3.712  -1.434  25.934  1.00 115.42 ? 25  DT  B "O3'" 1 
ATOM   380 C  "C2'" . DT  A 1 19 ? -2.899  -3.655  25.316  1.00 97.18  ? 25  DT  B "C2'" 1 
ATOM   381 C  "C1'" . DT  A 1 19 ? -3.001  -3.651  23.803  1.00 89.83  ? 25  DT  B "C1'" 1 
ATOM   382 N  N1    . DT  A 1 19 ? -2.759  -4.982  23.154  1.00 68.18  ? 25  DT  B N1    1 
ATOM   383 C  C2    . DT  A 1 19 ? -3.817  -5.659  22.596  1.00 66.79  ? 25  DT  B C2    1 
ATOM   384 O  O2    . DT  A 1 19 ? -4.958  -5.243  22.619  1.00 83.07  ? 25  DT  B O2    1 
ATOM   385 N  N3    . DT  A 1 19 ? -3.495  -6.853  22.009  1.00 61.06  ? 25  DT  B N3    1 
ATOM   386 C  C4    . DT  A 1 19 ? -2.244  -7.427  21.923  1.00 70.05  ? 25  DT  B C4    1 
ATOM   387 O  O4    . DT  A 1 19 ? -2.050  -8.513  21.371  1.00 61.54  ? 25  DT  B O4    1 
ATOM   388 C  C5    . DT  A 1 19 ? -1.175  -6.659  22.526  1.00 67.09  ? 25  DT  B C5    1 
ATOM   389 C  C7    . DT  A 1 19 ? 0.230   -7.174  22.497  1.00 57.04  ? 25  DT  B C7    1 
ATOM   390 C  C6    . DT  A 1 19 ? -1.483  -5.487  23.102  1.00 60.13  ? 25  DT  B C6    1 
ATOM   391 P  P     . DC  A 1 20 ? -4.406  -1.589  27.374  1.00 130.71 ? 26  DC  B P     1 
ATOM   392 O  OP1   . DC  A 1 20 ? -5.191  -0.362  27.630  1.00 128.86 ? 26  DC  B OP1   1 
ATOM   393 O  OP2   . DC  A 1 20 ? -3.363  -2.007  28.337  1.00 125.35 ? 26  DC  B OP2   1 
ATOM   394 O  "O5'" . DC  A 1 20 ? -5.423  -2.801  27.168  1.00 115.23 ? 26  DC  B "O5'" 1 
ATOM   395 C  "C5'" . DC  A 1 20 ? -6.319  -2.782  26.071  1.00 109.46 ? 26  DC  B "C5'" 1 
ATOM   396 C  "C4'" . DC  A 1 20 ? -7.169  -4.032  26.064  1.00 117.28 ? 26  DC  B "C4'" 1 
ATOM   397 O  "O4'" . DC  A 1 20 ? -6.458  -5.106  25.396  1.00 110.21 ? 26  DC  B "O4'" 1 
ATOM   398 C  "C3'" . DC  A 1 20 ? -7.536  -4.565  27.452  1.00 116.18 ? 26  DC  B "C3'" 1 
ATOM   399 O  "O3'" . DC  A 1 20 ? -8.908  -4.938  27.472  1.00 116.74 ? 26  DC  B "O3'" 1 
ATOM   400 C  "C2'" . DC  A 1 20 ? -6.622  -5.783  27.608  1.00 108.55 ? 26  DC  B "C2'" 1 
ATOM   401 C  "C1'" . DC  A 1 20 ? -6.564  -6.276  26.173  1.00 102.77 ? 26  DC  B "C1'" 1 
ATOM   402 N  N1    . DC  A 1 20 ? -5.397  -7.164  25.870  1.00 86.00  ? 26  DC  B N1    1 
ATOM   403 C  C2    . DC  A 1 20 ? -5.600  -8.362  25.164  1.00 86.20  ? 26  DC  B C2    1 
ATOM   404 O  O2    . DC  A 1 20 ? -6.746  -8.668  24.805  1.00 91.58  ? 26  DC  B O2    1 
ATOM   405 N  N3    . DC  A 1 20 ? -4.531  -9.154  24.892  1.00 81.00  ? 26  DC  B N3    1 
ATOM   406 C  C4    . DC  A 1 20 ? -3.310  -8.787  25.294  1.00 82.08  ? 26  DC  B C4    1 
ATOM   407 N  N4    . DC  A 1 20 ? -2.285  -9.598  25.002  1.00 80.94  ? 26  DC  B N4    1 
ATOM   408 C  C5    . DC  A 1 20 ? -3.085  -7.574  26.011  1.00 72.03  ? 26  DC  B C5    1 
ATOM   409 C  C6    . DC  A 1 20 ? -4.147  -6.802  26.274  1.00 82.17  ? 26  DC  B C6    1 
ATOM   410 P  P     . DA  A 1 21 ? -9.740  -4.901  28.846  1.00 116.00 ? 27  DA  B P     1 
ATOM   411 O  OP1   . DA  A 1 21 ? -10.400 -3.578  28.953  1.00 109.11 ? 27  DA  B OP1   1 
ATOM   412 O  OP2   . DA  A 1 21 ? -8.838  -5.387  29.913  1.00 113.04 ? 27  DA  B OP2   1 
ATOM   413 O  "O5'" . DA  A 1 21 ? -10.875 -6.006  28.632  1.00 116.22 ? 27  DA  B "O5'" 1 
ATOM   414 C  "C5'" . DA  A 1 21 ? -11.659 -6.002  27.445  1.00 107.06 ? 27  DA  B "C5'" 1 
ATOM   415 C  "C4'" . DA  A 1 21 ? -11.796 -7.407  26.888  1.00 105.41 ? 27  DA  B "C4'" 1 
ATOM   416 O  "O4'" . DA  A 1 21 ? -10.478 -7.972  26.674  1.00 107.26 ? 27  DA  B "O4'" 1 
ATOM   417 C  "C3'" . DA  A 1 21 ? -12.526 -8.403  27.789  1.00 108.57 ? 27  DA  B "C3'" 1 
ATOM   418 O  "O3'" . DA  A 1 21 ? -13.262 -9.325  26.987  1.00 127.96 ? 27  DA  B "O3'" 1 
ATOM   419 C  "C2'" . DA  A 1 21 ? -11.379 -9.099  28.511  1.00 100.52 ? 27  DA  B "C2'" 1 
ATOM   420 C  "C1'" . DA  A 1 21 ? -10.354 -9.180  27.395  1.00 101.85 ? 27  DA  B "C1'" 1 
ATOM   421 N  N9    . DA  A 1 21 ? -8.983  -9.275  27.869  1.00 99.34  ? 27  DA  B N9    1 
ATOM   422 C  C8    . DA  A 1 21 ? -8.370  -8.458  28.775  1.00 98.19  ? 27  DA  B C8    1 
ATOM   423 N  N7    . DA  A 1 21 ? -7.117  -8.768  29.007  1.00 94.68  ? 27  DA  B N7    1 
ATOM   424 C  C5    . DA  A 1 21 ? -6.890  -9.863  28.188  1.00 86.11  ? 27  DA  B C5    1 
ATOM   425 C  C6    . DA  A 1 21 ? -5.752  -10.659 27.966  1.00 85.01  ? 27  DA  B C6    1 
ATOM   426 N  N6    . DA  A 1 21 ? -4.584  -10.457 28.584  1.00 83.48  ? 27  DA  B N6    1 
ATOM   427 N  N1    . DA  A 1 21 ? -5.861  -11.677 27.081  1.00 81.06  ? 27  DA  B N1    1 
ATOM   428 C  C2    . DA  A 1 21 ? -7.035  -11.872 26.464  1.00 82.34  ? 27  DA  B C2    1 
ATOM   429 N  N3    . DA  A 1 21 ? -8.173  -11.186 26.591  1.00 81.69  ? 27  DA  B N3    1 
ATOM   430 C  C4    . DA  A 1 21 ? -8.030  -10.187 27.476  1.00 89.09  ? 27  DA  B C4    1 
ATOM   431 O  "O5'" . DT  B 2 1  ? 4.303   -15.524 33.317  1.00 121.63 ? 28  DT  C "O5'" 1 
ATOM   432 C  "C5'" . DT  B 2 1  ? 4.545   -15.799 31.941  1.00 127.11 ? 28  DT  C "C5'" 1 
ATOM   433 C  "C4'" . DT  B 2 1  ? 3.886   -17.103 31.532  1.00 124.22 ? 28  DT  C "C4'" 1 
ATOM   434 O  "O4'" . DT  B 2 1  ? 2.696   -17.292 32.317  1.00 116.76 ? 28  DT  C "O4'" 1 
ATOM   435 C  "C3'" . DT  B 2 1  ? 3.439   -17.156 30.081  1.00 125.20 ? 28  DT  C "C3'" 1 
ATOM   436 O  "O3'" . DT  B 2 1  ? 4.459   -17.743 29.289  1.00 132.35 ? 28  DT  C "O3'" 1 
ATOM   437 C  "C2'" . DT  B 2 1  ? 2.190   -18.040 30.113  1.00 117.02 ? 28  DT  C "C2'" 1 
ATOM   438 C  "C1'" . DT  B 2 1  ? 1.720   -17.977 31.568  1.00 107.42 ? 28  DT  C "C1'" 1 
ATOM   439 N  N1    . DT  B 2 1  ? 0.416   -17.283 31.773  1.00 103.81 ? 28  DT  C N1    1 
ATOM   440 C  C2    . DT  B 2 1  ? -0.739  -17.844 31.277  1.00 108.06 ? 28  DT  C C2    1 
ATOM   441 O  O2    . DT  B 2 1  ? -0.761  -18.888 30.647  1.00 109.23 ? 28  DT  C O2    1 
ATOM   442 N  N3    . DT  B 2 1  ? -1.882  -17.132 31.544  1.00 97.14  ? 28  DT  C N3    1 
ATOM   443 C  C4    . DT  B 2 1  ? -1.980  -15.943 32.248  1.00 96.60  ? 28  DT  C C4    1 
ATOM   444 O  O4    . DT  B 2 1  ? -3.052  -15.375 32.438  1.00 91.82  ? 28  DT  C O4    1 
ATOM   445 C  C5    . DT  B 2 1  ? -0.732  -15.417 32.743  1.00 97.12  ? 28  DT  C C5    1 
ATOM   446 C  C7    . DT  B 2 1  ? -0.714  -14.135 33.515  1.00 97.26  ? 28  DT  C C7    1 
ATOM   447 C  C6    . DT  B 2 1  ? 0.390   -16.105 32.488  1.00 100.21 ? 28  DT  C C6    1 
ATOM   448 P  P     . DC  B 2 2  ? 4.641   -17.305 27.756  1.00 147.98 ? 29  DC  C P     1 
ATOM   449 O  OP1   . DC  B 2 2  ? 5.853   -17.980 27.240  1.00 141.34 ? 29  DC  C OP1   1 
ATOM   450 O  OP2   . DC  B 2 2  ? 4.536   -15.829 27.713  1.00 156.86 ? 29  DC  C OP2   1 
ATOM   451 O  "O5'" . DC  B 2 2  ? 3.360   -17.924 27.020  1.00 128.26 ? 29  DC  C "O5'" 1 
ATOM   452 C  "C5'" . DC  B 2 2  ? 3.155   -19.335 27.013  1.00 128.44 ? 29  DC  C "C5'" 1 
ATOM   453 C  "C4'" . DC  B 2 2  ? 1.761   -19.672 26.517  1.00 123.61 ? 29  DC  C "C4'" 1 
ATOM   454 O  "O4'" . DC  B 2 2  ? 0.777   -19.069 27.391  1.00 111.62 ? 29  DC  C "O4'" 1 
ATOM   455 C  "C3'" . DC  B 2 2  ? 1.442   -19.189 25.098  1.00 113.41 ? 29  DC  C "C3'" 1 
ATOM   456 O  "O3'" . DC  B 2 2  ? 0.957   -20.278 24.315  1.00 121.37 ? 29  DC  C "O3'" 1 
ATOM   457 C  "C2'" . DC  B 2 2  ? 0.371   -18.109 25.301  1.00 106.46 ? 29  DC  C "C2'" 1 
ATOM   458 C  "C1'" . DC  B 2 2  ? -0.262  -18.517 26.622  1.00 104.66 ? 29  DC  C "C1'" 1 
ATOM   459 N  N1    . DC  B 2 2  ? -0.836  -17.368 27.383  1.00 107.01 ? 29  DC  C N1    1 
ATOM   460 C  C2    . DC  B 2 2  ? -2.228  -17.209 27.464  1.00 96.42  ? 29  DC  C C2    1 
ATOM   461 O  O2    . DC  B 2 2  ? -2.965  -18.027 26.900  1.00 89.12  ? 29  DC  C O2    1 
ATOM   462 N  N3    . DC  B 2 2  ? -2.726  -16.158 28.163  1.00 90.77  ? 29  DC  C N3    1 
ATOM   463 C  C4    . DC  B 2 2  ? -1.894  -15.295 28.760  1.00 90.67  ? 29  DC  C C4    1 
ATOM   464 N  N4    . DC  B 2 2  ? -2.432  -14.275 29.434  1.00 86.71  ? 29  DC  C N4    1 
ATOM   465 C  C5    . DC  B 2 2  ? -0.477  -15.440 28.688  1.00 84.17  ? 29  DC  C C5    1 
ATOM   466 C  C6    . DC  B 2 2  ? 0.002   -16.480 27.997  1.00 101.84 ? 29  DC  C C6    1 
ATOM   467 P  P     . DT  B 2 3  ? 0.950   -20.198 22.707  1.00 142.37 ? 30  DT  C P     1 
ATOM   468 O  OP1   . DT  B 2 3  ? 2.063   -21.033 22.202  1.00 143.43 ? 30  DT  C OP1   1 
ATOM   469 O  OP2   . DT  B 2 3  ? 0.863   -18.775 22.311  1.00 145.12 ? 30  DT  C OP2   1 
ATOM   470 O  "O5'" . DT  B 2 3  ? -0.442  -20.879 22.307  1.00 125.82 ? 30  DT  C "O5'" 1 
ATOM   471 C  "C5'" . DT  B 2 3  ? -1.543  -20.801 23.205  1.00 118.76 ? 30  DT  C "C5'" 1 
ATOM   472 C  "C4'" . DT  B 2 3  ? -2.738  -20.122 22.556  1.00 122.41 ? 30  DT  C "C4'" 1 
ATOM   473 O  "O4'" . DT  B 2 3  ? -3.240  -19.071 23.422  1.00 110.23 ? 30  DT  C "O4'" 1 
ATOM   474 C  "C3'" . DT  B 2 3  ? -2.467  -19.453 21.197  1.00 125.07 ? 30  DT  C "C3'" 1 
ATOM   475 O  "O3'" . DT  B 2 3  ? -3.407  -19.933 20.225  1.00 138.99 ? 30  DT  C "O3'" 1 
ATOM   476 C  "C2'" . DT  B 2 3  ? -2.666  -17.962 21.485  1.00 107.49 ? 30  DT  C "C2'" 1 
ATOM   477 C  "C1'" . DT  B 2 3  ? -3.672  -18.011 22.613  1.00 97.42  ? 30  DT  C "C1'" 1 
ATOM   478 N  N1    . DT  B 2 3  ? -3.736  -16.756 23.425  1.00 90.22  ? 30  DT  C N1    1 
ATOM   479 C  C2    . DT  B 2 3  ? -4.959  -16.170 23.654  1.00 89.13  ? 30  DT  C C2    1 
ATOM   480 O  O2    . DT  B 2 3  ? -6.005  -16.630 23.237  1.00 100.84 ? 30  DT  C O2    1 
ATOM   481 N  N3    . DT  B 2 3  ? -4.918  -15.024 24.402  1.00 74.47  ? 30  DT  C N3    1 
ATOM   482 C  C4    . DT  B 2 3  ? -3.798  -14.412 24.928  1.00 79.20  ? 30  DT  C C4    1 
ATOM   483 O  O4    . DT  B 2 3  ? -3.863  -13.379 25.590  1.00 84.21  ? 30  DT  C O4    1 
ATOM   484 C  C5    . DT  B 2 3  ? -2.545  -15.076 24.647  1.00 73.26  ? 30  DT  C C5    1 
ATOM   485 C  C7    . DT  B 2 3  ? -1.263  -14.507 25.163  1.00 61.09  ? 30  DT  C C7    1 
ATOM   486 C  C6    . DT  B 2 3  ? -2.574  -16.200 23.916  1.00 86.46  ? 30  DT  C C6    1 
ATOM   487 P  P     . DG  B 2 4  ? -3.571  -19.199 18.801  1.00 157.64 ? 31  DG  C P     1 
ATOM   488 O  OP1   . DG  B 2 4  ? -4.022  -20.217 17.826  1.00 157.12 ? 31  DG  C OP1   1 
ATOM   489 O  OP2   . DG  B 2 4  ? -2.336  -18.431 18.526  1.00 168.97 ? 31  DG  C OP2   1 
ATOM   490 O  "O5'" . DG  B 2 4  ? -4.780  -18.173 19.028  1.00 140.77 ? 31  DG  C "O5'" 1 
ATOM   491 C  "C5'" . DG  B 2 4  ? -6.091  -18.672 19.300  1.00 138.19 ? 31  DG  C "C5'" 1 
ATOM   492 C  "C4'" . DG  B 2 4  ? -7.116  -17.547 19.368  1.00 131.22 ? 31  DG  C "C4'" 1 
ATOM   493 O  "O4'" . DG  B 2 4  ? -6.697  -16.547 20.332  1.00 113.13 ? 31  DG  C "O4'" 1 
ATOM   494 C  "C3'" . DG  B 2 4  ? -7.359  -16.792 18.068  1.00 127.92 ? 31  DG  C "C3'" 1 
ATOM   495 O  "O3'" . DG  B 2 4  ? -8.724  -16.380 18.017  1.00 130.52 ? 31  DG  C "O3'" 1 
ATOM   496 C  "C2'" . DG  B 2 4  ? -6.412  -15.597 18.194  1.00 112.07 ? 31  DG  C "C2'" 1 
ATOM   497 C  "C1'" . DG  B 2 4  ? -6.480  -15.306 19.692  1.00 91.68  ? 31  DG  C "C1'" 1 
ATOM   498 N  N9    . DG  B 2 4  ? -5.256  -14.738 20.244  1.00 85.84  ? 31  DG  C N9    1 
ATOM   499 C  C8    . DG  B 2 4  ? -3.985  -15.239 20.113  1.00 88.76  ? 31  DG  C C8    1 
ATOM   500 N  N7    . DG  B 2 4  ? -3.077  -14.537 20.735  1.00 77.77  ? 31  DG  C N7    1 
ATOM   501 C  C5    . DG  B 2 4  ? -3.793  -13.503 21.324  1.00 72.25  ? 31  DG  C C5    1 
ATOM   502 C  C6    . DG  B 2 4  ? -3.344  -12.426 22.126  1.00 76.18  ? 31  DG  C C6    1 
ATOM   503 O  O6    . DG  B 2 4  ? -2.184  -12.166 22.485  1.00 76.97  ? 31  DG  C O6    1 
ATOM   504 N  N1    . DG  B 2 4  ? -4.402  -11.602 22.520  1.00 71.21  ? 31  DG  C N1    1 
ATOM   505 C  C2    . DG  B 2 4  ? -5.723  -11.798 22.180  1.00 69.99  ? 31  DG  C C2    1 
ATOM   506 N  N2    . DG  B 2 4  ? -6.599  -10.897 22.658  1.00 67.36  ? 31  DG  C N2    1 
ATOM   507 N  N3    . DG  B 2 4  ? -6.154  -12.805 21.427  1.00 64.90  ? 31  DG  C N3    1 
ATOM   508 C  C4    . DG  B 2 4  ? -5.140  -13.615 21.036  1.00 75.40  ? 31  DG  C C4    1 
ATOM   509 P  P     . DA  B 2 5  ? -9.415  -15.974 16.623  1.00 140.20 ? 32  DA  C P     1 
ATOM   510 O  OP1   . DA  B 2 5  ? -10.445 -16.987 16.303  1.00 161.09 ? 32  DA  C OP1   1 
ATOM   511 O  OP2   . DA  B 2 5  ? -8.345  -15.676 15.650  1.00 148.10 ? 32  DA  C OP2   1 
ATOM   512 O  "O5'" . DA  B 2 5  ? -10.157 -14.606 16.967  1.00 111.36 ? 32  DA  C "O5'" 1 
ATOM   513 C  "C5'" . DA  B 2 5  ? -9.570  -13.718 17.893  1.00 105.75 ? 32  DA  C "C5'" 1 
ATOM   514 C  "C4'" . DA  B 2 5  ? -10.449 -12.509 18.120  1.00 105.89 ? 32  DA  C "C4'" 1 
ATOM   515 O  "O4'" . DA  B 2 5  ? -9.768  -11.604 19.010  1.00 96.19  ? 32  DA  C "O4'" 1 
ATOM   516 C  "C3'" . DA  B 2 5  ? -10.727 -11.683 16.879  1.00 108.98 ? 32  DA  C "C3'" 1 
ATOM   517 O  "O3'" . DA  B 2 5  ? -11.898 -10.900 17.055  1.00 112.57 ? 32  DA  C "O3'" 1 
ATOM   518 C  "C2'" . DA  B 2 5  ? -9.486  -10.804 16.786  1.00 94.26  ? 32  DA  C "C2'" 1 
ATOM   519 C  "C1'" . DA  B 2 5  ? -9.076  -10.631 18.252  1.00 87.81  ? 32  DA  C "C1'" 1 
ATOM   520 N  N9    . DA  B 2 5  ? -7.640  -10.800 18.453  1.00 75.27  ? 32  DA  C N9    1 
ATOM   521 C  C8    . DA  B 2 5  ? -6.846  -11.778 17.921  1.00 71.00  ? 32  DA  C C8    1 
ATOM   522 N  N7    . DA  B 2 5  ? -5.581  -11.670 18.248  1.00 68.35  ? 32  DA  C N7    1 
ATOM   523 C  C5    . DA  B 2 5  ? -5.540  -10.536 19.041  1.00 62.18  ? 32  DA  C C5    1 
ATOM   524 C  C6    . DA  B 2 5  ? -4.482  -9.882  19.705  1.00 70.74  ? 32  DA  C C6    1 
ATOM   525 N  N6    . DA  B 2 5  ? -3.215  -10.310 19.664  1.00 74.66  ? 32  DA  C N6    1 
ATOM   526 N  N1    . DA  B 2 5  ? -4.781  -8.768  20.419  1.00 62.95  ? 32  DA  C N1    1 
ATOM   527 C  C2    . DA  B 2 5  ? -6.056  -8.348  20.455  1.00 66.48  ? 32  DA  C C2    1 
ATOM   528 N  N3    . DA  B 2 5  ? -7.132  -8.882  19.867  1.00 67.27  ? 32  DA  C N3    1 
ATOM   529 C  C4    . DA  B 2 5  ? -6.801  -9.984  19.172  1.00 66.30  ? 32  DA  C C4    1 
ATOM   530 P  P     . DG  B 2 6  ? -12.330 -9.840  15.927  1.00 105.41 ? 33  DG  C P     1 
ATOM   531 O  OP1   . DG  B 2 6  ? -13.782 -9.607  16.066  1.00 115.39 ? 33  DG  C OP1   1 
ATOM   532 O  OP2   . DG  B 2 6  ? -11.786 -10.306 14.634  1.00 127.59 ? 33  DG  C OP2   1 
ATOM   533 O  "O5'" . DG  B 2 6  ? -11.564 -8.503  16.345  1.00 93.51  ? 33  DG  C "O5'" 1 
ATOM   534 C  "C5'" . DG  B 2 6  ? -11.877 -7.881  17.577  1.00 96.71  ? 33  DG  C "C5'" 1 
ATOM   535 C  "C4'" . DG  B 2 6  ? -10.986 -6.678  17.828  1.00 96.55  ? 33  DG  C "C4'" 1 
ATOM   536 O  "O4'" . DG  B 2 6  ? -9.629  -7.108  18.028  1.00 91.37  ? 33  DG  C "O4'" 1 
ATOM   537 C  "C3'" . DG  B 2 6  ? -10.940 -5.634  16.706  1.00 87.14  ? 33  DG  C "C3'" 1 
ATOM   538 O  "O3'" . DG  B 2 6  ? -11.441 -4.407  17.207  1.00 96.48  ? 33  DG  C "O3'" 1 
ATOM   539 C  "C2'" . DG  B 2 6  ? -9.445  -5.536  16.338  1.00 77.84  ? 33  DG  C "C2'" 1 
ATOM   540 C  "C1'" . DG  B 2 6  ? -8.781  -6.083  17.593  1.00 77.21  ? 33  DG  C "C1'" 1 
ATOM   541 N  N9    . DG  B 2 6  ? -7.461  -6.662  17.389  1.00 64.78  ? 33  DG  C N9    1 
ATOM   542 C  C8    . DG  B 2 6  ? -7.176  -7.854  16.773  1.00 61.00  ? 33  DG  C C8    1 
ATOM   543 N  N7    . DG  B 2 6  ? -5.905  -8.142  16.759  1.00 54.91  ? 33  DG  C N7    1 
ATOM   544 C  C5    . DG  B 2 6  ? -5.310  -7.080  17.422  1.00 53.50  ? 33  DG  C C5    1 
ATOM   545 C  C6    . DG  B 2 6  ? -3.951  -6.847  17.716  1.00 56.26  ? 33  DG  C C6    1 
ATOM   546 O  O6    . DG  B 2 6  ? -2.977  -7.556  17.433  1.00 61.48  ? 33  DG  C O6    1 
ATOM   547 N  N1    . DG  B 2 6  ? -3.769  -5.652  18.408  1.00 52.39  ? 33  DG  C N1    1 
ATOM   548 C  C2    . DG  B 2 6  ? -4.783  -4.790  18.773  1.00 64.10  ? 33  DG  C C2    1 
ATOM   549 N  N2    . DG  B 2 6  ? -4.409  -3.682  19.440  1.00 67.94  ? 33  DG  C N2    1 
ATOM   550 N  N3    . DG  B 2 6  ? -6.070  -5.001  18.503  1.00 56.68  ? 33  DG  C N3    1 
ATOM   551 C  C4    . DG  B 2 6  ? -6.257  -6.163  17.827  1.00 54.39  ? 33  DG  C C4    1 
ATOM   552 P  P     . DT  B 2 7  ? -11.629 -3.143  16.241  1.00 95.72  ? 34  DT  C P     1 
ATOM   553 O  OP1   . DT  B 2 7  ? -12.685 -2.291  16.828  1.00 82.14  ? 34  DT  C OP1   1 
ATOM   554 O  OP2   . DT  B 2 7  ? -11.774 -3.649  14.857  1.00 102.49 ? 34  DT  C OP2   1 
ATOM   555 O  "O5'" . DT  B 2 7  ? -10.240 -2.367  16.371  1.00 80.07  ? 34  DT  C "O5'" 1 
ATOM   556 C  "C5'" . DT  B 2 7  ? -9.862  -1.831  17.628  1.00 71.46  ? 34  DT  C "C5'" 1 
ATOM   557 C  "C4'" . DT  B 2 7  ? -8.644  -0.930  17.504  1.00 80.93  ? 34  DT  C "C4'" 1 
ATOM   558 O  "O4'" . DT  B 2 7  ? -7.431  -1.728  17.414  1.00 78.24  ? 34  DT  C "O4'" 1 
ATOM   559 C  "C3'" . DT  B 2 7  ? -8.613  -0.017  16.284  1.00 79.63  ? 34  DT  C "C3'" 1 
ATOM   560 O  "O3'" . DT  B 2 7  ? -7.975  1.189   16.653  1.00 75.65  ? 34  DT  C "O3'" 1 
ATOM   561 C  "C2'" . DT  B 2 7  ? -7.749  -0.820  15.310  1.00 71.17  ? 34  DT  C "C2'" 1 
ATOM   562 C  "C1'" . DT  B 2 7  ? -6.701  -1.331  16.272  1.00 59.95  ? 34  DT  C "C1'" 1 
ATOM   563 N  N1    . DT  B 2 7  ? -5.898  -2.506  15.793  1.00 57.68  ? 34  DT  C N1    1 
ATOM   564 C  C2    . DT  B 2 7  ? -4.534  -2.504  15.990  1.00 57.92  ? 34  DT  C C2    1 
ATOM   565 O  O2    . DT  B 2 7  ? -3.939  -1.580  16.511  1.00 69.36  ? 34  DT  C O2    1 
ATOM   566 N  N3    . DT  B 2 7  ? -3.885  -3.621  15.552  1.00 51.60  ? 34  DT  C N3    1 
ATOM   567 C  C4    . DT  B 2 7  ? -4.445  -4.731  14.956  1.00 58.66  ? 34  DT  C C4    1 
ATOM   568 O  O4    . DT  B 2 7  ? -3.772  -5.699  14.593  1.00 59.01  ? 34  DT  C O4    1 
ATOM   569 C  C5    . DT  B 2 7  ? -5.876  -4.676  14.781  1.00 51.67  ? 34  DT  C C5    1 
ATOM   570 C  C7    . DT  B 2 7  ? -6.591  -5.825  14.142  1.00 54.61  ? 34  DT  C C7    1 
ATOM   571 C  C6    . DT  B 2 7  ? -6.530  -3.582  15.210  1.00 50.26  ? 34  DT  C C6    1 
ATOM   572 P  P     . DC  B 2 8  ? -8.344  2.566   15.924  1.00 84.66  ? 35  DC  C P     1 
ATOM   573 O  OP1   . DC  B 2 8  ? -8.779  3.557   16.938  1.00 71.73  ? 35  DC  C OP1   1 
ATOM   574 O  OP2   . DC  B 2 8  ? -9.233  2.214   14.791  1.00 82.67  ? 35  DC  C OP2   1 
ATOM   575 O  "O5'" . DC  B 2 8  ? -6.942  3.044   15.334  1.00 83.85  ? 35  DC  C "O5'" 1 
ATOM   576 C  "C5'" . DC  B 2 8  ? -6.187  2.147   14.538  1.00 78.13  ? 35  DC  C "C5'" 1 
ATOM   577 C  "C4'" . DC  B 2 8  ? -4.714  2.452   14.624  1.00 83.34  ? 35  DC  C "C4'" 1 
ATOM   578 O  "O4'" . DC  B 2 8  ? -3.975  1.204   14.670  1.00 76.94  ? 35  DC  C "O4'" 1 
ATOM   579 C  "C3'" . DC  B 2 8  ? -4.158  3.182   13.418  1.00 78.64  ? 35  DC  C "C3'" 1 
ATOM   580 O  "O3'" . DC  B 2 8  ? -2.950  3.806   13.770  1.00 80.24  ? 35  DC  C "O3'" 1 
ATOM   581 C  "C2'" . DC  B 2 8  ? -3.900  2.019   12.486  1.00 78.25  ? 35  DC  C "C2'" 1 
ATOM   582 C  "C1'" . DC  B 2 8  ? -3.260  1.048   13.461  1.00 60.28  ? 35  DC  C "C1'" 1 
ATOM   583 N  N1    . DC  B 2 8  ? -3.356  -0.349  13.030  1.00 58.02  ? 35  DC  C N1    1 
ATOM   584 C  C2    . DC  B 2 8  ? -2.200  -1.133  12.983  1.00 65.65  ? 35  DC  C C2    1 
ATOM   585 O  O2    . DC  B 2 8  ? -1.117  -0.633  13.321  1.00 68.50  ? 35  DC  C O2    1 
ATOM   586 N  N3    . DC  B 2 8  ? -2.297  -2.423  12.576  1.00 54.19  ? 35  DC  C N3    1 
ATOM   587 C  C4    . DC  B 2 8  ? -3.484  -2.922  12.227  1.00 63.33  ? 35  DC  C C4    1 
ATOM   588 N  N4    . DC  B 2 8  ? -3.533  -4.198  11.833  1.00 63.49  ? 35  DC  C N4    1 
ATOM   589 C  C5    . DC  B 2 8  ? -4.677  -2.135  12.265  1.00 55.79  ? 35  DC  C C5    1 
ATOM   590 C  C6    . DC  B 2 8  ? -4.565  -0.864  12.666  1.00 50.42  ? 35  DC  C C6    1 
ATOM   591 P  P     . DG  C 3 1  ? 0.381   -3.498  -17.002 1.00 105.75 ? 36  DG  D P     1 
ATOM   592 O  OP1   . DG  C 3 1  ? 1.805   -3.083  -16.962 1.00 82.83  ? 36  DG  D OP1   1 
ATOM   593 O  OP2   . DG  C 3 1  ? -0.075  -4.556  -17.940 1.00 73.11  ? 36  DG  D OP2   1 
ATOM   594 O  "O5'" . DG  C 3 1  ? -0.044  -3.933  -15.522 1.00 84.80  ? 36  DG  D "O5'" 1 
ATOM   595 C  "C5'" . DG  C 3 1  ? -1.335  -4.479  -15.288 1.00 83.86  ? 36  DG  D "C5'" 1 
ATOM   596 C  "C4'" . DG  C 3 1  ? -2.153  -3.566  -14.392 1.00 81.36  ? 36  DG  D "C4'" 1 
ATOM   597 O  "O4'" . DG  C 3 1  ? -1.433  -3.322  -13.175 1.00 76.22  ? 36  DG  D "O4'" 1 
ATOM   598 C  "C3'" . DG  C 3 1  ? -2.411  -2.192  -14.954 1.00 82.43  ? 36  DG  D "C3'" 1 
ATOM   599 O  "O3'" . DG  C 3 1  ? -3.563  -2.228  -15.763 1.00 82.00  ? 36  DG  D "O3'" 1 
ATOM   600 C  "C2'" . DG  C 3 1  ? -2.628  -1.345  -13.697 1.00 77.05  ? 36  DG  D "C2'" 1 
ATOM   601 C  "C1'" . DG  C 3 1  ? -1.827  -2.087  -12.628 1.00 65.82  ? 36  DG  D "C1'" 1 
ATOM   602 N  N9    . DG  C 3 1  ? -0.621  -1.401  -12.192 1.00 74.61  ? 36  DG  D N9    1 
ATOM   603 C  C8    . DG  C 3 1  ? 0.667   -1.805  -12.431 1.00 77.15  ? 36  DG  D C8    1 
ATOM   604 N  N7    . DG  C 3 1  ? 1.567   -1.024  -11.908 1.00 67.17  ? 36  DG  D N7    1 
ATOM   605 C  C5    . DG  C 3 1  ? 0.830   -0.039  -11.272 1.00 80.79  ? 36  DG  D C5    1 
ATOM   606 C  C6    . DG  C 3 1  ? 1.271   1.083   -10.534 1.00 85.58  ? 36  DG  D C6    1 
ATOM   607 O  O6    . DG  C 3 1  ? 2.440   1.430   -10.294 1.00 79.56  ? 36  DG  D O6    1 
ATOM   608 N  N1    . DG  C 3 1  ? 0.199   1.838   -10.051 1.00 75.41  ? 36  DG  D N1    1 
ATOM   609 C  C2    . DG  C 3 1  ? -1.128  1.543   -10.262 1.00 80.67  ? 36  DG  D C2    1 
ATOM   610 N  N2    . DG  C 3 1  ? -2.015  2.391   -9.717  1.00 81.33  ? 36  DG  D N2    1 
ATOM   611 N  N3    . DG  C 3 1  ? -1.558  0.487   -10.959 1.00 77.69  ? 36  DG  D N3    1 
ATOM   612 C  C4    . DG  C 3 1  ? -0.525  -0.256  -11.433 1.00 77.24  ? 36  DG  D C4    1 
ATOM   613 P  P     . DG  C 3 2  ? -3.622  -1.328  -17.085 1.00 106.16 ? 37  DG  D P     1 
ATOM   614 O  OP1   . DG  C 3 2  ? -4.764  -1.780  -17.911 1.00 84.92  ? 37  DG  D OP1   1 
ATOM   615 O  OP2   . DG  C 3 2  ? -2.257  -1.303  -17.657 1.00 96.96  ? 37  DG  D OP2   1 
ATOM   616 O  "O5'" . DG  C 3 2  ? -3.953  0.117   -16.516 1.00 72.66  ? 37  DG  D "O5'" 1 
ATOM   617 C  "C5'" . DG  C 3 2  ? -5.119  0.299   -15.757 1.00 81.10  ? 37  DG  D "C5'" 1 
ATOM   618 C  "C4'" . DG  C 3 2  ? -4.964  1.497   -14.861 1.00 86.97  ? 37  DG  D "C4'" 1 
ATOM   619 O  "O4'" . DG  C 3 2  ? -3.666  1.456   -14.266 1.00 77.83  ? 37  DG  D "O4'" 1 
ATOM   620 C  "C3'" . DG  C 3 2  ? -5.009  2.837   -15.580 1.00 102.27 ? 37  DG  D "C3'" 1 
ATOM   621 O  "O3'" . DG  C 3 2  ? -6.300  3.398   -15.448 1.00 113.00 ? 37  DG  D "O3'" 1 
ATOM   622 C  "C2'" . DG  C 3 2  ? -3.932  3.692   -14.873 1.00 94.95  ? 37  DG  D "C2'" 1 
ATOM   623 C  "C1'" . DG  C 3 2  ? -3.362  2.741   -13.820 1.00 80.48  ? 37  DG  D "C1'" 1 
ATOM   624 N  N9    . DG  C 3 2  ? -1.916  2.821   -13.636 1.00 72.61  ? 37  DG  D N9    1 
ATOM   625 C  C8    . DG  C 3 2  ? -0.973  1.992   -14.184 1.00 71.14  ? 37  DG  D C8    1 
ATOM   626 N  N7    . DG  C 3 2  ? 0.245   2.279   -13.826 1.00 70.44  ? 37  DG  D N7    1 
ATOM   627 C  C5    . DG  C 3 2  ? 0.102   3.364   -12.974 1.00 71.83  ? 37  DG  D C5    1 
ATOM   628 C  C6    . DG  C 3 2  ? 1.082   4.109   -12.275 1.00 79.82  ? 37  DG  D C6    1 
ATOM   629 O  O6    . DG  C 3 2  ? 2.311   3.951   -12.273 1.00 77.41  ? 37  DG  D O6    1 
ATOM   630 N  N1    . DG  C 3 2  ? 0.510   5.130   -11.521 1.00 77.46  ? 37  DG  D N1    1 
ATOM   631 C  C2    . DG  C 3 2  ? -0.840  5.395   -11.451 1.00 81.94  ? 37  DG  D C2    1 
ATOM   632 N  N2    . DG  C 3 2  ? -1.204  6.421   -10.669 1.00 84.85  ? 37  DG  D N2    1 
ATOM   633 N  N3    . DG  C 3 2  ? -1.768  4.704   -12.103 1.00 76.50  ? 37  DG  D N3    1 
ATOM   634 C  C4    . DG  C 3 2  ? -1.225  3.706   -12.842 1.00 72.46  ? 37  DG  D C4    1 
ATOM   635 P  P     . DT  C 3 3  ? -6.785  4.543   -16.458 1.00 118.47 ? 38  DT  D P     1 
ATOM   636 O  OP1   . DT  C 3 3  ? -8.258  4.634   -16.335 1.00 114.47 ? 38  DT  D OP1   1 
ATOM   637 O  OP2   . DT  C 3 3  ? -6.168  4.258   -17.772 1.00 119.20 ? 38  DT  D OP2   1 
ATOM   638 O  "O5'" . DT  C 3 3  ? -6.142  5.876   -15.852 1.00 100.17 ? 38  DT  D "O5'" 1 
ATOM   639 C  "C5'" . DT  C 3 3  ? -6.462  6.255   -14.523 1.00 93.75  ? 38  DT  D "C5'" 1 
ATOM   640 C  "C4'" . DT  C 3 3  ? -5.554  7.365   -14.034 1.00 96.42  ? 38  DT  D "C4'" 1 
ATOM   641 O  "O4'" . DT  C 3 3  ? -4.210  6.876   -13.905 1.00 92.30  ? 38  DT  D "O4'" 1 
ATOM   642 C  "C3'" . DT  C 3 3  ? -5.462  8.594   -14.945 1.00 105.50 ? 38  DT  D "C3'" 1 
ATOM   643 O  "O3'" . DT  C 3 3  ? -6.061  9.701   -14.291 1.00 113.25 ? 38  DT  D "O3'" 1 
ATOM   644 C  "C2'" . DT  C 3 3  ? -3.945  8.806   -15.156 1.00 102.36 ? 38  DT  D "C2'" 1 
ATOM   645 C  "C1'" . DT  C 3 3  ? -3.342  7.962   -14.044 1.00 88.98  ? 38  DT  D "C1'" 1 
ATOM   646 N  N1    . DT  C 3 3  ? -1.984  7.418   -14.327 1.00 84.30  ? 38  DT  D N1    1 
ATOM   647 C  C2    . DT  C 3 3  ? -0.904  7.899   -13.628 1.00 81.66  ? 38  DT  D C2    1 
ATOM   648 O  O2    . DT  C 3 3  ? -0.985  8.788   -12.803 1.00 86.07  ? 38  DT  D O2    1 
ATOM   649 N  N3    . DT  C 3 3  ? 0.291   7.307   -13.939 1.00 78.30  ? 38  DT  D N3    1 
ATOM   650 C  C4    . DT  C 3 3  ? 0.506   6.291   -14.853 1.00 79.74  ? 38  DT  D C4    1 
ATOM   651 O  O4    . DT  C 3 3  ? 1.622   5.819   -15.068 1.00 79.89  ? 38  DT  D O4    1 
ATOM   652 C  C5    . DT  C 3 3  ? -0.675  5.825   -15.540 1.00 74.04  ? 38  DT  D C5    1 
ATOM   653 C  C7    . DT  C 3 3  ? -0.572  4.730   -16.556 1.00 70.94  ? 38  DT  D C7    1 
ATOM   654 C  C6    . DT  C 3 3  ? -1.847  6.401   -15.242 1.00 79.76  ? 38  DT  D C6    1 
ATOM   655 P  P     . DC  C 3 4  ? -6.329  11.071  -15.082 1.00 111.23 ? 39  DC  D P     1 
ATOM   656 O  OP1   . DC  C 3 4  ? -7.438  11.761  -14.384 1.00 106.24 ? 39  DC  D OP1   1 
ATOM   657 O  OP2   . DC  C 3 4  ? -6.462  10.743  -16.519 1.00 95.03  ? 39  DC  D OP2   1 
ATOM   658 O  "O5'" . DC  C 3 4  ? -4.986  11.908  -14.846 1.00 89.85  ? 39  DC  D "O5'" 1 
ATOM   659 C  "C5'" . DC  C 3 4  ? -4.549  12.166  -13.520 1.00 98.18  ? 39  DC  D "C5'" 1 
ATOM   660 C  "C4'" . DC  C 3 4  ? -3.150  12.764  -13.502 1.00 110.19 ? 39  DC  D "C4'" 1 
ATOM   661 O  "O4'" . DC  C 3 4  ? -2.182  11.782  -13.916 1.00 98.50  ? 39  DC  D "O4'" 1 
ATOM   662 C  "C3'" . DC  C 3 4  ? -2.934  13.975  -14.418 1.00 121.81 ? 39  DC  D "C3'" 1 
ATOM   663 O  "O3'" . DC  C 3 4  ? -2.699  15.136  -13.617 1.00 136.85 ? 39  DC  D "O3'" 1 
ATOM   664 C  "C2'" . DC  C 3 4  ? -1.706  13.594  -15.275 1.00 115.18 ? 39  DC  D "C2'" 1 
ATOM   665 C  "C1'" . DC  C 3 4  ? -1.092  12.457  -14.474 1.00 95.90  ? 39  DC  D "C1'" 1 
ATOM   666 N  N1    . DC  C 3 4  ? -0.299  11.467  -15.274 1.00 99.19  ? 39  DC  D N1    1 
ATOM   667 C  C2    . DC  C 3 4  ? 1.063   11.284  -14.996 1.00 101.83 ? 39  DC  D C2    1 
ATOM   668 O  O2    . DC  C 3 4  ? 1.599   11.970  -14.117 1.00 107.33 ? 39  DC  D O2    1 
ATOM   669 N  N3    . DC  C 3 4  ? 1.761   10.364  -15.708 1.00 87.68  ? 39  DC  D N3    1 
ATOM   670 C  C4    . DC  C 3 4  ? 1.152   9.641   -16.649 1.00 92.24  ? 39  DC  D C4    1 
ATOM   671 N  N4    . DC  C 3 4  ? 1.886   8.746   -17.324 1.00 88.76  ? 39  DC  D N4    1 
ATOM   672 C  C5    . DC  C 3 4  ? -0.237  9.804   -16.940 1.00 89.35  ? 39  DC  D C5    1 
ATOM   673 C  C6    . DC  C 3 4  ? -0.918  10.714  -16.229 1.00 90.77  ? 39  DC  D C6    1 
ATOM   674 P  P     . DT  C 3 5  ? -2.329  16.545  -14.296 1.00 159.48 ? 40  DT  D P     1 
ATOM   675 O  OP1   . DT  C 3 5  ? -2.705  17.610  -13.337 1.00 165.15 ? 40  DT  D OP1   1 
ATOM   676 O  OP2   . DT  C 3 5  ? -2.900  16.554  -15.662 1.00 149.05 ? 40  DT  D OP2   1 
ATOM   677 O  "O5'" . DT  C 3 5  ? -0.733  16.500  -14.399 1.00 139.67 ? 40  DT  D "O5'" 1 
ATOM   678 C  "C5'" . DT  C 3 5  ? -0.041  17.395  -15.258 1.00 145.49 ? 40  DT  D "C5'" 1 
ATOM   679 C  "C4'" . DT  C 3 5  ? 1.454   17.169  -15.149 1.00 144.99 ? 40  DT  D "C4'" 1 
ATOM   680 O  "O4'" . DT  C 3 5  ? 1.707   15.748  -15.013 1.00 130.06 ? 40  DT  D "O4'" 1 
ATOM   681 C  "C3'" . DT  C 3 5  ? 2.265   17.605  -16.362 1.00 140.92 ? 40  DT  D "C3'" 1 
ATOM   682 O  "O3'" . DT  C 3 5  ? 2.635   19.013  -16.268 1.00 143.19 ? 40  DT  D "O3'" 1 
ATOM   683 C  "C2'" . DT  C 3 5  ? 3.465   16.662  -16.310 1.00 130.07 ? 40  DT  D "C2'" 1 
ATOM   684 C  "C1'" . DT  C 3 5  ? 2.835   15.377  -15.787 1.00 120.19 ? 40  DT  D "C1'" 1 
ATOM   685 N  N1    . DT  C 3 5  ? 2.396   14.409  -16.851 1.00 112.71 ? 40  DT  D N1    1 
ATOM   686 C  C2    . DT  C 3 5  ? 3.283   13.459  -17.297 1.00 116.08 ? 40  DT  D C2    1 
ATOM   687 O  O2    . DT  C 3 5  ? 4.430   13.377  -16.893 1.00 115.13 ? 40  DT  D O2    1 
ATOM   688 N  N3    . DT  C 3 5  ? 2.782   12.606  -18.248 1.00 107.62 ? 40  DT  D N3    1 
ATOM   689 C  C4    . DT  C 3 5  ? 1.506   12.601  -18.779 1.00 101.98 ? 40  DT  D C4    1 
ATOM   690 O  O4    . DT  C 3 5  ? 1.150   11.791  -19.631 1.00 97.51  ? 40  DT  D O4    1 
ATOM   691 C  C5    . DT  C 3 5  ? 0.622   13.616  -18.260 1.00 105.74 ? 40  DT  D C5    1 
ATOM   692 C  C7    . DT  C 3 5  ? -0.787  13.708  -18.760 1.00 101.71 ? 40  DT  D C7    1 
ATOM   693 C  C6    . DT  C 3 5  ? 1.101   14.458  -17.330 1.00 109.19 ? 40  DT  D C6    1 
ATOM   694 P  P     . DG  C 3 6  ? 3.823   19.542  -15.309 1.00 154.86 ? 41  DG  D P     1 
ATOM   695 O  OP1   . DG  C 3 6  ? 3.817   18.805  -14.024 1.00 171.66 ? 41  DG  D OP1   1 
ATOM   696 O  OP2   . DG  C 3 6  ? 3.674   21.015  -15.280 1.00 163.75 ? 41  DG  D OP2   1 
ATOM   697 O  "O5'" . DG  C 3 6  ? 5.176   19.219  -16.113 1.00 151.40 ? 41  DG  D "O5'" 1 
ATOM   698 C  "C5'" . DG  C 3 6  ? 6.438   19.711  -15.627 1.00 151.41 ? 41  DG  D "C5'" 1 
ATOM   699 C  "C4'" . DG  C 3 6  ? 7.606   18.895  -16.176 1.00 150.52 ? 41  DG  D "C4'" 1 
ATOM   700 O  "O4'" . DG  C 3 6  ? 7.111   17.684  -16.801 1.00 138.61 ? 41  DG  D "O4'" 1 
ATOM   701 C  "C3'" . DG  C 3 6  ? 8.447   19.588  -17.243 1.00 148.44 ? 41  DG  D "C3'" 1 
ATOM   702 O  "O3'" . DG  C 3 6  ? 9.794   19.122  -17.183 1.00 149.23 ? 41  DG  D "O3'" 1 
ATOM   703 C  "C2'" . DG  C 3 6  ? 7.763   19.153  -18.533 1.00 134.43 ? 41  DG  D "C2'" 1 
ATOM   704 C  "C1'" . DG  C 3 6  ? 7.340   17.724  -18.199 1.00 128.85 ? 41  DG  D "C1'" 1 
ATOM   705 N  N9    . DG  C 3 6  ? 6.106   17.312  -18.859 1.00 120.67 ? 41  DG  D N9    1 
ATOM   706 C  C8    . DG  C 3 6  ? 4.896   17.955  -18.807 1.00 126.90 ? 41  DG  D C8    1 
ATOM   707 N  N7    . DG  C 3 6  ? 3.952   17.352  -19.474 1.00 119.03 ? 41  DG  D N7    1 
ATOM   708 C  C5    . DG  C 3 6  ? 4.580   16.240  -20.014 1.00 112.08 ? 41  DG  D C5    1 
ATOM   709 C  C6    . DG  C 3 6  ? 4.059   15.216  -20.842 1.00 107.45 ? 41  DG  D C6    1 
ATOM   710 O  O6    . DG  C 3 6  ? 2.903   15.091  -21.272 1.00 108.34 ? 41  DG  D O6    1 
ATOM   711 N  N1    . DG  C 3 6  ? 5.033   14.275  -21.167 1.00 91.56  ? 41  DG  D N1    1 
ATOM   712 C  C2    . DG  C 3 6  ? 6.341   14.320  -20.748 1.00 98.63  ? 41  DG  D C2    1 
ATOM   713 N  N2    . DG  C 3 6  ? 7.130   13.323  -21.171 1.00 95.23  ? 41  DG  D N2    1 
ATOM   714 N  N3    . DG  C 3 6  ? 6.844   15.276  -19.972 1.00 101.21 ? 41  DG  D N3    1 
ATOM   715 C  C4    . DG  C 3 6  ? 5.908   16.199  -19.645 1.00 109.15 ? 41  DG  D C4    1 
ATOM   716 P  P     . DC  C 3 7  ? 10.980  19.967  -17.869 1.00 159.33 ? 42  DC  D P     1 
ATOM   717 O  OP1   . DC  C 3 7  ? 12.223  19.673  -17.121 1.00 154.87 ? 42  DC  D OP1   1 
ATOM   718 O  OP2   . DC  C 3 7  ? 10.521  21.366  -18.021 1.00 157.99 ? 42  DC  D OP2   1 
ATOM   719 O  "O5'" . DC  C 3 7  ? 11.116  19.329  -19.328 1.00 133.93 ? 42  DC  D "O5'" 1 
ATOM   720 C  "C5'" . DC  C 3 7  ? 11.635  18.018  -19.477 1.00 131.36 ? 42  DC  D "C5'" 1 
ATOM   721 C  "C4'" . DC  C 3 7  ? 11.421  17.512  -20.890 1.00 132.31 ? 42  DC  D "C4'" 1 
ATOM   722 O  "O4'" . DC  C 3 7  ? 10.028  17.180  -21.082 1.00 126.76 ? 42  DC  D "O4'" 1 
ATOM   723 C  "C3'" . DC  C 3 7  ? 11.777  18.512  -21.998 1.00 136.90 ? 42  DC  D "C3'" 1 
ATOM   724 O  "O3'" . DC  C 3 7  ? 12.815  17.982  -22.815 1.00 150.24 ? 42  DC  D "O3'" 1 
ATOM   725 C  "C2'" . DC  C 3 7  ? 10.470  18.687  -22.788 1.00 130.50 ? 42  DC  D "C2'" 1 
ATOM   726 C  "C1'" . DC  C 3 7  ? 9.699   17.430  -22.420 1.00 120.73 ? 42  DC  D "C1'" 1 
ATOM   727 N  N1    . DC  C 3 7  ? 8.219   17.578  -22.526 1.00 113.61 ? 42  DC  D N1    1 
ATOM   728 C  C2    . DC  C 3 7  ? 7.488   16.678  -23.309 1.00 103.29 ? 42  DC  D C2    1 
ATOM   729 O  O2    . DC  C 3 7  ? 8.085   15.773  -23.901 1.00 105.59 ? 42  DC  D O2    1 
ATOM   730 N  N3    . DC  C 3 7  ? 6.144   16.825  -23.396 1.00 96.35  ? 42  DC  D N3    1 
ATOM   731 C  C4    . DC  C 3 7  ? 5.537   17.817  -22.739 1.00 104.69 ? 42  DC  D C4    1 
ATOM   732 N  N4    . DC  C 3 7  ? 4.209   17.921  -22.853 1.00 105.48 ? 42  DC  D N4    1 
ATOM   733 C  C5    . DC  C 3 7  ? 6.265   18.743  -21.936 1.00 104.79 ? 42  DC  D C5    1 
ATOM   734 C  C6    . DC  C 3 7  ? 7.590   18.587  -21.859 1.00 111.50 ? 42  DC  D C6    1 
ATOM   735 P  P     . DC  D 4 1  ? -2.891  4.560   7.740   1.00 106.14 ? 1   DC  A P     1 
ATOM   736 O  OP1   . DC  D 4 1  ? -3.886  5.476   8.344   1.00 83.07  ? 1   DC  A OP1   1 
ATOM   737 O  OP2   . DC  D 4 1  ? -3.287  3.238   7.197   1.00 87.13  ? 1   DC  A OP2   1 
ATOM   738 O  "O5'" . DC  D 4 1  ? -1.716  4.317   8.796   1.00 101.14 ? 1   DC  A "O5'" 1 
ATOM   739 C  "C5'" . DC  D 4 1  ? -1.986  3.648   10.019  1.00 88.58  ? 1   DC  A "C5'" 1 
ATOM   740 C  "C4'" . DC  D 4 1  ? -0.879  2.664   10.348  1.00 80.27  ? 1   DC  A "C4'" 1 
ATOM   741 O  "O4'" . DC  D 4 1  ? -1.448  1.369   10.583  1.00 77.30  ? 1   DC  A "O4'" 1 
ATOM   742 C  "C3'" . DC  D 4 1  ? 0.110   2.430   9.228   1.00 90.70  ? 1   DC  A "C3'" 1 
ATOM   743 O  "O3'" . DC  D 4 1  ? 1.123   3.410   9.270   1.00 93.88  ? 1   DC  A "O3'" 1 
ATOM   744 C  "C2'" . DC  D 4 1  ? 0.659   1.032   9.536   1.00 79.51  ? 1   DC  A "C2'" 1 
ATOM   745 C  "C1'" . DC  D 4 1  ? -0.460  0.385   10.357  1.00 72.66  ? 1   DC  A "C1'" 1 
ATOM   746 N  N1    . DC  D 4 1  ? -1.124  -0.794  9.718   1.00 60.84  ? 1   DC  A N1    1 
ATOM   747 C  C2    . DC  D 4 1  ? -0.399  -1.980  9.478   1.00 66.88  ? 1   DC  A C2    1 
ATOM   748 O  O2    . DC  D 4 1  ? 0.808   -2.030  9.762   1.00 66.22  ? 1   DC  A O2    1 
ATOM   749 N  N3    . DC  D 4 1  ? -1.042  -3.041  8.922   1.00 56.40  ? 1   DC  A N3    1 
ATOM   750 C  C4    . DC  D 4 1  ? -2.340  -2.957  8.628   1.00 64.24  ? 1   DC  A C4    1 
ATOM   751 N  N4    . DC  D 4 1  ? -2.932  -4.028  8.086   1.00 61.69  ? 1   DC  A N4    1 
ATOM   752 C  C5    . DC  D 4 1  ? -3.091  -1.769  8.878   1.00 70.04  ? 1   DC  A C5    1 
ATOM   753 C  C6    . DC  D 4 1  ? -2.449  -0.727  9.425   1.00 53.84  ? 1   DC  A C6    1 
ATOM   754 P  P     . DC  D 4 2  ? 1.540   4.162   7.918   1.00 96.11  ? 2   DC  A P     1 
ATOM   755 O  OP1   . DC  D 4 2  ? 2.235   5.411   8.297   1.00 91.60  ? 2   DC  A OP1   1 
ATOM   756 O  OP2   . DC  D 4 2  ? 0.335   4.194   7.060   1.00 81.06  ? 2   DC  A OP2   1 
ATOM   757 O  "O5'" . DC  D 4 2  ? 2.580   3.163   7.227   1.00 75.35  ? 2   DC  A "O5'" 1 
ATOM   758 C  "C5'" . DC  D 4 2  ? 3.910   3.077   7.714   1.00 78.31  ? 2   DC  A "C5'" 1 
ATOM   759 C  "C4'" . DC  D 4 2  ? 4.459   1.677   7.521   1.00 90.41  ? 2   DC  A "C4'" 1 
ATOM   760 O  "O4'" . DC  D 4 2  ? 3.398   0.730   7.703   1.00 89.26  ? 2   DC  A "O4'" 1 
ATOM   761 C  "C3'" . DC  D 4 2  ? 5.005   1.380   6.134   1.00 90.60  ? 2   DC  A "C3'" 1 
ATOM   762 O  "O3'" . DC  D 4 2  ? 6.390   1.702   6.084   1.00 96.74  ? 2   DC  A "O3'" 1 
ATOM   763 C  "C2'" . DC  D 4 2  ? 4.782   -0.133  5.978   1.00 82.32  ? 2   DC  A "C2'" 1 
ATOM   764 C  "C1'" . DC  D 4 2  ? 3.732   -0.469  7.044   1.00 76.68  ? 2   DC  A "C1'" 1 
ATOM   765 N  N1    . DC  D 4 2  ? 2.474   -1.072  6.506   1.00 64.85  ? 2   DC  A N1    1 
ATOM   766 C  C2    . DC  D 4 2  ? 2.463   -2.401  6.074   1.00 59.96  ? 2   DC  A C2    1 
ATOM   767 O  O2    . DC  D 4 2  ? 3.507   -3.060  6.121   1.00 64.31  ? 2   DC  A O2    1 
ATOM   768 N  N3    . DC  D 4 2  ? 1.307   -2.928  5.608   1.00 58.58  ? 2   DC  A N3    1 
ATOM   769 C  C4    . DC  D 4 2  ? 0.198   -2.186  5.575   1.00 74.02  ? 2   DC  A C4    1 
ATOM   770 N  N4    . DC  D 4 2  ? -0.925  -2.751  5.106   1.00 78.28  ? 2   DC  A N4    1 
ATOM   771 C  C5    . DC  D 4 2  ? 0.188   -0.833  6.018   1.00 69.76  ? 2   DC  A C5    1 
ATOM   772 C  C6    . DC  D 4 2  ? 1.336   -0.324  6.472   1.00 62.30  ? 2   DC  A C6    1 
ATOM   773 P  P     . DG  D 4 3  ? 7.055   2.238   4.724   1.00 107.72 ? 3   DG  A P     1 
ATOM   774 O  OP1   . DG  D 4 3  ? 8.500   2.422   4.990   1.00 111.25 ? 3   DG  A OP1   1 
ATOM   775 O  OP2   . DG  D 4 3  ? 6.230   3.364   4.234   1.00 108.24 ? 3   DG  A OP2   1 
ATOM   776 O  "O5'" . DG  D 4 3  ? 6.889   1.026   3.698   1.00 89.48  ? 3   DG  A "O5'" 1 
ATOM   777 C  "C5'" . DG  D 4 3  ? 7.998   0.173   3.419   1.00 84.55  ? 3   DG  A "C5'" 1 
ATOM   778 C  "C4'" . DG  D 4 3  ? 7.514   -1.220  3.074   1.00 94.89  ? 3   DG  A "C4'" 1 
ATOM   779 O  "O4'" . DG  D 4 3  ? 6.156   -1.349  3.510   1.00 79.32  ? 3   DG  A "O4'" 1 
ATOM   780 C  "C3'" . DG  D 4 3  ? 7.479   -1.549  1.585   1.00 104.26 ? 3   DG  A "C3'" 1 
ATOM   781 O  "O3'" . DG  D 4 3  ? 8.687   -2.208  1.207   1.00 105.90 ? 3   DG  A "O3'" 1 
ATOM   782 C  "C2'" . DG  D 4 3  ? 6.263   -2.483  1.435   1.00 90.91  ? 3   DG  A "C2'" 1 
ATOM   783 C  "C1'" . DG  D 4 3  ? 5.530   -2.367  2.776   1.00 71.70  ? 3   DG  A "C1'" 1 
ATOM   784 N  N9    . DG  D 4 3  ? 4.128   -2.017  2.650   1.00 65.23  ? 3   DG  A N9    1 
ATOM   785 C  C8    . DG  D 4 3  ? 3.559   -0.813  2.965   1.00 68.26  ? 3   DG  A C8    1 
ATOM   786 N  N7    . DG  D 4 3  ? 2.274   -0.780  2.767   1.00 74.82  ? 3   DG  A N7    1 
ATOM   787 C  C5    . DG  D 4 3  ? 1.969   -2.044  2.293   1.00 69.06  ? 3   DG  A C5    1 
ATOM   788 C  C6    . DG  D 4 3  ? 0.729   -2.591  1.907   1.00 74.32  ? 3   DG  A C6    1 
ATOM   789 O  O6    . DG  D 4 3  ? -0.381  -2.044  1.908   1.00 78.73  ? 3   DG  A O6    1 
ATOM   790 N  N1    . DG  D 4 3  ? 0.858   -3.909  1.485   1.00 81.60  ? 3   DG  A N1    1 
ATOM   791 C  C2    . DG  D 4 3  ? 2.044   -4.610  1.443   1.00 81.35  ? 3   DG  A C2    1 
ATOM   792 N  N2    . DG  D 4 3  ? 1.969   -5.877  1.008   1.00 85.13  ? 3   DG  A N2    1 
ATOM   793 N  N3    . DG  D 4 3  ? 3.219   -4.105  1.803   1.00 71.32  ? 3   DG  A N3    1 
ATOM   794 C  C4    . DG  D 4 3  ? 3.104   -2.823  2.216   1.00 68.85  ? 3   DG  A C4    1 
ATOM   795 P  P     . DT  D 4 4  ? 9.119   -2.282  -0.340  1.00 120.84 ? 4   DT  A P     1 
ATOM   796 O  OP1   . DT  D 4 4  ? 10.503  -2.798  -0.385  1.00 120.26 ? 4   DT  A OP1   1 
ATOM   797 O  OP2   . DT  D 4 4  ? 8.809   -0.970  -0.949  1.00 109.69 ? 4   DT  A OP2   1 
ATOM   798 O  "O5'" . DT  D 4 4  ? 8.141   -3.382  -0.974  1.00 101.31 ? 4   DT  A "O5'" 1 
ATOM   799 C  "C5'" . DT  D 4 4  ? 8.288   -4.747  -0.613  1.00 101.12 ? 4   DT  A "C5'" 1 
ATOM   800 C  "C4'" . DT  D 4 4  ? 7.242   -5.611  -1.296  1.00 101.72 ? 4   DT  A "C4'" 1 
ATOM   801 O  "O4'" . DT  D 4 4  ? 5.917   -5.146  -0.938  1.00 94.99  ? 4   DT  A "O4'" 1 
ATOM   802 C  "C3'" . DT  D 4 4  ? 7.288   -5.627  -2.831  1.00 93.23  ? 4   DT  A "C3'" 1 
ATOM   803 O  "O3'" . DT  D 4 4  ? 7.320   -6.977  -3.301  1.00 96.84  ? 4   DT  A "O3'" 1 
ATOM   804 C  "C2'" . DT  D 4 4  ? 5.988   -4.926  -3.236  1.00 95.83  ? 4   DT  A "C2'" 1 
ATOM   805 C  "C1'" . DT  D 4 4  ? 5.087   -5.252  -2.060  1.00 85.71  ? 4   DT  A "C1'" 1 
ATOM   806 N  N1    . DT  D 4 4  ? 3.943   -4.309  -1.898  1.00 84.24  ? 4   DT  A N1    1 
ATOM   807 C  C2    . DT  D 4 4  ? 2.679   -4.711  -2.273  1.00 90.33  ? 4   DT  A C2    1 
ATOM   808 O  O2    . DT  D 4 4  ? 2.439   -5.809  -2.739  1.00 97.09  ? 4   DT  A O2    1 
ATOM   809 N  N3    . DT  D 4 4  ? 1.699   -3.773  -2.090  1.00 80.86  ? 4   DT  A N3    1 
ATOM   810 C  C4    . DT  D 4 4  ? 1.849   -2.502  -1.574  1.00 83.29  ? 4   DT  A C4    1 
ATOM   811 O  O4    . DT  D 4 4  ? 0.901   -1.729  -1.445  1.00 85.62  ? 4   DT  A O4    1 
ATOM   812 C  C5    . DT  D 4 4  ? 3.201   -2.146  -1.198  1.00 83.32  ? 4   DT  A C5    1 
ATOM   813 C  C7    . DT  D 4 4  ? 3.494   -0.791  -0.627  1.00 77.78  ? 4   DT  A C7    1 
ATOM   814 C  C6    . DT  D 4 4  ? 4.169   -3.058  -1.378  1.00 77.66  ? 4   DT  A C6    1 
ATOM   815 P  P     . DC  D 4 5  ? 7.295   -7.298  -4.879  1.00 114.25 ? 5   DC  A P     1 
ATOM   816 O  OP1   . DC  D 4 5  ? 7.827   -8.670  -5.056  1.00 80.41  ? 5   DC  A OP1   1 
ATOM   817 O  OP2   . DC  D 4 5  ? 7.943   -6.162  -5.578  1.00 107.46 ? 5   DC  A OP2   1 
ATOM   818 O  "O5'" . DC  D 4 5  ? 5.734   -7.314  -5.259  1.00 86.76  ? 5   DC  A "O5'" 1 
ATOM   819 C  "C5'" . DC  D 4 5  ? 5.010   -8.538  -5.211  1.00 76.06  ? 5   DC  A "C5'" 1 
ATOM   820 C  "C4'" . DC  D 4 5  ? 3.655   -8.413  -5.890  1.00 79.36  ? 5   DC  A "C4'" 1 
ATOM   821 O  "O4'" . DC  D 4 5  ? 2.943   -7.256  -5.383  1.00 89.03  ? 5   DC  A "O4'" 1 
ATOM   822 C  "C3'" . DC  D 4 5  ? 3.678   -8.250  -7.409  1.00 80.33  ? 5   DC  A "C3'" 1 
ATOM   823 O  "O3'" . DC  D 4 5  ? 2.642   -9.042  -7.956  1.00 68.90  ? 5   DC  A "O3'" 1 
ATOM   824 C  "C2'" . DC  D 4 5  ? 3.397   -6.753  -7.598  1.00 87.57  ? 5   DC  A "C2'" 1 
ATOM   825 C  "C1'" . DC  D 4 5  ? 2.413   -6.526  -6.469  1.00 89.07  ? 5   DC  A "C1'" 1 
ATOM   826 N  N1    . DC  D 4 5  ? 2.243   -5.101  -6.017  1.00 89.31  ? 5   DC  A N1    1 
ATOM   827 C  C2    . DC  D 4 5  ? 0.969   -4.521  -6.028  1.00 84.21  ? 5   DC  A C2    1 
ATOM   828 O  O2    . DC  D 4 5  ? 0.013   -5.171  -6.462  1.00 90.35  ? 5   DC  A O2    1 
ATOM   829 N  N3    . DC  D 4 5  ? 0.821   -3.253  -5.574  1.00 86.17  ? 5   DC  A N3    1 
ATOM   830 C  C4    . DC  D 4 5  ? 1.876   -2.580  -5.110  1.00 90.36  ? 5   DC  A C4    1 
ATOM   831 N  N4    . DC  D 4 5  ? 1.680   -1.330  -4.674  1.00 91.31  ? 5   DC  A N4    1 
ATOM   832 C  C5    . DC  D 4 5  ? 3.181   -3.158  -5.076  1.00 86.03  ? 5   DC  A C5    1 
ATOM   833 C  C6    . DC  D 4 5  ? 3.312   -4.413  -5.525  1.00 89.71  ? 5   DC  A C6    1 
ATOM   834 P  P     . DG  D 4 6  ? 2.794   -9.685  -9.417  1.00 91.53  ? 6   DG  A P     1 
ATOM   835 O  OP1   . DG  D 4 6  ? 2.653   -11.157 -9.342  1.00 61.64  ? 6   DG  A OP1   1 
ATOM   836 O  OP2   . DG  D 4 6  ? 3.995   -9.070  -10.025 1.00 99.03  ? 6   DG  A OP2   1 
ATOM   837 O  "O5'" . DG  D 4 6  ? 1.533   -9.126  -10.199 1.00 65.10  ? 6   DG  A "O5'" 1 
ATOM   838 C  "C5'" . DG  D 4 6  ? 0.622   -8.302  -9.538  1.00 76.54  ? 6   DG  A "C5'" 1 
ATOM   839 C  "C4'" . DG  D 4 6  ? -0.322  -7.687  -10.538 1.00 93.16  ? 6   DG  A "C4'" 1 
ATOM   840 O  "O4'" . DG  D 4 6  ? -0.900  -6.494  -9.966  1.00 100.76 ? 6   DG  A "O4'" 1 
ATOM   841 C  "C3'" . DG  D 4 6  ? 0.343   -7.275  -11.848 1.00 87.81  ? 6   DG  A "C3'" 1 
ATOM   842 O  "O3'" . DG  D 4 6  ? 0.025   -8.211  -12.855 1.00 73.00  ? 6   DG  A "O3'" 1 
ATOM   843 C  "C2'" . DG  D 4 6  ? -0.256  -5.911  -12.154 1.00 81.32  ? 6   DG  A "C2'" 1 
ATOM   844 C  "C1'" . DG  D 4 6  ? -0.617  -5.381  -10.775 1.00 73.17  ? 6   DG  A "C1'" 1 
ATOM   845 N  N9    . DG  D 4 6  ? 0.439   -4.605  -10.144 1.00 77.76  ? 6   DG  A N9    1 
ATOM   846 C  C8    . DG  D 4 6  ? 1.777   -4.904  -10.088 1.00 87.75  ? 6   DG  A C8    1 
ATOM   847 N  N7    . DG  D 4 6  ? 2.484   -4.012  -9.453  1.00 90.81  ? 6   DG  A N7    1 
ATOM   848 C  C5    . DG  D 4 6  ? 1.553   -3.066  -9.055  1.00 86.49  ? 6   DG  A C5    1 
ATOM   849 C  C6    . DG  D 4 6  ? 1.729   -1.872  -8.327  1.00 87.39  ? 6   DG  A C6    1 
ATOM   850 O  O6    . DG  D 4 6  ? 2.780   -1.395  -7.872  1.00 91.85  ? 6   DG  A O6    1 
ATOM   851 N  N1    . DG  D 4 6  ? 0.520   -1.207  -8.141  1.00 82.30  ? 6   DG  A N1    1 
ATOM   852 C  C2    . DG  D 4 6  ? -0.698  -1.646  -8.601  1.00 78.13  ? 6   DG  A C2    1 
ATOM   853 N  N2    . DG  D 4 6  ? -1.753  -0.869  -8.326  1.00 87.98  ? 6   DG  A N2    1 
ATOM   854 N  N3    . DG  D 4 6  ? -0.872  -2.761  -9.286  1.00 74.53  ? 6   DG  A N3    1 
ATOM   855 C  C4    . DG  D 4 6  ? 0.291   -3.418  -9.474  1.00 83.74  ? 6   DG  A C4    1 
HETATM 856 AS AS    . CAC E 5 .  ? -12.024 -12.740 21.384  1.00 185.99 ? 101 CAC C AS    1 
HETATM 857 MG MG    . MG  F 6 .  ? -5.345  -3.596  7.524   1.00 77.56  ? 101 MG  A MG    1 
HETATM 858 AS AS    . CAC G 5 .  ? -1.036  3.216   2.760   1.00 173.95 ? 102 CAC A AS    1 
HETATM 859 AS AS    . CAC H 5 .  ? 6.595   -7.262  2.963   1.00 176.84 ? 103 CAC A AS    1 
# 
loop_
_pdbx_poly_seq_scheme.asym_id 
_pdbx_poly_seq_scheme.entity_id 
_pdbx_poly_seq_scheme.seq_id 
_pdbx_poly_seq_scheme.mon_id 
_pdbx_poly_seq_scheme.ndb_seq_num 
_pdbx_poly_seq_scheme.pdb_seq_num 
_pdbx_poly_seq_scheme.auth_seq_num 
_pdbx_poly_seq_scheme.pdb_mon_id 
_pdbx_poly_seq_scheme.auth_mon_id 
_pdbx_poly_seq_scheme.pdb_strand_id 
_pdbx_poly_seq_scheme.pdb_ins_code 
_pdbx_poly_seq_scheme.hetero 
A 1 1  DG 1  7  7  DG DG B . n 
A 1 2  DA 2  8  8  DA DA B . n 
A 1 3  DG 3  9  9  DG DG B . n 
A 1 4  DC 4  10 10 DC DC B . n 
A 1 5  DA 5  11 11 DA DA B . n 
A 1 6  DG 6  12 12 DG DG B . n 
A 1 7  DA 7  13 13 DA DA B . n 
A 1 8  DC 8  14 14 DC DC B . n 
A 1 9  DC 9  15 15 DC DC B . n 
A 1 10 DC 10 16 16 DC DC B . n 
A 1 11 DG 11 17 17 DG DG B . n 
A 1 12 DA 12 18 18 DA DA B . n 
A 1 13 DC 13 19 19 DC DC B . n 
A 1 14 DG 14 20 20 DG DG B . n 
A 1 15 DG 15 21 21 DG DG B . n 
A 1 16 DG 16 22 22 DG DG B . n 
A 1 17 DA 17 23 23 DA DA B . n 
A 1 18 DC 18 24 24 DC DC B . n 
A 1 19 DT 19 25 25 DT DT B . n 
A 1 20 DC 20 26 26 DC DC B . n 
A 1 21 DA 21 27 27 DA DA B . n 
B 2 1  DT 1  28 28 DT DT C . n 
B 2 2  DC 2  29 29 DC DC C . n 
B 2 3  DT 3  30 30 DT DT C . n 
B 2 4  DG 4  31 31 DG DG C . n 
B 2 5  DA 5  32 32 DA DA C . n 
B 2 6  DG 6  33 33 DG DG C . n 
B 2 7  DT 7  34 34 DT DT C . n 
B 2 8  DC 8  35 35 DC DC C . n 
C 3 1  DG 1  36 36 DG DG D . n 
C 3 2  DG 2  37 37 DG DG D . n 
C 3 3  DT 3  38 38 DT DT D . n 
C 3 4  DC 4  39 39 DC DC D . n 
C 3 5  DT 5  40 40 DT DT D . n 
C 3 6  DG 6  41 41 DG DG D . n 
C 3 7  DC 7  42 42 DC DC D . n 
D 4 1  DC 1  1  1  DC DC A . n 
D 4 2  DC 2  2  2  DC DC A . n 
D 4 3  DG 3  3  3  DG DG A . n 
D 4 4  DT 4  4  4  DT DT A . n 
D 4 5  DC 5  5  5  DC DC A . n 
D 4 6  DG 6  6  6  DG DG A . n 
# 
loop_
_pdbx_nonpoly_scheme.asym_id 
_pdbx_nonpoly_scheme.entity_id 
_pdbx_nonpoly_scheme.mon_id 
_pdbx_nonpoly_scheme.ndb_seq_num 
_pdbx_nonpoly_scheme.pdb_seq_num 
_pdbx_nonpoly_scheme.auth_seq_num 
_pdbx_nonpoly_scheme.pdb_mon_id 
_pdbx_nonpoly_scheme.auth_mon_id 
_pdbx_nonpoly_scheme.pdb_strand_id 
_pdbx_nonpoly_scheme.pdb_ins_code 
E 5 CAC 1 101 3 CAC AS C . 
F 6 MG  1 101 1 MG  MG A . 
G 5 CAC 1 102 1 CAC AS A . 
H 5 CAC 1 103 2 CAC AS A . 
# 
_pdbx_struct_assembly.id                   1 
_pdbx_struct_assembly.details              author_and_software_defined_assembly 
_pdbx_struct_assembly.method_details       PISA 
_pdbx_struct_assembly.oligomeric_details   tetrameric 
_pdbx_struct_assembly.oligomeric_count     4 
# 
_pdbx_struct_assembly_gen.assembly_id       1 
_pdbx_struct_assembly_gen.oper_expression   1 
_pdbx_struct_assembly_gen.asym_id_list      A,B,C,D,E,F,G,H 
# 
loop_
_pdbx_struct_assembly_prop.biol_id 
_pdbx_struct_assembly_prop.type 
_pdbx_struct_assembly_prop.value 
_pdbx_struct_assembly_prop.details 
1 'ABSA (A^2)' 2630 ? 
1 MORE         -15  ? 
1 'SSA (A^2)'  7980 ? 
# 
_pdbx_struct_oper_list.id                   1 
_pdbx_struct_oper_list.type                 'identity operation' 
_pdbx_struct_oper_list.name                 1_555 
_pdbx_struct_oper_list.symmetry_operation   x,y,z 
_pdbx_struct_oper_list.matrix[1][1]         1.0000000000 
_pdbx_struct_oper_list.matrix[1][2]         0.0000000000 
_pdbx_struct_oper_list.matrix[1][3]         0.0000000000 
_pdbx_struct_oper_list.vector[1]            0.0000000000 
_pdbx_struct_oper_list.matrix[2][1]         0.0000000000 
_pdbx_struct_oper_list.matrix[2][2]         1.0000000000 
_pdbx_struct_oper_list.matrix[2][3]         0.0000000000 
_pdbx_struct_oper_list.vector[2]            0.0000000000 
_pdbx_struct_oper_list.matrix[3][1]         0.0000000000 
_pdbx_struct_oper_list.matrix[3][2]         0.0000000000 
_pdbx_struct_oper_list.matrix[3][3]         1.0000000000 
_pdbx_struct_oper_list.vector[3]            0.0000000000 
# 
loop_
_pdbx_audit_revision_history.ordinal 
_pdbx_audit_revision_history.data_content_type 
_pdbx_audit_revision_history.major_revision 
_pdbx_audit_revision_history.minor_revision 
_pdbx_audit_revision_history.revision_date 
1 'Structure model' 1 0 2021-07-14 
2 'Structure model' 1 1 2022-07-06 
3 'Structure model' 1 2 2023-10-18 
# 
_pdbx_audit_revision_details.ordinal             1 
_pdbx_audit_revision_details.revision_ordinal    1 
_pdbx_audit_revision_details.data_content_type   'Structure model' 
_pdbx_audit_revision_details.provider            repository 
_pdbx_audit_revision_details.type                'Initial release' 
_pdbx_audit_revision_details.description         ? 
_pdbx_audit_revision_details.details             ? 
# 
loop_
_pdbx_audit_revision_group.ordinal 
_pdbx_audit_revision_group.revision_ordinal 
_pdbx_audit_revision_group.data_content_type 
_pdbx_audit_revision_group.group 
1 2 'Structure model' 'Database references'    
2 3 'Structure model' 'Data collection'        
3 3 'Structure model' 'Refinement description' 
# 
loop_
_pdbx_audit_revision_category.ordinal 
_pdbx_audit_revision_category.revision_ordinal 
_pdbx_audit_revision_category.data_content_type 
_pdbx_audit_revision_category.category 
1 2 'Structure model' citation                      
2 2 'Structure model' citation_author               
3 2 'Structure model' database_2                    
4 3 'Structure model' chem_comp_atom                
5 3 'Structure model' chem_comp_bond                
6 3 'Structure model' pdbx_initial_refinement_model 
# 
loop_
_pdbx_audit_revision_item.ordinal 
_pdbx_audit_revision_item.revision_ordinal 
_pdbx_audit_revision_item.data_content_type 
_pdbx_audit_revision_item.item 
1  2 'Structure model' '_citation.country'                   
2  2 'Structure model' '_citation.journal_abbrev'            
3  2 'Structure model' '_citation.journal_id_CSD'            
4  2 'Structure model' '_citation.journal_id_ISSN'           
5  2 'Structure model' '_citation.journal_volume'            
6  2 'Structure model' '_citation.page_first'                
7  2 'Structure model' '_citation.page_last'                 
8  2 'Structure model' '_citation.pdbx_database_id_DOI'      
9  2 'Structure model' '_citation.pdbx_database_id_PubMed'   
10 2 'Structure model' '_citation.title'                     
11 2 'Structure model' '_citation.year'                      
12 2 'Structure model' '_database_2.pdbx_DOI'                
13 2 'Structure model' '_database_2.pdbx_database_accession' 
# 
loop_
_software.citation_id 
_software.classification 
_software.compiler_name 
_software.compiler_version 
_software.contact_author 
_software.contact_author_email 
_software.date 
_software.description 
_software.dependencies 
_software.hardware 
_software.language 
_software.location 
_software.mods 
_software.name 
_software.os 
_software.os_version 
_software.type 
_software.version 
_software.pdbx_ordinal 
? 'data reduction'  ? ? ? ? ? ? ? ? ? ? ? HKL-2000    ? ? ? .           1 
? 'data scaling'    ? ? ? ? ? ? ? ? ? ? ? HKL-2000    ? ? ? .           2 
? refinement        ? ? ? ? ? ? ? ? ? ? ? PHENIX      ? ? ? 1.11.1_2575 3 
? 'data extraction' ? ? ? ? ? ? ? ? ? ? ? PDB_EXTRACT ? ? ? 3.25        4 
? phasing           ? ? ? ? ? ? ? ? ? ? ? PHASER      ? ? ? .           5 
# 
_pdbx_entry_details.entry_id                 7JRZ 
_pdbx_entry_details.has_ligand_of_interest   N 
_pdbx_entry_details.compound_details         ? 
_pdbx_entry_details.source_details           ? 
_pdbx_entry_details.nonpolymer_details       ? 
_pdbx_entry_details.sequence_details         ? 
# 
_pdbx_validate_rmsd_angle.id                         1 
_pdbx_validate_rmsd_angle.PDB_model_num              1 
_pdbx_validate_rmsd_angle.auth_atom_id_1             "O4'" 
_pdbx_validate_rmsd_angle.auth_asym_id_1             B 
_pdbx_validate_rmsd_angle.auth_comp_id_1             DC 
_pdbx_validate_rmsd_angle.auth_seq_id_1              10 
_pdbx_validate_rmsd_angle.PDB_ins_code_1             ? 
_pdbx_validate_rmsd_angle.label_alt_id_1             ? 
_pdbx_validate_rmsd_angle.auth_atom_id_2             "C1'" 
_pdbx_validate_rmsd_angle.auth_asym_id_2             B 
_pdbx_validate_rmsd_angle.auth_comp_id_2             DC 
_pdbx_validate_rmsd_angle.auth_seq_id_2              10 
_pdbx_validate_rmsd_angle.PDB_ins_code_2             ? 
_pdbx_validate_rmsd_angle.label_alt_id_2             ? 
_pdbx_validate_rmsd_angle.auth_atom_id_3             N1 
_pdbx_validate_rmsd_angle.auth_asym_id_3             B 
_pdbx_validate_rmsd_angle.auth_comp_id_3             DC 
_pdbx_validate_rmsd_angle.auth_seq_id_3              10 
_pdbx_validate_rmsd_angle.PDB_ins_code_3             ? 
_pdbx_validate_rmsd_angle.label_alt_id_3             ? 
_pdbx_validate_rmsd_angle.angle_value                110.26 
_pdbx_validate_rmsd_angle.angle_target_value         108.30 
_pdbx_validate_rmsd_angle.angle_deviation            1.96 
_pdbx_validate_rmsd_angle.angle_standard_deviation   0.30 
_pdbx_validate_rmsd_angle.linker_flag                N 
# 
loop_
_pdbx_unobs_or_zero_occ_atoms.id 
_pdbx_unobs_or_zero_occ_atoms.PDB_model_num 
_pdbx_unobs_or_zero_occ_atoms.polymer_flag 
_pdbx_unobs_or_zero_occ_atoms.occupancy_flag 
_pdbx_unobs_or_zero_occ_atoms.auth_asym_id 
_pdbx_unobs_or_zero_occ_atoms.auth_comp_id 
_pdbx_unobs_or_zero_occ_atoms.auth_seq_id 
_pdbx_unobs_or_zero_occ_atoms.PDB_ins_code 
_pdbx_unobs_or_zero_occ_atoms.auth_atom_id 
_pdbx_unobs_or_zero_occ_atoms.label_alt_id 
_pdbx_unobs_or_zero_occ_atoms.label_asym_id 
_pdbx_unobs_or_zero_occ_atoms.label_comp_id 
_pdbx_unobs_or_zero_occ_atoms.label_seq_id 
_pdbx_unobs_or_zero_occ_atoms.label_atom_id 
1  1 N 1 C CAC 101 ? O1 ? E CAC 1 O1 
2  1 N 1 C CAC 101 ? O2 ? E CAC 1 O2 
3  1 N 1 C CAC 101 ? C1 ? E CAC 1 C1 
4  1 N 1 C CAC 101 ? C2 ? E CAC 1 C2 
5  1 N 1 A CAC 102 ? O1 ? G CAC 1 O1 
6  1 N 1 A CAC 102 ? O2 ? G CAC 1 O2 
7  1 N 1 A CAC 102 ? C1 ? G CAC 1 C1 
8  1 N 1 A CAC 102 ? C2 ? G CAC 1 C2 
9  1 N 1 A CAC 103 ? O1 ? H CAC 1 O1 
10 1 N 1 A CAC 103 ? O2 ? H CAC 1 O2 
11 1 N 1 A CAC 103 ? C1 ? H CAC 1 C1 
12 1 N 1 A CAC 103 ? C2 ? H CAC 1 C2 
# 
loop_
_chem_comp_atom.comp_id 
_chem_comp_atom.atom_id 
_chem_comp_atom.type_symbol 
_chem_comp_atom.pdbx_aromatic_flag 
_chem_comp_atom.pdbx_stereo_config 
_chem_comp_atom.pdbx_ordinal 
CAC AS     AS N N 1   
CAC O1     O  N N 2   
CAC O2     O  N N 3   
CAC C1     C  N N 4   
CAC C2     C  N N 5   
CAC H11    H  N N 6   
CAC H12    H  N N 7   
CAC H13    H  N N 8   
CAC H21    H  N N 9   
CAC H22    H  N N 10  
CAC H23    H  N N 11  
DA  OP3    O  N N 12  
DA  P      P  N N 13  
DA  OP1    O  N N 14  
DA  OP2    O  N N 15  
DA  "O5'"  O  N N 16  
DA  "C5'"  C  N N 17  
DA  "C4'"  C  N R 18  
DA  "O4'"  O  N N 19  
DA  "C3'"  C  N S 20  
DA  "O3'"  O  N N 21  
DA  "C2'"  C  N N 22  
DA  "C1'"  C  N R 23  
DA  N9     N  Y N 24  
DA  C8     C  Y N 25  
DA  N7     N  Y N 26  
DA  C5     C  Y N 27  
DA  C6     C  Y N 28  
DA  N6     N  N N 29  
DA  N1     N  Y N 30  
DA  C2     C  Y N 31  
DA  N3     N  Y N 32  
DA  C4     C  Y N 33  
DA  HOP3   H  N N 34  
DA  HOP2   H  N N 35  
DA  "H5'"  H  N N 36  
DA  "H5''" H  N N 37  
DA  "H4'"  H  N N 38  
DA  "H3'"  H  N N 39  
DA  "HO3'" H  N N 40  
DA  "H2'"  H  N N 41  
DA  "H2''" H  N N 42  
DA  "H1'"  H  N N 43  
DA  H8     H  N N 44  
DA  H61    H  N N 45  
DA  H62    H  N N 46  
DA  H2     H  N N 47  
DC  OP3    O  N N 48  
DC  P      P  N N 49  
DC  OP1    O  N N 50  
DC  OP2    O  N N 51  
DC  "O5'"  O  N N 52  
DC  "C5'"  C  N N 53  
DC  "C4'"  C  N R 54  
DC  "O4'"  O  N N 55  
DC  "C3'"  C  N S 56  
DC  "O3'"  O  N N 57  
DC  "C2'"  C  N N 58  
DC  "C1'"  C  N R 59  
DC  N1     N  N N 60  
DC  C2     C  N N 61  
DC  O2     O  N N 62  
DC  N3     N  N N 63  
DC  C4     C  N N 64  
DC  N4     N  N N 65  
DC  C5     C  N N 66  
DC  C6     C  N N 67  
DC  HOP3   H  N N 68  
DC  HOP2   H  N N 69  
DC  "H5'"  H  N N 70  
DC  "H5''" H  N N 71  
DC  "H4'"  H  N N 72  
DC  "H3'"  H  N N 73  
DC  "HO3'" H  N N 74  
DC  "H2'"  H  N N 75  
DC  "H2''" H  N N 76  
DC  "H1'"  H  N N 77  
DC  H41    H  N N 78  
DC  H42    H  N N 79  
DC  H5     H  N N 80  
DC  H6     H  N N 81  
DG  OP3    O  N N 82  
DG  P      P  N N 83  
DG  OP1    O  N N 84  
DG  OP2    O  N N 85  
DG  "O5'"  O  N N 86  
DG  "C5'"  C  N N 87  
DG  "C4'"  C  N R 88  
DG  "O4'"  O  N N 89  
DG  "C3'"  C  N S 90  
DG  "O3'"  O  N N 91  
DG  "C2'"  C  N N 92  
DG  "C1'"  C  N R 93  
DG  N9     N  Y N 94  
DG  C8     C  Y N 95  
DG  N7     N  Y N 96  
DG  C5     C  Y N 97  
DG  C6     C  N N 98  
DG  O6     O  N N 99  
DG  N1     N  N N 100 
DG  C2     C  N N 101 
DG  N2     N  N N 102 
DG  N3     N  N N 103 
DG  C4     C  Y N 104 
DG  HOP3   H  N N 105 
DG  HOP2   H  N N 106 
DG  "H5'"  H  N N 107 
DG  "H5''" H  N N 108 
DG  "H4'"  H  N N 109 
DG  "H3'"  H  N N 110 
DG  "HO3'" H  N N 111 
DG  "H2'"  H  N N 112 
DG  "H2''" H  N N 113 
DG  "H1'"  H  N N 114 
DG  H8     H  N N 115 
DG  H1     H  N N 116 
DG  H21    H  N N 117 
DG  H22    H  N N 118 
DT  OP3    O  N N 119 
DT  P      P  N N 120 
DT  OP1    O  N N 121 
DT  OP2    O  N N 122 
DT  "O5'"  O  N N 123 
DT  "C5'"  C  N N 124 
DT  "C4'"  C  N R 125 
DT  "O4'"  O  N N 126 
DT  "C3'"  C  N S 127 
DT  "O3'"  O  N N 128 
DT  "C2'"  C  N N 129 
DT  "C1'"  C  N R 130 
DT  N1     N  N N 131 
DT  C2     C  N N 132 
DT  O2     O  N N 133 
DT  N3     N  N N 134 
DT  C4     C  N N 135 
DT  O4     O  N N 136 
DT  C5     C  N N 137 
DT  C7     C  N N 138 
DT  C6     C  N N 139 
DT  HOP3   H  N N 140 
DT  HOP2   H  N N 141 
DT  "H5'"  H  N N 142 
DT  "H5''" H  N N 143 
DT  "H4'"  H  N N 144 
DT  "H3'"  H  N N 145 
DT  "HO3'" H  N N 146 
DT  "H2'"  H  N N 147 
DT  "H2''" H  N N 148 
DT  "H1'"  H  N N 149 
DT  H3     H  N N 150 
DT  H71    H  N N 151 
DT  H72    H  N N 152 
DT  H73    H  N N 153 
DT  H6     H  N N 154 
MG  MG     MG N N 155 
# 
loop_
_chem_comp_bond.comp_id 
_chem_comp_bond.atom_id_1 
_chem_comp_bond.atom_id_2 
_chem_comp_bond.value_order 
_chem_comp_bond.pdbx_aromatic_flag 
_chem_comp_bond.pdbx_stereo_config 
_chem_comp_bond.pdbx_ordinal 
CAC AS    O1     doub N N 1   
CAC AS    O2     sing N N 2   
CAC AS    C1     sing N N 3   
CAC AS    C2     sing N N 4   
CAC C1    H11    sing N N 5   
CAC C1    H12    sing N N 6   
CAC C1    H13    sing N N 7   
CAC C2    H21    sing N N 8   
CAC C2    H22    sing N N 9   
CAC C2    H23    sing N N 10  
DA  OP3   P      sing N N 11  
DA  OP3   HOP3   sing N N 12  
DA  P     OP1    doub N N 13  
DA  P     OP2    sing N N 14  
DA  P     "O5'"  sing N N 15  
DA  OP2   HOP2   sing N N 16  
DA  "O5'" "C5'"  sing N N 17  
DA  "C5'" "C4'"  sing N N 18  
DA  "C5'" "H5'"  sing N N 19  
DA  "C5'" "H5''" sing N N 20  
DA  "C4'" "O4'"  sing N N 21  
DA  "C4'" "C3'"  sing N N 22  
DA  "C4'" "H4'"  sing N N 23  
DA  "O4'" "C1'"  sing N N 24  
DA  "C3'" "O3'"  sing N N 25  
DA  "C3'" "C2'"  sing N N 26  
DA  "C3'" "H3'"  sing N N 27  
DA  "O3'" "HO3'" sing N N 28  
DA  "C2'" "C1'"  sing N N 29  
DA  "C2'" "H2'"  sing N N 30  
DA  "C2'" "H2''" sing N N 31  
DA  "C1'" N9     sing N N 32  
DA  "C1'" "H1'"  sing N N 33  
DA  N9    C8     sing Y N 34  
DA  N9    C4     sing Y N 35  
DA  C8    N7     doub Y N 36  
DA  C8    H8     sing N N 37  
DA  N7    C5     sing Y N 38  
DA  C5    C6     sing Y N 39  
DA  C5    C4     doub Y N 40  
DA  C6    N6     sing N N 41  
DA  C6    N1     doub Y N 42  
DA  N6    H61    sing N N 43  
DA  N6    H62    sing N N 44  
DA  N1    C2     sing Y N 45  
DA  C2    N3     doub Y N 46  
DA  C2    H2     sing N N 47  
DA  N3    C4     sing Y N 48  
DC  OP3   P      sing N N 49  
DC  OP3   HOP3   sing N N 50  
DC  P     OP1    doub N N 51  
DC  P     OP2    sing N N 52  
DC  P     "O5'"  sing N N 53  
DC  OP2   HOP2   sing N N 54  
DC  "O5'" "C5'"  sing N N 55  
DC  "C5'" "C4'"  sing N N 56  
DC  "C5'" "H5'"  sing N N 57  
DC  "C5'" "H5''" sing N N 58  
DC  "C4'" "O4'"  sing N N 59  
DC  "C4'" "C3'"  sing N N 60  
DC  "C4'" "H4'"  sing N N 61  
DC  "O4'" "C1'"  sing N N 62  
DC  "C3'" "O3'"  sing N N 63  
DC  "C3'" "C2'"  sing N N 64  
DC  "C3'" "H3'"  sing N N 65  
DC  "O3'" "HO3'" sing N N 66  
DC  "C2'" "C1'"  sing N N 67  
DC  "C2'" "H2'"  sing N N 68  
DC  "C2'" "H2''" sing N N 69  
DC  "C1'" N1     sing N N 70  
DC  "C1'" "H1'"  sing N N 71  
DC  N1    C2     sing N N 72  
DC  N1    C6     sing N N 73  
DC  C2    O2     doub N N 74  
DC  C2    N3     sing N N 75  
DC  N3    C4     doub N N 76  
DC  C4    N4     sing N N 77  
DC  C4    C5     sing N N 78  
DC  N4    H41    sing N N 79  
DC  N4    H42    sing N N 80  
DC  C5    C6     doub N N 81  
DC  C5    H5     sing N N 82  
DC  C6    H6     sing N N 83  
DG  OP3   P      sing N N 84  
DG  OP3   HOP3   sing N N 85  
DG  P     OP1    doub N N 86  
DG  P     OP2    sing N N 87  
DG  P     "O5'"  sing N N 88  
DG  OP2   HOP2   sing N N 89  
DG  "O5'" "C5'"  sing N N 90  
DG  "C5'" "C4'"  sing N N 91  
DG  "C5'" "H5'"  sing N N 92  
DG  "C5'" "H5''" sing N N 93  
DG  "C4'" "O4'"  sing N N 94  
DG  "C4'" "C3'"  sing N N 95  
DG  "C4'" "H4'"  sing N N 96  
DG  "O4'" "C1'"  sing N N 97  
DG  "C3'" "O3'"  sing N N 98  
DG  "C3'" "C2'"  sing N N 99  
DG  "C3'" "H3'"  sing N N 100 
DG  "O3'" "HO3'" sing N N 101 
DG  "C2'" "C1'"  sing N N 102 
DG  "C2'" "H2'"  sing N N 103 
DG  "C2'" "H2''" sing N N 104 
DG  "C1'" N9     sing N N 105 
DG  "C1'" "H1'"  sing N N 106 
DG  N9    C8     sing Y N 107 
DG  N9    C4     sing Y N 108 
DG  C8    N7     doub Y N 109 
DG  C8    H8     sing N N 110 
DG  N7    C5     sing Y N 111 
DG  C5    C6     sing N N 112 
DG  C5    C4     doub Y N 113 
DG  C6    O6     doub N N 114 
DG  C6    N1     sing N N 115 
DG  N1    C2     sing N N 116 
DG  N1    H1     sing N N 117 
DG  C2    N2     sing N N 118 
DG  C2    N3     doub N N 119 
DG  N2    H21    sing N N 120 
DG  N2    H22    sing N N 121 
DG  N3    C4     sing N N 122 
DT  OP3   P      sing N N 123 
DT  OP3   HOP3   sing N N 124 
DT  P     OP1    doub N N 125 
DT  P     OP2    sing N N 126 
DT  P     "O5'"  sing N N 127 
DT  OP2   HOP2   sing N N 128 
DT  "O5'" "C5'"  sing N N 129 
DT  "C5'" "C4'"  sing N N 130 
DT  "C5'" "H5'"  sing N N 131 
DT  "C5'" "H5''" sing N N 132 
DT  "C4'" "O4'"  sing N N 133 
DT  "C4'" "C3'"  sing N N 134 
DT  "C4'" "H4'"  sing N N 135 
DT  "O4'" "C1'"  sing N N 136 
DT  "C3'" "O3'"  sing N N 137 
DT  "C3'" "C2'"  sing N N 138 
DT  "C3'" "H3'"  sing N N 139 
DT  "O3'" "HO3'" sing N N 140 
DT  "C2'" "C1'"  sing N N 141 
DT  "C2'" "H2'"  sing N N 142 
DT  "C2'" "H2''" sing N N 143 
DT  "C1'" N1     sing N N 144 
DT  "C1'" "H1'"  sing N N 145 
DT  N1    C2     sing N N 146 
DT  N1    C6     sing N N 147 
DT  C2    O2     doub N N 148 
DT  C2    N3     sing N N 149 
DT  N3    C4     sing N N 150 
DT  N3    H3     sing N N 151 
DT  C4    O4     doub N N 152 
DT  C4    C5     sing N N 153 
DT  C5    C7     sing N N 154 
DT  C5    C6     doub N N 155 
DT  C7    H71    sing N N 156 
DT  C7    H72    sing N N 157 
DT  C7    H73    sing N N 158 
DT  C6    H6     sing N N 159 
# 
loop_
_ndb_struct_conf_na.entry_id 
_ndb_struct_conf_na.feature 
7JRZ 'double helix'        
7JRZ 'a-form double helix' 
7JRZ 'b-form double helix' 
# 
loop_
_ndb_struct_na_base_pair.model_number 
_ndb_struct_na_base_pair.i_label_asym_id 
_ndb_struct_na_base_pair.i_label_comp_id 
_ndb_struct_na_base_pair.i_label_seq_id 
_ndb_struct_na_base_pair.i_symmetry 
_ndb_struct_na_base_pair.j_label_asym_id 
_ndb_struct_na_base_pair.j_label_comp_id 
_ndb_struct_na_base_pair.j_label_seq_id 
_ndb_struct_na_base_pair.j_symmetry 
_ndb_struct_na_base_pair.shear 
_ndb_struct_na_base_pair.stretch 
_ndb_struct_na_base_pair.stagger 
_ndb_struct_na_base_pair.buckle 
_ndb_struct_na_base_pair.propeller 
_ndb_struct_na_base_pair.opening 
_ndb_struct_na_base_pair.pair_number 
_ndb_struct_na_base_pair.pair_name 
_ndb_struct_na_base_pair.i_auth_asym_id 
_ndb_struct_na_base_pair.i_auth_seq_id 
_ndb_struct_na_base_pair.i_PDB_ins_code 
_ndb_struct_na_base_pair.j_auth_asym_id 
_ndb_struct_na_base_pair.j_auth_seq_id 
_ndb_struct_na_base_pair.j_PDB_ins_code 
_ndb_struct_na_base_pair.hbond_type_28 
_ndb_struct_na_base_pair.hbond_type_12 
1 A DG 3  1_555 C DC 7 1_555 -0.183 -0.600 0.150  4.621  2.471   1.591   1  B_DG9:DC42_D  B 9  ? D 42 ? 19 1 
1 A DC 4  1_555 C DG 6 1_555 -0.313 -0.524 0.006  7.836  -5.724  -6.066  2  B_DC10:DG41_D B 10 ? D 41 ? 19 1 
1 A DA 5  1_555 C DT 5 1_555 0.601  0.760  0.309  2.315  -16.305 10.644  3  B_DA11:DT40_D B 11 ? D 40 ? ?  ? 
1 A DG 6  1_555 C DC 4 1_555 2.275  0.530  0.329  0.958  -16.199 -0.119  4  B_DG12:DC39_D B 12 ? D 39 ? ?  ? 
1 A DA 7  1_555 C DT 3 1_555 0.974  -0.202 -0.193 -2.781 -14.969 -15.570 5  B_DA13:DT38_D B 13 ? D 38 ? 20 1 
1 A DC 8  1_555 C DG 2 1_555 0.320  -0.433 0.208  -3.698 -11.078 -17.009 6  B_DC14:DG37_D B 14 ? D 37 ? 19 1 
1 A DC 9  1_555 C DG 1 1_555 -0.348 -0.621 0.533  -3.502 -8.587  -2.803  7  B_DC15:DG36_D B 15 ? D 36 ? 19 1 
1 A DC 10 1_555 D DG 6 1_555 -0.643 0.496  1.029  -3.633 -0.379  22.546  8  B_DC16:DG6_A  B 16 ? A 6  ? ?  1 
1 A DG 11 1_555 D DC 5 1_555 0.344  0.255  1.265  9.052  -0.099  3.260   9  B_DG17:DC5_A  B 17 ? A 5  ? 19 1 
1 A DA 12 1_555 D DT 4 1_555 1.054  0.052  1.176  7.925  -0.507  -14.200 10 B_DA18:DT4_A  B 18 ? A 4  ? 20 1 
1 A DC 13 1_555 D DG 3 1_555 -0.398 -0.296 0.663  5.589  -1.753  -11.444 11 B_DC19:DG3_A  B 19 ? A 3  ? 19 1 
1 A DG 14 1_555 D DC 2 1_555 0.819  -0.154 0.441  5.794  -5.031  -11.411 12 B_DG20:DC2_A  B 20 ? A 2  ? 19 1 
1 A DG 15 1_555 D DC 1 1_555 -0.020 -0.457 0.083  1.555  -0.771  -5.640  13 B_DG21:DC1_A  B 21 ? A 1  ? 19 1 
1 A DG 16 1_555 B DC 8 1_555 0.408  -0.372 0.227  -5.944 -1.510  -2.494  14 B_DG22:DC35_C B 22 ? C 35 ? 19 1 
1 A DA 17 1_555 B DT 7 1_555 1.422  0.381  0.351  3.288  -4.930  -1.761  15 B_DA23:DT34_C B 23 ? C 34 ? 20 1 
1 A DC 18 1_555 B DG 6 1_555 0.492  -0.555 0.254  0.384  -5.922  -11.634 16 B_DC24:DG33_C B 24 ? C 33 ? 19 1 
1 A DT 19 1_555 B DA 5 1_555 -1.062 -0.243 0.258  -4.985 -3.763  -5.776  17 B_DT25:DA32_C B 25 ? C 32 ? 20 1 
1 A DC 20 1_555 B DG 4 1_555 -0.404 0.394  0.816  -4.880 -0.715  4.165   18 B_DC26:DG31_C B 26 ? C 31 ? 19 1 
# 
loop_
_ndb_struct_na_base_pair_step.model_number 
_ndb_struct_na_base_pair_step.i_label_asym_id_1 
_ndb_struct_na_base_pair_step.i_label_comp_id_1 
_ndb_struct_na_base_pair_step.i_label_seq_id_1 
_ndb_struct_na_base_pair_step.i_symmetry_1 
_ndb_struct_na_base_pair_step.j_label_asym_id_1 
_ndb_struct_na_base_pair_step.j_label_comp_id_1 
_ndb_struct_na_base_pair_step.j_label_seq_id_1 
_ndb_struct_na_base_pair_step.j_symmetry_1 
_ndb_struct_na_base_pair_step.i_label_asym_id_2 
_ndb_struct_na_base_pair_step.i_label_comp_id_2 
_ndb_struct_na_base_pair_step.i_label_seq_id_2 
_ndb_struct_na_base_pair_step.i_symmetry_2 
_ndb_struct_na_base_pair_step.j_label_asym_id_2 
_ndb_struct_na_base_pair_step.j_label_comp_id_2 
_ndb_struct_na_base_pair_step.j_label_seq_id_2 
_ndb_struct_na_base_pair_step.j_symmetry_2 
_ndb_struct_na_base_pair_step.shift 
_ndb_struct_na_base_pair_step.slide 
_ndb_struct_na_base_pair_step.rise 
_ndb_struct_na_base_pair_step.tilt 
_ndb_struct_na_base_pair_step.roll 
_ndb_struct_na_base_pair_step.twist 
_ndb_struct_na_base_pair_step.x_displacement 
_ndb_struct_na_base_pair_step.y_displacement 
_ndb_struct_na_base_pair_step.helical_rise 
_ndb_struct_na_base_pair_step.inclination 
_ndb_struct_na_base_pair_step.tip 
_ndb_struct_na_base_pair_step.helical_twist 
_ndb_struct_na_base_pair_step.step_number 
_ndb_struct_na_base_pair_step.step_name 
_ndb_struct_na_base_pair_step.i_auth_asym_id_1 
_ndb_struct_na_base_pair_step.i_auth_seq_id_1 
_ndb_struct_na_base_pair_step.i_PDB_ins_code_1 
_ndb_struct_na_base_pair_step.j_auth_asym_id_1 
_ndb_struct_na_base_pair_step.j_auth_seq_id_1 
_ndb_struct_na_base_pair_step.j_PDB_ins_code_1 
_ndb_struct_na_base_pair_step.i_auth_asym_id_2 
_ndb_struct_na_base_pair_step.i_auth_seq_id_2 
_ndb_struct_na_base_pair_step.i_PDB_ins_code_2 
_ndb_struct_na_base_pair_step.j_auth_asym_id_2 
_ndb_struct_na_base_pair_step.j_auth_seq_id_2 
_ndb_struct_na_base_pair_step.j_PDB_ins_code_2 
1 A DG 3  1_555 C DC 7 1_555 A DC 4  1_555 C DG 6 1_555 -0.289 -0.216 3.291 2.245  5.771  28.476 -1.686 1.064  3.156 11.559  
-4.498 29.128 1  BB_DG9DC10:DG41DC42_DD  B 9  ? D 42 ? B 10 ? D 41 ? 
1 A DC 4  1_555 C DG 6 1_555 A DA 5  1_555 C DT 5 1_555 0.434  2.156  3.722 -4.257 2.384  49.607 2.360  -0.872 3.769 2.833   5.060 
49.831 2  BB_DC10DA11:DT40DG41_DD B 10 ? D 41 ? B 11 ? D 40 ? 
1 A DA 5  1_555 C DT 5 1_555 A DG 6  1_555 C DC 4 1_555 -0.895 0.638  3.496 -0.447 2.678  43.371 0.583  1.163  3.536 3.620   0.604 
43.452 3  BB_DA11DG12:DC39DT40_DD B 11 ? D 40 ? B 12 ? D 39 ? 
1 A DG 6  1_555 C DC 4 1_555 A DA 7  1_555 C DT 3 1_555 -0.915 -0.758 3.262 -2.579 -1.158 27.923 -1.287 1.271  3.359 -2.392  5.327 
28.063 4  BB_DG12DA13:DT38DC39_DD B 12 ? D 39 ? B 13 ? D 38 ? 
1 A DA 7  1_555 C DT 3 1_555 A DC 8  1_555 C DG 2 1_555 0.276  -1.065 3.190 -2.913 -0.297 31.200 -1.917 -1.045 3.162 -0.550  5.401 
31.334 5  BB_DA13DC14:DG37DT38_DD B 13 ? D 38 ? B 14 ? D 37 ? 
1 A DC 8  1_555 C DG 2 1_555 A DC 9  1_555 C DG 1 1_555 0.276  -1.633 3.139 -3.602 2.097  33.825 -3.100 -1.009 2.991 3.588   6.162 
34.073 6  BB_DC14DC15:DG36DG37_DD B 14 ? D 37 ? B 15 ? D 36 ? 
1 A DC 9  1_555 C DG 1 1_555 A DC 10 1_555 D DG 6 1_555 0.231  -1.142 3.406 -2.983 -3.916 23.633 -1.399 -1.569 3.491 -9.431  7.183 
24.133 7  BB_DC15DC16:DG6DG36_AD  B 15 ? D 36 ? B 16 ? A 6  ? 
1 A DC 10 1_555 D DG 6 1_555 A DG 11 1_555 D DC 5 1_555 -0.917 1.003  2.973 -2.392 5.372  43.744 0.865  1.011  3.112 7.171   3.193 
44.119 8  BB_DC16DG17:DC5DG6_AA   B 16 ? A 6  ? B 17 ? A 5  ? 
1 A DG 11 1_555 D DC 5 1_555 A DA 12 1_555 D DT 4 1_555 -0.555 -0.708 3.287 0.540  2.701  36.011 -1.522 0.972  3.218 4.360   
-0.872 36.113 9  BB_DG17DA18:DT4DC5_AA   B 17 ? A 5  ? B 18 ? A 4  ? 
1 A DA 12 1_555 D DT 4 1_555 A DC 13 1_555 D DG 3 1_555 0.325  -1.513 3.332 0.614  3.093  29.032 -3.670 -0.512 3.163 6.147   
-1.219 29.199 10 BB_DA18DC19:DG3DT4_AA   B 18 ? A 4  ? B 19 ? A 3  ? 
1 A DC 13 1_555 D DG 3 1_555 A DG 14 1_555 D DC 2 1_555 -0.422 -0.332 3.335 -0.979 4.416  39.770 -0.999 0.502  3.290 6.466   1.434 
40.016 11 BB_DC19DG20:DC2DG3_AA   B 19 ? A 3  ? B 20 ? A 2  ? 
1 A DG 14 1_555 D DC 2 1_555 A DG 15 1_555 D DC 1 1_555 -0.006 -0.893 3.383 -3.066 3.105  34.880 -1.953 -0.458 3.282 5.154   5.090 
35.144 12 BB_DG20DG21:DC1DC2_AA   B 20 ? A 2  ? B 21 ? A 1  ? 
1 A DG 15 1_555 D DC 1 1_555 A DG 16 1_555 B DC 8 1_555 -1.165 -1.614 3.578 -3.032 -6.026 26.917 -1.669 1.576  3.944 -12.694 6.387 
27.734 13 BB_DG21DG22:DC35DC1_CA  B 21 ? A 1  ? B 22 ? C 35 ? 
1 A DG 16 1_555 B DC 8 1_555 A DA 17 1_555 B DT 7 1_555 -0.550 -0.128 3.211 0.326  4.674  36.903 -0.810 0.905  3.167 7.347   
-0.512 37.189 14 BB_DG22DA23:DT34DC35_CC B 22 ? C 35 ? B 23 ? C 34 ? 
1 A DA 17 1_555 B DT 7 1_555 A DC 18 1_555 B DG 6 1_555 -0.056 -1.202 3.291 -0.614 4.229  27.050 -3.564 -0.030 3.071 8.969   1.302 
27.379 15 BB_DA23DC24:DG33DT34_CC B 23 ? C 34 ? B 24 ? C 33 ? 
1 A DC 18 1_555 B DG 6 1_555 A DT 19 1_555 B DA 5 1_555 0.167  -1.244 3.420 4.285  2.879  25.823 -3.525 0.817  3.249 6.360   
-9.467 26.325 16 BB_DC24DT25:DA32DG33_CC B 24 ? C 33 ? B 25 ? C 32 ? 
1 A DT 19 1_555 B DA 5 1_555 A DC 20 1_555 B DG 4 1_555 1.256  -0.352 3.478 -0.252 1.339  38.353 -0.713 -1.944 3.456 2.037   0.384 
38.376 17 BB_DT25DC26:DG31DA32_CC B 25 ? C 32 ? B 26 ? C 31 ? 
# 
loop_
_pdbx_audit_support.funding_organization 
_pdbx_audit_support.country 
_pdbx_audit_support.grant_number 
_pdbx_audit_support.ordinal 
'National Science Foundation (NSF, United States)'                                         'United States' 1360635     1 
'National Institutes of Health/National Institute of General Medical Sciences (NIH/NIGMS)' 'United States' R01GM104960 2 
'National Science Foundation (NSF, United States)'                                         'United States' NSF2004250  3 
# 
loop_
_pdbx_entity_nonpoly.entity_id 
_pdbx_entity_nonpoly.name 
_pdbx_entity_nonpoly.comp_id 
5 'CACODYLATE ION' CAC 
6 'MAGNESIUM ION'  MG  
# 
_pdbx_initial_refinement_model.id               1 
_pdbx_initial_refinement_model.entity_id_list   ? 
_pdbx_initial_refinement_model.type             'experimental model' 
_pdbx_initial_refinement_model.source_name      PDB 
_pdbx_initial_refinement_model.accession_code   5VY6 
_pdbx_initial_refinement_model.details          ? 
# 
_pdbx_struct_assembly_auth_evidence.id                     1 
_pdbx_struct_assembly_auth_evidence.assembly_id            1 
_pdbx_struct_assembly_auth_evidence.experimental_support   none 
_pdbx_struct_assembly_auth_evidence.details                ? 
# 
